data_1POU
#
_entry.id   1POU
#
_cell.length_a   1.000
_cell.length_b   1.000
_cell.length_c   1.000
_cell.angle_alpha   90.00
_cell.angle_beta   90.00
_cell.angle_gamma   90.00
#
_symmetry.space_group_name_H-M   'P 1'
#
_entity_poly.entity_id   1
_entity_poly.type   'polypeptide(L)'
_entity_poly.pdbx_seq_one_letter_code
;DLEELEQFAKTFKQRRIKLGFTQGDVGLAMGKLYGNDFSQTTISRFEALNLSFKNMCKLKPLLEKWLNDAE
;
_entity_poly.pdbx_strand_id   A
#
# COMPACT_ATOMS: atom_id res chain seq x y z
N ASP A 1 1.39 0.10 15.33
CA ASP A 1 0.47 -0.90 15.84
C ASP A 1 -0.69 -1.12 14.86
N LEU A 2 -1.32 -2.30 14.95
CA LEU A 2 -2.50 -2.69 14.20
C LEU A 2 -3.51 -1.53 14.09
N GLU A 3 -3.80 -0.88 15.22
CA GLU A 3 -4.76 0.22 15.27
C GLU A 3 -4.42 1.34 14.26
N GLU A 4 -3.15 1.63 14.03
CA GLU A 4 -2.74 2.58 13.01
C GLU A 4 -2.79 1.91 11.64
N LEU A 5 -2.17 0.72 11.54
CA LEU A 5 -2.04 0.00 10.28
C LEU A 5 -3.40 -0.16 9.58
N GLU A 6 -4.44 -0.60 10.28
CA GLU A 6 -5.75 -0.84 9.67
C GLU A 6 -6.28 0.42 8.98
N GLN A 7 -6.50 1.47 9.77
CA GLN A 7 -7.03 2.72 9.27
C GLN A 7 -6.12 3.30 8.18
N PHE A 8 -4.81 3.28 8.40
CA PHE A 8 -3.83 3.74 7.43
C PHE A 8 -4.02 3.00 6.10
N ALA A 9 -4.04 1.67 6.14
CA ALA A 9 -4.19 0.81 4.97
C ALA A 9 -5.50 1.13 4.24
N LYS A 10 -6.60 1.11 4.99
CA LYS A 10 -7.92 1.47 4.48
C LYS A 10 -7.87 2.82 3.77
N THR A 11 -7.27 3.82 4.43
CA THR A 11 -7.15 5.16 3.88
C THR A 11 -6.31 5.16 2.60
N PHE A 12 -5.18 4.45 2.61
CA PHE A 12 -4.34 4.28 1.44
C PHE A 12 -5.16 3.71 0.28
N LYS A 13 -5.97 2.68 0.56
CA LYS A 13 -6.89 2.14 -0.44
C LYS A 13 -7.86 3.22 -0.94
N GLN A 14 -8.47 4.03 -0.06
CA GLN A 14 -9.37 5.07 -0.52
C GLN A 14 -8.65 6.04 -1.45
N ARG A 15 -7.45 6.49 -1.06
CA ARG A 15 -6.65 7.38 -1.89
C ARG A 15 -6.34 6.71 -3.23
N ARG A 16 -5.92 5.45 -3.22
CA ARG A 16 -5.67 4.67 -4.42
C ARG A 16 -6.89 4.65 -5.34
N ILE A 17 -8.08 4.38 -4.77
CA ILE A 17 -9.33 4.43 -5.50
C ILE A 17 -9.55 5.83 -6.07
N LYS A 18 -9.35 6.88 -5.27
CA LYS A 18 -9.50 8.27 -5.72
C LYS A 18 -8.58 8.56 -6.92
N LEU A 19 -7.34 8.09 -6.86
CA LEU A 19 -6.40 8.19 -8.00
C LEU A 19 -6.85 7.34 -9.19
N GLY A 20 -7.77 6.39 -8.99
CA GLY A 20 -8.17 5.42 -10.00
C GLY A 20 -7.03 4.43 -10.27
N PHE A 21 -6.24 4.12 -9.25
CA PHE A 21 -5.06 3.28 -9.41
C PHE A 21 -5.44 1.83 -9.16
N THR A 22 -6.04 1.25 -10.20
CA THR A 22 -6.65 -0.07 -10.22
C THR A 22 -5.72 -1.02 -10.99
N GLN A 23 -6.18 -2.28 -11.14
CA GLN A 23 -5.49 -3.40 -11.75
C GLN A 23 -4.18 -3.69 -10.99
N GLY A 24 -3.19 -2.81 -11.16
CA GLY A 24 -1.99 -2.79 -10.36
C GLY A 24 -1.19 -1.52 -10.61
N ASP A 25 -1.86 -0.37 -10.77
CA ASP A 25 -1.14 0.88 -11.06
C ASP A 25 -0.13 1.20 -9.95
N VAL A 26 -0.59 1.16 -8.68
CA VAL A 26 0.32 1.25 -7.54
C VAL A 26 1.45 0.22 -7.69
N GLY A 27 1.10 -1.03 -7.96
CA GLY A 27 2.06 -2.11 -8.17
C GLY A 27 3.13 -1.74 -9.19
N LEU A 28 2.74 -1.16 -10.32
CA LEU A 28 3.65 -0.72 -11.38
C LEU A 28 4.56 0.39 -10.87
N ALA A 29 3.95 1.42 -10.30
CA ALA A 29 4.67 2.57 -9.78
C ALA A 29 5.70 2.13 -8.74
N MET A 30 5.27 1.44 -7.68
CA MET A 30 6.13 0.77 -6.72
C MET A 30 7.15 -0.12 -7.42
N GLY A 31 6.73 -0.86 -8.44
CA GLY A 31 7.59 -1.60 -9.35
C GLY A 31 8.80 -0.78 -9.78
N LYS A 32 8.56 0.41 -10.31
CA LYS A 32 9.62 1.31 -10.73
C LYS A 32 10.41 1.85 -9.53
N LEU A 33 9.72 2.33 -8.51
CA LEU A 33 10.31 3.07 -7.41
C LEU A 33 11.14 2.16 -6.48
N TYR A 34 10.51 1.09 -5.99
CA TYR A 34 11.01 0.21 -4.94
C TYR A 34 11.25 -1.20 -5.47
N GLY A 35 10.21 -1.85 -6.01
CA GLY A 35 10.20 -3.25 -6.39
C GLY A 35 8.77 -3.71 -6.70
N ASN A 36 8.63 -4.72 -7.57
CA ASN A 36 7.36 -5.15 -8.15
C ASN A 36 6.51 -5.98 -7.19
N ASP A 37 6.13 -5.38 -6.07
CA ASP A 37 5.19 -5.93 -5.10
C ASP A 37 3.89 -5.10 -5.17
N PHE A 38 2.85 -5.50 -4.44
CA PHE A 38 1.58 -4.77 -4.36
C PHE A 38 0.82 -4.75 -5.69
N SER A 39 0.85 -5.89 -6.39
CA SER A 39 0.07 -6.16 -7.57
C SER A 39 -1.38 -6.43 -7.19
N GLN A 40 -2.05 -5.48 -6.52
CA GLN A 40 -3.40 -5.62 -5.96
C GLN A 40 -3.41 -6.54 -4.72
N THR A 41 -2.85 -7.74 -4.88
CA THR A 41 -2.68 -8.77 -3.87
C THR A 41 -2.22 -8.18 -2.53
N THR A 42 -0.97 -7.71 -2.48
CA THR A 42 -0.33 -7.29 -1.24
C THR A 42 -1.05 -6.09 -0.61
N ILE A 43 -1.64 -5.21 -1.43
CA ILE A 43 -2.51 -4.13 -0.96
C ILE A 43 -3.71 -4.74 -0.25
N SER A 44 -4.43 -5.66 -0.91
CA SER A 44 -5.56 -6.33 -0.31
C SER A 44 -5.16 -6.99 1.02
N ARG A 45 -4.04 -7.72 1.02
CA ARG A 45 -3.51 -8.32 2.24
C ARG A 45 -3.25 -7.26 3.31
N PHE A 46 -2.68 -6.11 2.94
CA PHE A 46 -2.40 -5.02 3.87
C PHE A 46 -3.69 -4.58 4.55
N GLU A 47 -4.69 -4.21 3.76
CA GLU A 47 -5.99 -3.84 4.31
C GLU A 47 -6.58 -4.97 5.17
N ALA A 48 -6.41 -6.22 4.77
CA ALA A 48 -6.85 -7.38 5.55
C ALA A 48 -5.92 -7.69 6.74
N LEU A 49 -4.84 -6.93 6.93
CA LEU A 49 -3.79 -7.14 7.90
C LEU A 49 -3.22 -8.57 7.86
N ASN A 50 -3.21 -9.21 6.68
CA ASN A 50 -2.81 -10.60 6.51
C ASN A 50 -1.29 -10.72 6.37
N LEU A 51 -0.56 -9.86 7.08
CA LEU A 51 0.90 -9.81 7.12
C LEU A 51 1.41 -9.56 8.55
N SER A 52 0.55 -9.82 9.54
CA SER A 52 0.82 -9.88 10.97
C SER A 52 1.95 -8.99 11.48
N PHE A 53 1.83 -7.67 11.30
CA PHE A 53 2.68 -6.63 11.84
C PHE A 53 4.10 -6.60 11.25
N LYS A 54 4.84 -7.70 11.36
CA LYS A 54 6.26 -7.83 11.03
C LYS A 54 6.65 -7.10 9.74
N ASN A 55 5.98 -7.43 8.64
CA ASN A 55 6.22 -6.77 7.36
C ASN A 55 5.54 -5.41 7.36
N MET A 56 4.27 -5.42 7.76
CA MET A 56 3.37 -4.28 7.72
C MET A 56 4.01 -3.00 8.24
N CYS A 57 4.72 -3.10 9.36
CA CYS A 57 5.38 -1.97 9.99
C CYS A 57 6.41 -1.33 9.04
N LYS A 58 7.11 -2.14 8.24
CA LYS A 58 8.04 -1.67 7.23
C LYS A 58 7.27 -1.20 5.98
N LEU A 59 6.17 -1.90 5.67
CA LEU A 59 5.34 -1.62 4.50
C LEU A 59 4.65 -0.26 4.58
N LYS A 60 4.08 0.08 5.75
CA LYS A 60 3.41 1.36 5.99
C LYS A 60 4.21 2.56 5.48
N PRO A 61 5.42 2.85 5.97
CA PRO A 61 6.17 4.01 5.54
C PRO A 61 6.47 3.99 4.03
N LEU A 62 6.70 2.80 3.43
CA LEU A 62 6.97 2.73 2.00
C LEU A 62 5.71 3.26 1.31
N LEU A 63 4.52 2.78 1.70
CA LEU A 63 3.28 3.26 1.11
C LEU A 63 3.06 4.73 1.42
N GLU A 64 3.38 5.21 2.61
CA GLU A 64 3.23 6.61 2.96
C GLU A 64 4.06 7.48 2.01
N LYS A 65 5.35 7.14 1.86
CA LYS A 65 6.23 7.81 0.93
C LYS A 65 5.71 7.64 -0.50
N TRP A 66 5.19 6.46 -0.85
CA TRP A 66 4.56 6.27 -2.14
C TRP A 66 3.42 7.27 -2.32
N LEU A 67 2.58 7.47 -1.30
CA LEU A 67 1.46 8.40 -1.32
C LEU A 67 1.98 9.81 -1.59
N ASN A 68 3.02 10.21 -0.86
CA ASN A 68 3.69 11.50 -1.05
C ASN A 68 4.17 11.64 -2.50
N ASP A 69 4.82 10.62 -3.05
CA ASP A 69 5.38 10.60 -4.39
C ASP A 69 4.30 10.65 -5.48
N ALA A 70 3.32 9.75 -5.37
CA ALA A 70 2.23 9.49 -6.31
C ALA A 70 2.66 9.51 -7.78
N GLU A 71 3.74 8.80 -8.11
CA GLU A 71 4.14 8.57 -9.49
C GLU A 71 2.95 7.94 -10.24
N ASP A 1 1.77 1.73 16.48
CA ASP A 1 0.79 0.73 16.87
C ASP A 1 -0.05 0.30 15.67
N LEU A 2 -0.51 -0.96 15.68
CA LEU A 2 -1.33 -1.56 14.64
C LEU A 2 -2.48 -0.65 14.20
N GLU A 3 -3.13 0.04 15.14
CA GLU A 3 -4.19 1.00 14.86
C GLU A 3 -3.79 1.99 13.74
N GLU A 4 -2.54 2.45 13.75
CA GLU A 4 -2.04 3.33 12.70
C GLU A 4 -2.03 2.59 11.36
N LEU A 5 -1.57 1.34 11.37
CA LEU A 5 -1.37 0.52 10.18
C LEU A 5 -2.71 0.21 9.52
N GLU A 6 -3.72 -0.25 10.28
CA GLU A 6 -5.03 -0.52 9.69
C GLU A 6 -5.62 0.74 9.07
N GLN A 7 -5.72 1.81 9.86
CA GLN A 7 -6.28 3.08 9.39
C GLN A 7 -5.52 3.55 8.15
N PHE A 8 -4.19 3.59 8.22
CA PHE A 8 -3.35 3.96 7.10
C PHE A 8 -3.64 3.09 5.88
N ALA A 9 -3.68 1.77 6.03
CA ALA A 9 -3.94 0.85 4.92
C ALA A 9 -5.28 1.20 4.25
N LYS A 10 -6.33 1.31 5.04
CA LYS A 10 -7.66 1.62 4.53
C LYS A 10 -7.68 3.00 3.85
N THR A 11 -7.03 3.99 4.47
CA THR A 11 -6.90 5.33 3.90
C THR A 11 -6.15 5.28 2.57
N PHE A 12 -5.06 4.52 2.54
CA PHE A 12 -4.26 4.27 1.36
C PHE A 12 -5.15 3.70 0.26
N LYS A 13 -5.97 2.69 0.58
CA LYS A 13 -6.95 2.17 -0.36
C LYS A 13 -7.88 3.28 -0.86
N GLN A 14 -8.38 4.16 0.02
CA GLN A 14 -9.24 5.25 -0.43
C GLN A 14 -8.49 6.14 -1.44
N ARG A 15 -7.27 6.57 -1.10
CA ARG A 15 -6.45 7.36 -2.01
C ARG A 15 -6.27 6.64 -3.35
N ARG A 16 -5.93 5.35 -3.29
CA ARG A 16 -5.75 4.51 -4.46
C ARG A 16 -7.02 4.47 -5.33
N ILE A 17 -8.18 4.32 -4.70
CA ILE A 17 -9.47 4.35 -5.37
C ILE A 17 -9.69 5.73 -6.01
N LYS A 18 -9.43 6.82 -5.28
CA LYS A 18 -9.54 8.17 -5.86
C LYS A 18 -8.64 8.31 -7.09
N LEU A 19 -7.43 7.77 -7.03
CA LEU A 19 -6.52 7.74 -8.18
C LEU A 19 -7.02 6.78 -9.29
N GLY A 20 -7.99 5.93 -9.00
CA GLY A 20 -8.50 4.95 -9.95
C GLY A 20 -7.47 3.87 -10.23
N PHE A 21 -6.60 3.57 -9.27
CA PHE A 21 -5.54 2.59 -9.44
C PHE A 21 -5.98 1.25 -8.85
N THR A 22 -5.58 0.16 -9.49
CA THR A 22 -6.02 -1.18 -9.16
C THR A 22 -5.10 -2.17 -9.85
N GLN A 23 -5.38 -3.47 -9.68
CA GLN A 23 -4.67 -4.58 -10.28
C GLN A 23 -3.15 -4.45 -10.06
N GLY A 24 -2.39 -4.13 -11.11
CA GLY A 24 -0.95 -3.99 -11.06
C GLY A 24 -0.50 -2.54 -11.25
N ASP A 25 -1.41 -1.55 -11.21
CA ASP A 25 -1.01 -0.15 -11.38
C ASP A 25 -0.04 0.23 -10.27
N VAL A 26 -0.51 0.15 -9.02
CA VAL A 26 0.36 0.43 -7.88
C VAL A 26 1.55 -0.51 -7.90
N GLY A 27 1.34 -1.79 -8.24
CA GLY A 27 2.43 -2.76 -8.40
C GLY A 27 3.57 -2.17 -9.23
N LEU A 28 3.27 -1.74 -10.45
CA LEU A 28 4.24 -1.17 -11.37
C LEU A 28 4.84 0.09 -10.74
N ALA A 29 3.99 0.91 -10.14
CA ALA A 29 4.42 2.12 -9.46
C ALA A 29 5.41 1.83 -8.32
N MET A 30 5.24 0.74 -7.56
CA MET A 30 6.24 0.28 -6.61
C MET A 30 7.48 -0.17 -7.37
N GLY A 31 7.24 -0.93 -8.43
CA GLY A 31 8.22 -1.37 -9.42
C GLY A 31 9.23 -0.28 -9.74
N LYS A 32 8.74 0.91 -10.07
CA LYS A 32 9.60 2.04 -10.42
C LYS A 32 10.59 2.40 -9.31
N LEU A 33 10.16 2.35 -8.04
CA LEU A 33 10.94 2.88 -6.92
C LEU A 33 11.69 1.77 -6.18
N TYR A 34 10.93 0.74 -5.76
CA TYR A 34 11.37 -0.32 -4.86
C TYR A 34 11.43 -1.66 -5.57
N GLY A 35 10.35 -1.99 -6.30
CA GLY A 35 10.13 -3.32 -6.86
C GLY A 35 8.64 -3.63 -6.79
N ASN A 36 8.13 -4.52 -7.65
CA ASN A 36 6.70 -4.81 -7.76
C ASN A 36 6.25 -5.71 -6.61
N ASP A 37 6.26 -5.17 -5.39
CA ASP A 37 5.81 -5.88 -4.20
C ASP A 37 4.30 -5.74 -4.05
N PHE A 38 3.82 -4.49 -3.97
CA PHE A 38 2.45 -4.22 -3.59
C PHE A 38 1.54 -4.08 -4.80
N SER A 39 0.97 -5.21 -5.23
CA SER A 39 -0.09 -5.25 -6.23
C SER A 39 -1.42 -5.42 -5.49
N GLN A 40 -2.54 -5.49 -6.22
CA GLN A 40 -3.87 -5.61 -5.61
C GLN A 40 -3.95 -6.75 -4.59
N THR A 41 -3.25 -7.85 -4.84
CA THR A 41 -3.10 -8.94 -3.90
C THR A 41 -2.57 -8.40 -2.56
N THR A 42 -1.29 -8.04 -2.52
CA THR A 42 -0.61 -7.56 -1.34
C THR A 42 -1.35 -6.41 -0.66
N ILE A 43 -1.85 -5.44 -1.43
CA ILE A 43 -2.61 -4.31 -0.91
C ILE A 43 -3.95 -4.76 -0.30
N SER A 44 -4.74 -5.58 -1.00
CA SER A 44 -5.96 -6.10 -0.39
C SER A 44 -5.64 -6.83 0.93
N ARG A 45 -4.60 -7.67 0.91
CA ARG A 45 -4.11 -8.35 2.10
C ARG A 45 -3.70 -7.36 3.20
N PHE A 46 -3.11 -6.22 2.85
CA PHE A 46 -2.79 -5.13 3.77
C PHE A 46 -4.05 -4.62 4.44
N GLU A 47 -5.05 -4.23 3.64
CA GLU A 47 -6.32 -3.76 4.19
C GLU A 47 -7.07 -4.84 4.97
N ALA A 48 -6.87 -6.12 4.64
CA ALA A 48 -7.37 -7.25 5.43
C ALA A 48 -6.46 -7.58 6.62
N LEU A 49 -5.32 -6.91 6.75
CA LEU A 49 -4.29 -7.09 7.75
C LEU A 49 -3.76 -8.52 7.86
N ASN A 50 -3.74 -9.26 6.73
CA ASN A 50 -3.21 -10.61 6.70
C ASN A 50 -1.72 -10.63 6.31
N LEU A 51 -1.02 -9.53 6.62
CA LEU A 51 0.43 -9.40 6.54
C LEU A 51 0.94 -8.86 7.87
N SER A 52 0.21 -9.22 8.93
CA SER A 52 0.25 -8.73 10.30
C SER A 52 1.63 -8.30 10.79
N PHE A 53 1.87 -6.99 10.81
CA PHE A 53 3.07 -6.30 11.26
C PHE A 53 4.29 -6.54 10.36
N LYS A 54 4.67 -7.81 10.19
CA LYS A 54 5.87 -8.27 9.52
C LYS A 54 6.14 -7.50 8.21
N ASN A 55 5.16 -7.43 7.32
CA ASN A 55 5.32 -6.64 6.08
C ASN A 55 5.07 -5.18 6.39
N MET A 56 3.96 -4.92 7.09
CA MET A 56 3.43 -3.60 7.39
C MET A 56 4.49 -2.61 7.84
N CYS A 57 5.46 -3.05 8.65
CA CYS A 57 6.44 -2.09 9.15
C CYS A 57 7.35 -1.54 8.04
N LYS A 58 7.50 -2.26 6.93
CA LYS A 58 8.16 -1.77 5.73
C LYS A 58 7.10 -1.13 4.82
N LEU A 59 6.07 -1.92 4.51
CA LEU A 59 4.95 -1.61 3.63
C LEU A 59 4.32 -0.25 3.96
N LYS A 60 4.11 0.07 5.25
CA LYS A 60 3.48 1.33 5.65
C LYS A 60 4.34 2.53 5.24
N PRO A 61 5.57 2.70 5.76
CA PRO A 61 6.41 3.82 5.35
C PRO A 61 6.68 3.81 3.84
N LEU A 62 6.85 2.62 3.22
CA LEU A 62 7.17 2.56 1.81
C LEU A 62 5.98 3.16 1.04
N LEU A 63 4.75 2.72 1.35
CA LEU A 63 3.56 3.29 0.75
C LEU A 63 3.41 4.76 1.07
N GLU A 64 3.70 5.19 2.31
CA GLU A 64 3.61 6.59 2.69
C GLU A 64 4.50 7.43 1.77
N LYS A 65 5.78 7.06 1.67
CA LYS A 65 6.73 7.74 0.79
C LYS A 65 6.26 7.69 -0.66
N TRP A 66 5.82 6.52 -1.11
CA TRP A 66 5.27 6.35 -2.45
C TRP A 66 4.12 7.33 -2.69
N LEU A 67 3.21 7.48 -1.73
CA LEU A 67 2.08 8.39 -1.86
C LEU A 67 2.60 9.83 -1.90
N ASN A 68 3.54 10.17 -1.02
CA ASN A 68 4.17 11.48 -0.99
C ASN A 68 4.77 11.81 -2.37
N ASP A 69 5.38 10.83 -3.03
CA ASP A 69 5.94 10.99 -4.37
C ASP A 69 4.85 11.12 -5.43
N ALA A 70 4.00 10.09 -5.53
CA ALA A 70 3.05 9.93 -6.62
C ALA A 70 1.88 10.92 -6.53
N GLU A 71 1.40 11.17 -5.31
CA GLU A 71 0.21 11.97 -5.03
C GLU A 71 -0.93 11.68 -6.01
N ASP A 1 0.29 1.22 17.55
CA ASP A 1 0.63 1.52 16.17
C ASP A 1 -0.30 0.79 15.20
N LEU A 2 -0.76 -0.41 15.58
CA LEU A 2 -1.65 -1.22 14.77
C LEU A 2 -2.85 -0.41 14.27
N GLU A 3 -3.44 0.42 15.14
CA GLU A 3 -4.51 1.33 14.75
C GLU A 3 -4.08 2.20 13.56
N GLU A 4 -2.88 2.78 13.64
CA GLU A 4 -2.34 3.66 12.61
C GLU A 4 -2.10 2.86 11.33
N LEU A 5 -1.54 1.65 11.44
CA LEU A 5 -1.37 0.76 10.30
C LEU A 5 -2.72 0.47 9.63
N GLU A 6 -3.75 0.14 10.42
CA GLU A 6 -5.09 -0.14 9.91
C GLU A 6 -5.66 1.09 9.18
N GLN A 7 -5.70 2.21 9.89
CA GLN A 7 -6.20 3.48 9.37
C GLN A 7 -5.46 3.79 8.05
N PHE A 8 -4.14 3.79 8.11
CA PHE A 8 -3.28 4.04 6.96
C PHE A 8 -3.62 3.10 5.81
N ALA A 9 -3.69 1.79 6.06
CA ALA A 9 -4.02 0.82 5.01
C ALA A 9 -5.33 1.19 4.31
N LYS A 10 -6.40 1.39 5.08
CA LYS A 10 -7.69 1.79 4.51
C LYS A 10 -7.58 3.13 3.78
N THR A 11 -6.81 4.07 4.32
CA THR A 11 -6.62 5.38 3.73
C THR A 11 -5.91 5.25 2.38
N PHE A 12 -4.86 4.43 2.34
CA PHE A 12 -4.12 4.09 1.14
C PHE A 12 -5.10 3.60 0.08
N LYS A 13 -5.91 2.59 0.42
CA LYS A 13 -6.92 2.07 -0.49
C LYS A 13 -7.83 3.18 -1.00
N GLN A 14 -8.42 3.97 -0.09
CA GLN A 14 -9.33 5.04 -0.50
C GLN A 14 -8.65 6.03 -1.46
N ARG A 15 -7.50 6.58 -1.09
CA ARG A 15 -6.76 7.50 -1.94
C ARG A 15 -6.44 6.85 -3.29
N ARG A 16 -5.90 5.63 -3.27
CA ARG A 16 -5.60 4.86 -4.46
C ARG A 16 -6.83 4.80 -5.38
N ILE A 17 -8.00 4.44 -4.83
CA ILE A 17 -9.24 4.37 -5.58
C ILE A 17 -9.59 5.75 -6.14
N LYS A 18 -9.56 6.81 -5.32
CA LYS A 18 -9.84 8.16 -5.79
C LYS A 18 -8.93 8.56 -6.96
N LEU A 19 -7.64 8.21 -6.88
CA LEU A 19 -6.68 8.44 -7.95
C LEU A 19 -6.95 7.55 -9.17
N GLY A 20 -7.74 6.47 -9.00
CA GLY A 20 -7.96 5.48 -10.05
C GLY A 20 -6.70 4.67 -10.32
N PHE A 21 -5.81 4.57 -9.33
CA PHE A 21 -4.54 3.88 -9.49
C PHE A 21 -4.74 2.42 -9.18
N THR A 22 -5.02 1.65 -10.24
CA THR A 22 -5.28 0.22 -10.20
C THR A 22 -4.16 -0.52 -9.46
N GLN A 23 -4.43 -1.73 -8.98
CA GLN A 23 -3.38 -2.61 -8.47
C GLN A 23 -2.24 -2.72 -9.50
N GLY A 24 -2.59 -2.77 -10.80
CA GLY A 24 -1.63 -2.69 -11.88
C GLY A 24 -0.76 -1.44 -11.76
N ASP A 25 -1.38 -0.25 -11.73
CA ASP A 25 -0.66 1.00 -11.58
C ASP A 25 0.27 0.96 -10.37
N VAL A 26 -0.26 0.61 -9.20
CA VAL A 26 0.51 0.53 -7.97
C VAL A 26 1.69 -0.41 -8.17
N GLY A 27 1.44 -1.66 -8.57
CA GLY A 27 2.47 -2.65 -8.83
C GLY A 27 3.57 -2.10 -9.73
N LEU A 28 3.18 -1.49 -10.85
CA LEU A 28 4.13 -0.96 -11.84
C LEU A 28 4.98 0.15 -11.23
N ALA A 29 4.31 1.17 -10.68
CA ALA A 29 4.97 2.32 -10.09
C ALA A 29 5.91 1.87 -8.98
N MET A 30 5.41 1.02 -8.08
CA MET A 30 6.21 0.40 -7.03
C MET A 30 7.37 -0.38 -7.63
N GLY A 31 7.12 -1.09 -8.72
CA GLY A 31 8.14 -1.73 -9.54
C GLY A 31 9.28 -0.79 -9.83
N LYS A 32 8.98 0.38 -10.41
CA LYS A 32 9.99 1.38 -10.69
C LYS A 32 10.68 1.87 -9.41
N LEU A 33 9.91 2.22 -8.38
CA LEU A 33 10.42 2.92 -7.20
C LEU A 33 11.11 2.02 -6.17
N TYR A 34 10.71 0.74 -6.06
CA TYR A 34 11.17 -0.19 -5.02
C TYR A 34 11.28 -1.62 -5.58
N GLY A 35 10.15 -2.19 -6.00
CA GLY A 35 10.02 -3.60 -6.36
C GLY A 35 8.55 -3.89 -6.66
N ASN A 36 8.28 -4.71 -7.69
CA ASN A 36 6.94 -4.90 -8.25
C ASN A 36 6.13 -5.90 -7.42
N ASP A 37 5.91 -5.59 -6.14
CA ASP A 37 4.97 -6.34 -5.31
C ASP A 37 3.55 -5.82 -5.60
N PHE A 38 2.64 -5.90 -4.64
CA PHE A 38 1.34 -5.22 -4.72
C PHE A 38 0.48 -5.76 -5.87
N SER A 39 0.64 -7.04 -6.18
CA SER A 39 -0.07 -7.75 -7.23
C SER A 39 -1.50 -8.07 -6.79
N GLN A 40 -2.25 -7.05 -6.37
CA GLN A 40 -3.54 -7.16 -5.69
C GLN A 40 -3.36 -7.80 -4.31
N THR A 41 -2.98 -9.09 -4.30
CA THR A 41 -2.75 -9.94 -3.14
C THR A 41 -2.29 -9.13 -1.93
N THR A 42 -1.05 -8.66 -1.96
CA THR A 42 -0.37 -7.93 -0.90
C THR A 42 -1.17 -6.71 -0.43
N ILE A 43 -1.83 -6.00 -1.34
CA ILE A 43 -2.60 -4.79 -1.01
C ILE A 43 -3.92 -5.19 -0.33
N SER A 44 -4.65 -6.13 -0.91
CA SER A 44 -5.83 -6.71 -0.26
C SER A 44 -5.47 -7.23 1.14
N ARG A 45 -4.40 -8.02 1.23
CA ARG A 45 -3.87 -8.54 2.49
C ARG A 45 -3.52 -7.41 3.45
N PHE A 46 -2.93 -6.32 2.96
CA PHE A 46 -2.65 -5.16 3.79
C PHE A 46 -3.93 -4.63 4.41
N GLU A 47 -4.93 -4.29 3.59
CA GLU A 47 -6.19 -3.79 4.11
C GLU A 47 -6.96 -4.83 4.93
N ALA A 48 -6.75 -6.13 4.70
CA ALA A 48 -7.26 -7.17 5.58
C ALA A 48 -6.45 -7.28 6.88
N LEU A 49 -5.35 -6.52 7.01
CA LEU A 49 -4.37 -6.59 8.08
C LEU A 49 -3.88 -8.03 8.30
N ASN A 50 -3.64 -8.75 7.20
CA ASN A 50 -3.21 -10.14 7.22
C ASN A 50 -1.71 -10.27 7.49
N LEU A 51 -0.91 -9.33 7.00
CA LEU A 51 0.56 -9.43 7.00
C LEU A 51 1.16 -9.06 8.36
N SER A 52 0.67 -9.71 9.43
CA SER A 52 0.88 -9.45 10.85
C SER A 52 2.17 -8.70 11.24
N PHE A 53 2.13 -7.37 11.19
CA PHE A 53 3.13 -6.43 11.69
C PHE A 53 4.45 -6.43 10.90
N LYS A 54 5.09 -7.60 10.84
CA LYS A 54 6.40 -7.83 10.23
C LYS A 54 6.57 -7.09 8.90
N ASN A 55 5.60 -7.27 7.99
CA ASN A 55 5.63 -6.58 6.71
C ASN A 55 5.18 -5.14 6.91
N MET A 56 4.07 -4.98 7.64
CA MET A 56 3.38 -3.72 7.84
C MET A 56 4.35 -2.59 8.19
N CYS A 57 5.28 -2.84 9.09
CA CYS A 57 6.18 -1.78 9.54
C CYS A 57 7.08 -1.25 8.43
N LYS A 58 7.30 -2.03 7.36
CA LYS A 58 8.00 -1.56 6.16
C LYS A 58 6.96 -0.98 5.20
N LEU A 59 5.92 -1.78 4.94
CA LEU A 59 4.80 -1.51 4.05
C LEU A 59 4.20 -0.12 4.29
N LYS A 60 3.99 0.27 5.55
CA LYS A 60 3.35 1.54 5.85
C LYS A 60 4.19 2.73 5.36
N PRO A 61 5.41 2.97 5.88
CA PRO A 61 6.25 4.04 5.37
C PRO A 61 6.49 3.89 3.86
N LEU A 62 6.69 2.66 3.38
CA LEU A 62 6.88 2.38 1.96
C LEU A 62 5.75 2.96 1.12
N LEU A 63 4.51 2.56 1.41
CA LEU A 63 3.34 2.98 0.67
C LEU A 63 3.03 4.44 0.96
N GLU A 64 3.33 4.93 2.16
CA GLU A 64 3.15 6.33 2.50
C GLU A 64 4.04 7.19 1.59
N LYS A 65 5.31 6.81 1.43
CA LYS A 65 6.21 7.52 0.55
C LYS A 65 5.74 7.38 -0.91
N TRP A 66 5.31 6.18 -1.31
CA TRP A 66 4.68 6.00 -2.61
C TRP A 66 3.53 7.01 -2.78
N LEU A 67 2.67 7.13 -1.77
CA LEU A 67 1.52 8.01 -1.83
C LEU A 67 1.98 9.46 -1.97
N ASN A 68 2.96 9.88 -1.18
CA ASN A 68 3.57 11.21 -1.33
C ASN A 68 4.02 11.43 -2.77
N ASP A 69 4.81 10.49 -3.32
CA ASP A 69 5.31 10.59 -4.68
C ASP A 69 4.17 10.69 -5.71
N ALA A 70 3.25 9.73 -5.67
CA ALA A 70 2.18 9.57 -6.64
C ALA A 70 1.14 10.70 -6.52
N GLU A 71 0.88 11.13 -5.30
CA GLU A 71 -0.04 12.20 -4.92
C GLU A 71 0.76 13.24 -4.13
N ASP A 1 1.44 1.03 15.23
CA ASP A 1 0.59 0.05 15.87
C ASP A 1 -0.44 -0.44 14.87
N LEU A 2 -1.10 -1.57 15.17
CA LEU A 2 -2.03 -2.22 14.27
C LEU A 2 -3.15 -1.27 13.86
N GLU A 3 -3.72 -0.51 14.80
CA GLU A 3 -4.79 0.44 14.53
C GLU A 3 -4.33 1.43 13.44
N GLU A 4 -3.19 2.09 13.68
CA GLU A 4 -2.61 3.04 12.74
C GLU A 4 -2.32 2.37 11.39
N LEU A 5 -1.75 1.18 11.40
CA LEU A 5 -1.49 0.42 10.17
C LEU A 5 -2.80 0.18 9.40
N GLU A 6 -3.86 -0.28 10.08
CA GLU A 6 -5.16 -0.49 9.46
C GLU A 6 -5.67 0.81 8.85
N GLN A 7 -5.75 1.87 9.66
CA GLN A 7 -6.24 3.17 9.22
C GLN A 7 -5.46 3.64 8.00
N PHE A 8 -4.13 3.64 8.10
CA PHE A 8 -3.24 4.01 7.01
C PHE A 8 -3.54 3.17 5.76
N ALA A 9 -3.55 1.85 5.89
CA ALA A 9 -3.75 0.95 4.76
C ALA A 9 -5.09 1.19 4.09
N LYS A 10 -6.15 1.31 4.89
CA LYS A 10 -7.49 1.65 4.44
C LYS A 10 -7.45 2.98 3.69
N THR A 11 -6.76 3.97 4.23
CA THR A 11 -6.62 5.27 3.58
C THR A 11 -5.85 5.12 2.27
N PHE A 12 -4.78 4.33 2.23
CA PHE A 12 -4.04 4.04 1.01
C PHE A 12 -5.00 3.49 -0.03
N LYS A 13 -5.79 2.47 0.32
CA LYS A 13 -6.79 1.90 -0.55
C LYS A 13 -7.78 2.96 -1.03
N GLN A 14 -8.36 3.74 -0.12
CA GLN A 14 -9.35 4.75 -0.49
C GLN A 14 -8.75 5.76 -1.47
N ARG A 15 -7.53 6.24 -1.17
CA ARG A 15 -6.86 7.23 -1.99
C ARG A 15 -6.51 6.63 -3.35
N ARG A 16 -5.97 5.41 -3.38
CA ARG A 16 -5.71 4.67 -4.60
C ARG A 16 -6.97 4.64 -5.48
N ILE A 17 -8.09 4.24 -4.89
CA ILE A 17 -9.37 4.19 -5.59
C ILE A 17 -9.74 5.59 -6.09
N LYS A 18 -9.65 6.61 -5.24
CA LYS A 18 -9.95 7.99 -5.62
C LYS A 18 -9.11 8.44 -6.82
N LEU A 19 -7.81 8.10 -6.82
CA LEU A 19 -6.90 8.38 -7.92
C LEU A 19 -7.24 7.53 -9.17
N GLY A 20 -8.03 6.48 -9.01
CA GLY A 20 -8.30 5.51 -10.07
C GLY A 20 -7.04 4.72 -10.41
N PHE A 21 -6.14 4.56 -9.44
CA PHE A 21 -4.86 3.91 -9.66
C PHE A 21 -5.04 2.41 -9.49
N THR A 22 -5.11 1.71 -10.63
CA THR A 22 -5.43 0.31 -10.71
C THR A 22 -4.36 -0.55 -10.03
N GLN A 23 -4.67 -1.85 -9.95
CA GLN A 23 -3.74 -2.89 -9.57
C GLN A 23 -2.47 -2.71 -10.41
N GLY A 24 -2.67 -2.55 -11.72
CA GLY A 24 -1.62 -2.26 -12.68
C GLY A 24 -0.84 -1.01 -12.28
N ASP A 25 -1.52 0.12 -12.08
CA ASP A 25 -0.86 1.38 -11.72
C ASP A 25 0.03 1.18 -10.50
N VAL A 26 -0.55 0.75 -9.38
CA VAL A 26 0.22 0.60 -8.15
C VAL A 26 1.34 -0.40 -8.36
N GLY A 27 1.06 -1.58 -8.93
CA GLY A 27 2.08 -2.57 -9.22
C GLY A 27 3.26 -1.95 -9.98
N LEU A 28 2.97 -1.26 -11.08
CA LEU A 28 3.97 -0.66 -11.96
C LEU A 28 4.79 0.37 -11.19
N ALA A 29 4.09 1.35 -10.61
CA ALA A 29 4.71 2.46 -9.91
C ALA A 29 5.55 1.96 -8.73
N MET A 30 5.02 1.03 -7.93
CA MET A 30 5.79 0.34 -6.90
C MET A 30 7.01 -0.32 -7.52
N GLY A 31 6.83 -1.01 -8.65
CA GLY A 31 7.89 -1.52 -9.50
C GLY A 31 9.01 -0.50 -9.70
N LYS A 32 8.65 0.69 -10.21
CA LYS A 32 9.61 1.75 -10.46
C LYS A 32 10.32 2.17 -9.16
N LEU A 33 9.57 2.45 -8.09
CA LEU A 33 10.15 3.03 -6.89
C LEU A 33 10.89 2.01 -6.01
N TYR A 34 10.48 0.74 -6.02
CA TYR A 34 10.99 -0.29 -5.11
C TYR A 34 11.03 -1.66 -5.79
N GLY A 35 9.88 -2.15 -6.22
CA GLY A 35 9.65 -3.50 -6.69
C GLY A 35 8.14 -3.75 -6.70
N ASN A 36 7.62 -4.41 -7.74
CA ASN A 36 6.19 -4.50 -8.01
C ASN A 36 5.46 -5.52 -7.14
N ASP A 37 5.84 -5.64 -5.86
CA ASP A 37 5.33 -6.68 -4.97
C ASP A 37 3.95 -6.32 -4.41
N PHE A 38 3.07 -5.76 -5.26
CA PHE A 38 1.81 -5.15 -4.84
C PHE A 38 0.77 -5.35 -5.93
N SER A 39 0.82 -6.48 -6.63
CA SER A 39 -0.09 -6.87 -7.68
C SER A 39 -1.45 -7.27 -7.07
N GLN A 40 -2.13 -6.31 -6.45
CA GLN A 40 -3.38 -6.48 -5.70
C GLN A 40 -3.18 -7.28 -4.42
N THR A 41 -2.72 -8.53 -4.53
CA THR A 41 -2.64 -9.48 -3.44
C THR A 41 -2.06 -8.85 -2.18
N THR A 42 -0.78 -8.46 -2.20
CA THR A 42 -0.09 -7.89 -1.06
C THR A 42 -0.83 -6.70 -0.47
N ILE A 43 -1.37 -5.83 -1.33
CA ILE A 43 -2.12 -4.65 -0.92
C ILE A 43 -3.40 -5.07 -0.19
N SER A 44 -4.13 -6.07 -0.71
CA SER A 44 -5.30 -6.58 -0.02
C SER A 44 -4.91 -7.23 1.31
N ARG A 45 -3.83 -8.03 1.34
CA ARG A 45 -3.38 -8.65 2.58
C ARG A 45 -3.04 -7.57 3.60
N PHE A 46 -2.32 -6.53 3.17
CA PHE A 46 -1.96 -5.39 3.98
C PHE A 46 -3.21 -4.73 4.56
N GLU A 47 -4.12 -4.33 3.69
CA GLU A 47 -5.33 -3.63 4.10
C GLU A 47 -6.22 -4.50 5.01
N ALA A 48 -6.26 -5.81 4.76
CA ALA A 48 -6.93 -6.77 5.63
C ALA A 48 -6.15 -7.02 6.94
N LEU A 49 -4.96 -6.44 7.09
CA LEU A 49 -4.06 -6.62 8.22
C LEU A 49 -3.63 -8.08 8.39
N ASN A 50 -3.61 -8.83 7.28
CA ASN A 50 -3.34 -10.26 7.31
C ASN A 50 -1.84 -10.48 7.52
N LEU A 51 -1.03 -9.60 6.96
CA LEU A 51 0.40 -9.54 7.21
C LEU A 51 0.73 -9.23 8.69
N SER A 52 -0.29 -8.94 9.52
CA SER A 52 -0.22 -8.90 10.98
C SER A 52 0.59 -7.74 11.56
N PHE A 53 1.91 -7.69 11.31
CA PHE A 53 2.75 -6.59 11.79
C PHE A 53 4.11 -6.58 11.12
N LYS A 54 4.81 -7.72 11.16
CA LYS A 54 6.20 -7.85 10.75
C LYS A 54 6.51 -7.16 9.42
N ASN A 55 5.73 -7.47 8.38
CA ASN A 55 5.87 -6.81 7.09
C ASN A 55 5.24 -5.43 7.14
N MET A 56 3.99 -5.39 7.60
CA MET A 56 3.13 -4.22 7.67
C MET A 56 3.92 -2.97 8.08
N CYS A 57 4.67 -3.08 9.17
CA CYS A 57 5.37 -1.97 9.78
C CYS A 57 6.48 -1.40 8.90
N LYS A 58 7.09 -2.23 8.04
CA LYS A 58 8.09 -1.80 7.08
C LYS A 58 7.39 -1.28 5.82
N LEU A 59 6.33 -1.98 5.43
CA LEU A 59 5.55 -1.72 4.23
C LEU A 59 4.77 -0.41 4.30
N LYS A 60 4.27 -0.04 5.47
CA LYS A 60 3.62 1.26 5.68
C LYS A 60 4.47 2.44 5.18
N PRO A 61 5.64 2.76 5.77
CA PRO A 61 6.43 3.91 5.34
C PRO A 61 6.80 3.80 3.86
N LEU A 62 7.09 2.59 3.39
CA LEU A 62 7.32 2.31 1.98
C LEU A 62 6.15 2.81 1.12
N LEU A 63 4.92 2.38 1.40
CA LEU A 63 3.74 2.83 0.70
C LEU A 63 3.45 4.32 0.96
N GLU A 64 3.79 4.83 2.14
CA GLU A 64 3.57 6.23 2.48
C GLU A 64 4.41 7.11 1.56
N LYS A 65 5.70 6.77 1.42
CA LYS A 65 6.57 7.48 0.49
C LYS A 65 6.10 7.30 -0.95
N TRP A 66 5.65 6.09 -1.33
CA TRP A 66 4.98 5.93 -2.63
C TRP A 66 3.84 6.93 -2.77
N LEU A 67 2.98 7.05 -1.76
CA LEU A 67 1.81 7.90 -1.83
C LEU A 67 2.24 9.35 -2.00
N ASN A 68 3.21 9.79 -1.20
CA ASN A 68 3.79 11.12 -1.32
C ASN A 68 4.27 11.38 -2.75
N ASP A 69 5.09 10.47 -3.28
CA ASP A 69 5.64 10.60 -4.63
C ASP A 69 4.52 10.65 -5.68
N ALA A 70 3.60 9.69 -5.61
CA ALA A 70 2.51 9.51 -6.56
C ALA A 70 1.51 10.67 -6.51
N GLU A 71 1.30 11.24 -5.31
CA GLU A 71 0.37 12.34 -5.06
C GLU A 71 -0.99 12.05 -5.69
N ASP A 1 2.60 0.20 16.01
CA ASP A 1 2.14 1.16 15.02
C ASP A 1 0.66 0.94 14.67
N LEU A 2 0.03 -0.08 15.26
CA LEU A 2 -1.31 -0.59 14.92
C LEU A 2 -2.31 0.53 14.61
N GLU A 3 -2.46 1.49 15.54
CA GLU A 3 -3.36 2.62 15.39
C GLU A 3 -3.14 3.37 14.08
N GLU A 4 -1.88 3.54 13.68
CA GLU A 4 -1.55 4.13 12.40
C GLU A 4 -1.90 3.15 11.30
N LEU A 5 -1.38 1.92 11.40
CA LEU A 5 -1.47 0.89 10.37
C LEU A 5 -2.91 0.67 9.91
N GLU A 6 -3.83 0.41 10.84
CA GLU A 6 -5.21 0.06 10.51
C GLU A 6 -5.85 1.10 9.60
N GLN A 7 -5.90 2.32 10.10
CA GLN A 7 -6.36 3.49 9.36
C GLN A 7 -5.60 3.59 8.05
N PHE A 8 -4.27 3.73 8.15
CA PHE A 8 -3.39 4.01 7.02
C PHE A 8 -3.65 3.04 5.87
N ALA A 9 -3.68 1.74 6.13
CA ALA A 9 -3.82 0.75 5.07
C ALA A 9 -5.09 1.00 4.26
N LYS A 10 -6.23 1.09 4.96
CA LYS A 10 -7.51 1.38 4.33
C LYS A 10 -7.54 2.78 3.72
N THR A 11 -6.68 3.68 4.20
CA THR A 11 -6.57 5.04 3.64
C THR A 11 -5.80 4.98 2.33
N PHE A 12 -4.74 4.16 2.26
CA PHE A 12 -4.04 3.87 1.03
C PHE A 12 -5.06 3.35 0.02
N LYS A 13 -5.90 2.40 0.42
CA LYS A 13 -6.97 1.90 -0.44
C LYS A 13 -7.86 3.05 -0.95
N GLN A 14 -8.43 3.84 -0.03
CA GLN A 14 -9.32 4.92 -0.42
C GLN A 14 -8.63 5.90 -1.38
N ARG A 15 -7.44 6.39 -1.02
CA ARG A 15 -6.70 7.36 -1.81
C ARG A 15 -6.37 6.76 -3.19
N ARG A 16 -5.92 5.51 -3.21
CA ARG A 16 -5.69 4.75 -4.44
C ARG A 16 -6.95 4.76 -5.31
N ILE A 17 -8.11 4.45 -4.73
CA ILE A 17 -9.39 4.48 -5.42
C ILE A 17 -9.66 5.88 -5.97
N LYS A 18 -9.49 6.94 -5.17
CA LYS A 18 -9.65 8.31 -5.63
C LYS A 18 -8.74 8.60 -6.83
N LEU A 19 -7.48 8.15 -6.78
CA LEU A 19 -6.55 8.26 -7.90
C LEU A 19 -7.00 7.40 -9.10
N GLY A 20 -7.88 6.42 -8.89
CA GLY A 20 -8.25 5.44 -9.90
C GLY A 20 -7.07 4.52 -10.22
N PHE A 21 -6.14 4.37 -9.28
CA PHE A 21 -4.94 3.59 -9.50
C PHE A 21 -5.25 2.13 -9.20
N THR A 22 -5.63 1.42 -10.25
CA THR A 22 -5.94 0.01 -10.20
C THR A 22 -4.71 -0.79 -9.77
N GLN A 23 -4.93 -2.07 -9.44
CA GLN A 23 -3.90 -3.00 -9.01
C GLN A 23 -2.64 -2.86 -9.87
N GLY A 24 -2.81 -2.96 -11.19
CA GLY A 24 -1.75 -2.78 -12.17
C GLY A 24 -0.99 -1.47 -11.97
N ASP A 25 -1.69 -0.34 -11.79
CA ASP A 25 -1.02 0.95 -11.65
C ASP A 25 -0.16 0.95 -10.40
N VAL A 26 -0.76 0.58 -9.26
CA VAL A 26 -0.01 0.55 -8.01
C VAL A 26 1.19 -0.38 -8.16
N GLY A 27 0.97 -1.62 -8.59
CA GLY A 27 2.03 -2.59 -8.82
C GLY A 27 3.16 -2.02 -9.68
N LEU A 28 2.80 -1.39 -10.81
CA LEU A 28 3.78 -0.77 -11.71
C LEU A 28 4.63 0.24 -10.95
N ALA A 29 3.95 1.21 -10.34
CA ALA A 29 4.60 2.31 -9.63
C ALA A 29 5.47 1.79 -8.46
N MET A 30 4.95 0.87 -7.65
CA MET A 30 5.69 0.14 -6.63
C MET A 30 6.94 -0.48 -7.26
N GLY A 31 6.79 -1.12 -8.42
CA GLY A 31 7.86 -1.58 -9.28
C GLY A 31 8.91 -0.51 -9.52
N LYS A 32 8.49 0.63 -10.10
CA LYS A 32 9.39 1.72 -10.44
C LYS A 32 10.17 2.20 -9.21
N LEU A 33 9.48 2.44 -8.09
CA LEU A 33 10.13 2.98 -6.91
C LEU A 33 11.01 1.94 -6.21
N TYR A 34 10.47 0.75 -5.94
CA TYR A 34 11.08 -0.26 -5.08
C TYR A 34 11.20 -1.61 -5.78
N GLY A 35 10.06 -2.16 -6.21
CA GLY A 35 9.93 -3.53 -6.68
C GLY A 35 8.47 -3.95 -6.55
N ASN A 36 7.90 -4.59 -7.58
CA ASN A 36 6.47 -4.84 -7.63
C ASN A 36 6.13 -6.09 -6.84
N ASP A 37 6.18 -5.95 -5.51
CA ASP A 37 5.65 -6.94 -4.60
C ASP A 37 4.21 -6.56 -4.22
N PHE A 38 3.49 -5.85 -5.11
CA PHE A 38 2.23 -5.20 -4.78
C PHE A 38 1.32 -5.17 -5.99
N SER A 39 1.20 -6.32 -6.67
CA SER A 39 0.30 -6.51 -7.80
C SER A 39 -1.13 -6.27 -7.34
N GLN A 40 -1.56 -7.06 -6.36
CA GLN A 40 -2.90 -7.06 -5.80
C GLN A 40 -2.87 -7.70 -4.43
N THR A 41 -2.35 -8.93 -4.35
CA THR A 41 -2.36 -9.79 -3.18
C THR A 41 -1.87 -9.02 -1.95
N THR A 42 -0.58 -8.70 -1.91
CA THR A 42 0.08 -8.04 -0.79
C THR A 42 -0.70 -6.82 -0.33
N ILE A 43 -1.09 -5.95 -1.26
CA ILE A 43 -1.85 -4.74 -1.00
C ILE A 43 -3.20 -5.08 -0.36
N SER A 44 -3.92 -6.05 -0.92
CA SER A 44 -5.22 -6.46 -0.40
C SER A 44 -5.06 -7.02 1.02
N ARG A 45 -4.11 -7.93 1.22
CA ARG A 45 -3.82 -8.52 2.52
C ARG A 45 -3.40 -7.45 3.52
N PHE A 46 -2.64 -6.44 3.10
CA PHE A 46 -2.27 -5.32 3.95
C PHE A 46 -3.52 -4.54 4.36
N GLU A 47 -4.32 -4.15 3.39
CA GLU A 47 -5.58 -3.44 3.60
C GLU A 47 -6.55 -4.24 4.48
N ALA A 48 -6.52 -5.57 4.39
CA ALA A 48 -7.25 -6.47 5.27
C ALA A 48 -6.46 -6.82 6.54
N LEU A 49 -5.33 -6.16 6.78
CA LEU A 49 -4.38 -6.36 7.87
C LEU A 49 -4.20 -7.85 8.25
N ASN A 50 -4.07 -8.69 7.22
CA ASN A 50 -3.75 -10.11 7.36
C ASN A 50 -2.23 -10.27 7.45
N LEU A 51 -1.52 -9.70 6.48
CA LEU A 51 -0.06 -9.65 6.49
C LEU A 51 0.35 -8.86 7.73
N SER A 52 0.77 -9.58 8.78
CA SER A 52 0.97 -9.07 10.12
C SER A 52 2.14 -8.08 10.26
N PHE A 53 2.35 -7.61 11.50
CA PHE A 53 3.26 -6.51 11.85
C PHE A 53 4.58 -6.54 11.09
N LYS A 54 5.21 -7.72 11.03
CA LYS A 54 6.44 -7.98 10.29
C LYS A 54 6.46 -7.30 8.92
N ASN A 55 5.36 -7.43 8.18
CA ASN A 55 5.18 -6.79 6.89
C ASN A 55 4.82 -5.33 7.11
N MET A 56 3.70 -5.13 7.83
CA MET A 56 3.05 -3.84 8.01
C MET A 56 4.05 -2.73 8.31
N CYS A 57 4.93 -2.96 9.28
CA CYS A 57 5.79 -1.92 9.81
C CYS A 57 6.79 -1.44 8.77
N LYS A 58 7.31 -2.34 7.94
CA LYS A 58 8.15 -1.98 6.81
C LYS A 58 7.29 -1.35 5.70
N LEU A 59 6.13 -1.96 5.44
CA LEU A 59 5.27 -1.61 4.33
C LEU A 59 4.72 -0.19 4.46
N LYS A 60 4.21 0.18 5.64
CA LYS A 60 3.53 1.46 5.85
C LYS A 60 4.36 2.66 5.36
N PRO A 61 5.60 2.88 5.83
CA PRO A 61 6.41 3.98 5.35
C PRO A 61 6.68 3.88 3.84
N LEU A 62 6.86 2.66 3.31
CA LEU A 62 7.13 2.48 1.88
C LEU A 62 5.91 3.03 1.13
N LEU A 63 4.72 2.57 1.51
CA LEU A 63 3.47 3.00 0.90
C LEU A 63 3.23 4.48 1.11
N GLU A 64 3.56 5.01 2.29
CA GLU A 64 3.42 6.44 2.58
C GLU A 64 4.27 7.23 1.57
N LYS A 65 5.55 6.86 1.44
CA LYS A 65 6.44 7.55 0.52
C LYS A 65 5.97 7.35 -0.92
N TRP A 66 5.50 6.15 -1.28
CA TRP A 66 4.88 5.90 -2.57
C TRP A 66 3.74 6.90 -2.78
N LEU A 67 2.88 7.09 -1.78
CA LEU A 67 1.70 7.94 -1.91
C LEU A 67 2.16 9.38 -2.10
N ASN A 68 3.12 9.84 -1.29
CA ASN A 68 3.73 11.15 -1.44
C ASN A 68 4.26 11.34 -2.87
N ASP A 69 5.05 10.39 -3.36
CA ASP A 69 5.63 10.44 -4.70
C ASP A 69 4.53 10.52 -5.77
N ALA A 70 3.55 9.61 -5.68
CA ALA A 70 2.45 9.51 -6.63
C ALA A 70 1.59 10.78 -6.61
N GLU A 71 1.35 11.32 -5.41
CA GLU A 71 0.49 12.47 -5.16
C GLU A 71 -0.79 12.39 -5.97
N ASP A 1 -2.05 -0.19 18.75
CA ASP A 1 -1.15 0.45 17.80
C ASP A 1 -1.68 0.31 16.38
N LEU A 2 -2.03 -0.92 15.98
CA LEU A 2 -2.33 -1.22 14.59
C LEU A 2 -3.61 -0.52 14.10
N GLU A 3 -4.38 0.13 14.98
CA GLU A 3 -5.45 1.02 14.54
C GLU A 3 -4.89 2.07 13.58
N GLU A 4 -3.66 2.54 13.84
CA GLU A 4 -2.96 3.48 12.97
C GLU A 4 -2.74 2.85 11.60
N LEU A 5 -2.20 1.63 11.58
CA LEU A 5 -1.99 0.83 10.39
C LEU A 5 -3.32 0.65 9.65
N GLU A 6 -4.41 0.37 10.38
CA GLU A 6 -5.72 0.10 9.80
C GLU A 6 -6.21 1.35 9.08
N GLN A 7 -6.27 2.47 9.81
CA GLN A 7 -6.69 3.74 9.24
C GLN A 7 -5.84 4.06 8.02
N PHE A 8 -4.51 4.09 8.19
CA PHE A 8 -3.57 4.37 7.13
C PHE A 8 -3.86 3.47 5.90
N ALA A 9 -3.91 2.16 6.09
CA ALA A 9 -4.09 1.22 5.01
C ALA A 9 -5.42 1.46 4.30
N LYS A 10 -6.52 1.56 5.05
CA LYS A 10 -7.83 1.87 4.46
C LYS A 10 -7.82 3.24 3.77
N THR A 11 -6.98 4.17 4.22
CA THR A 11 -6.83 5.46 3.57
C THR A 11 -6.12 5.26 2.23
N PHE A 12 -5.05 4.47 2.22
CA PHE A 12 -4.37 4.09 1.00
C PHE A 12 -5.36 3.44 0.02
N LYS A 13 -6.22 2.55 0.53
CA LYS A 13 -7.29 1.94 -0.25
C LYS A 13 -8.19 3.04 -0.85
N GLN A 14 -8.71 3.94 -0.03
CA GLN A 14 -9.56 5.02 -0.51
C GLN A 14 -8.85 5.83 -1.60
N ARG A 15 -7.58 6.20 -1.38
CA ARG A 15 -6.79 6.85 -2.42
C ARG A 15 -6.80 6.02 -3.69
N ARG A 16 -6.51 4.72 -3.61
CA ARG A 16 -6.57 3.86 -4.79
C ARG A 16 -7.94 3.94 -5.47
N ILE A 17 -9.02 3.82 -4.70
CA ILE A 17 -10.37 3.92 -5.27
C ILE A 17 -10.52 5.24 -6.02
N LYS A 18 -10.25 6.38 -5.37
CA LYS A 18 -10.36 7.69 -6.01
C LYS A 18 -9.51 7.75 -7.28
N LEU A 19 -8.28 7.25 -7.23
CA LEU A 19 -7.34 7.27 -8.34
C LEU A 19 -7.70 6.21 -9.41
N GLY A 20 -8.57 5.24 -9.08
CA GLY A 20 -8.86 4.11 -9.95
C GLY A 20 -7.65 3.20 -10.09
N PHE A 21 -6.85 3.06 -9.03
CA PHE A 21 -5.63 2.28 -9.02
C PHE A 21 -5.92 0.84 -8.63
N THR A 22 -6.16 0.04 -9.67
CA THR A 22 -6.46 -1.38 -9.62
C THR A 22 -5.44 -2.11 -10.52
N GLN A 23 -5.68 -3.41 -10.74
CA GLN A 23 -4.87 -4.36 -11.48
C GLN A 23 -3.45 -4.46 -10.91
N GLY A 24 -2.65 -3.42 -11.13
CA GLY A 24 -1.36 -3.25 -10.50
C GLY A 24 -0.78 -1.88 -10.85
N ASP A 25 -1.61 -0.82 -10.89
CA ASP A 25 -1.11 0.52 -11.16
C ASP A 25 -0.05 0.89 -10.11
N VAL A 26 -0.45 0.80 -8.83
CA VAL A 26 0.47 0.94 -7.70
C VAL A 26 1.67 0.02 -7.92
N GLY A 27 1.42 -1.25 -8.25
CA GLY A 27 2.47 -2.23 -8.53
C GLY A 27 3.52 -1.73 -9.54
N LEU A 28 3.08 -1.12 -10.64
CA LEU A 28 3.99 -0.60 -11.67
C LEU A 28 4.86 0.51 -11.09
N ALA A 29 4.19 1.48 -10.44
CA ALA A 29 4.88 2.63 -9.85
C ALA A 29 5.87 2.19 -8.77
N MET A 30 5.41 1.39 -7.80
CA MET A 30 6.25 0.70 -6.82
C MET A 30 7.35 -0.07 -7.53
N GLY A 31 7.03 -0.68 -8.67
CA GLY A 31 7.96 -1.35 -9.57
C GLY A 31 9.16 -0.48 -9.87
N LYS A 32 8.90 0.69 -10.45
CA LYS A 32 9.96 1.64 -10.75
C LYS A 32 10.64 2.14 -9.47
N LEU A 33 9.86 2.37 -8.42
CA LEU A 33 10.29 3.07 -7.21
C LEU A 33 10.98 2.17 -6.16
N TYR A 34 10.72 0.86 -6.15
CA TYR A 34 11.20 -0.12 -5.18
C TYR A 34 11.39 -1.50 -5.85
N GLY A 35 10.27 -2.10 -6.28
CA GLY A 35 10.18 -3.48 -6.74
C GLY A 35 8.73 -3.79 -7.09
N ASN A 36 8.50 -4.54 -8.18
CA ASN A 36 7.18 -4.69 -8.77
C ASN A 36 6.34 -5.74 -8.05
N ASP A 37 6.06 -5.49 -6.78
CA ASP A 37 5.08 -6.25 -5.99
C ASP A 37 3.74 -5.52 -6.13
N PHE A 38 2.82 -5.65 -5.17
CA PHE A 38 1.62 -4.82 -5.07
C PHE A 38 0.72 -4.89 -6.31
N SER A 39 0.55 -6.08 -6.87
CA SER A 39 -0.42 -6.40 -7.91
C SER A 39 -1.82 -6.48 -7.26
N GLN A 40 -2.20 -5.47 -6.49
CA GLN A 40 -3.35 -5.46 -5.58
C GLN A 40 -3.17 -6.44 -4.41
N THR A 41 -2.65 -7.64 -4.65
CA THR A 41 -2.53 -8.74 -3.70
C THR A 41 -2.07 -8.29 -2.30
N THR A 42 -0.80 -7.89 -2.18
CA THR A 42 -0.21 -7.55 -0.90
C THR A 42 -0.88 -6.31 -0.30
N ILE A 43 -1.18 -5.33 -1.15
CA ILE A 43 -1.95 -4.13 -0.77
C ILE A 43 -3.29 -4.53 -0.14
N SER A 44 -3.98 -5.53 -0.68
CA SER A 44 -5.23 -6.02 -0.13
C SER A 44 -4.96 -6.71 1.21
N ARG A 45 -3.97 -7.60 1.27
CA ARG A 45 -3.61 -8.30 2.50
C ARG A 45 -3.20 -7.31 3.62
N PHE A 46 -2.58 -6.19 3.23
CA PHE A 46 -2.22 -5.07 4.07
C PHE A 46 -3.47 -4.35 4.56
N GLU A 47 -4.34 -3.97 3.62
CA GLU A 47 -5.63 -3.37 3.92
C GLU A 47 -6.54 -4.29 4.76
N ALA A 48 -6.31 -5.61 4.70
CA ALA A 48 -6.93 -6.60 5.59
C ALA A 48 -6.09 -6.86 6.85
N LEU A 49 -4.90 -6.26 6.95
CA LEU A 49 -3.97 -6.32 8.08
C LEU A 49 -3.64 -7.75 8.48
N ASN A 50 -3.43 -8.63 7.49
CA ASN A 50 -3.18 -10.05 7.77
C ASN A 50 -1.70 -10.42 7.69
N LEU A 51 -0.81 -9.52 7.25
CA LEU A 51 0.61 -9.86 7.06
C LEU A 51 1.39 -9.76 8.38
N SER A 52 0.84 -10.41 9.41
CA SER A 52 1.42 -10.67 10.74
C SER A 52 2.16 -9.50 11.39
N PHE A 53 1.76 -8.25 11.13
CA PHE A 53 2.41 -7.02 11.58
C PHE A 53 3.79 -6.80 10.92
N LYS A 54 4.66 -7.81 10.96
CA LYS A 54 6.03 -7.80 10.45
C LYS A 54 6.15 -7.03 9.13
N ASN A 55 5.33 -7.38 8.14
CA ASN A 55 5.40 -6.73 6.83
C ASN A 55 4.77 -5.36 6.92
N MET A 56 3.56 -5.32 7.50
CA MET A 56 2.70 -4.16 7.61
C MET A 56 3.50 -2.95 8.11
N CYS A 57 4.28 -3.15 9.17
CA CYS A 57 5.06 -2.11 9.80
C CYS A 57 6.07 -1.46 8.84
N LYS A 58 6.64 -2.23 7.91
CA LYS A 58 7.55 -1.69 6.89
C LYS A 58 6.75 -1.15 5.70
N LEU A 59 5.65 -1.83 5.39
CA LEU A 59 4.78 -1.51 4.27
C LEU A 59 4.15 -0.13 4.47
N LYS A 60 3.76 0.24 5.70
CA LYS A 60 3.23 1.58 5.96
C LYS A 60 4.17 2.69 5.46
N PRO A 61 5.39 2.86 5.99
CA PRO A 61 6.31 3.88 5.52
C PRO A 61 6.62 3.71 4.03
N LEU A 62 6.78 2.48 3.54
CA LEU A 62 6.98 2.21 2.11
C LEU A 62 5.87 2.88 1.27
N LEU A 63 4.60 2.62 1.60
CA LEU A 63 3.47 3.21 0.90
C LEU A 63 3.35 4.71 1.17
N GLU A 64 3.65 5.17 2.39
CA GLU A 64 3.66 6.59 2.70
C GLU A 64 4.62 7.31 1.76
N LYS A 65 5.85 6.79 1.64
CA LYS A 65 6.87 7.37 0.78
C LYS A 65 6.43 7.29 -0.68
N TRP A 66 5.85 6.16 -1.11
CA TRP A 66 5.22 6.08 -2.42
C TRP A 66 4.20 7.22 -2.62
N LEU A 67 3.33 7.44 -1.62
CA LEU A 67 2.29 8.44 -1.69
C LEU A 67 2.93 9.82 -1.86
N ASN A 68 3.89 10.15 -1.00
CA ASN A 68 4.63 11.40 -1.06
C ASN A 68 5.25 11.57 -2.45
N ASP A 69 5.92 10.53 -2.96
CA ASP A 69 6.57 10.55 -4.26
C ASP A 69 5.55 10.84 -5.37
N ALA A 70 4.46 10.07 -5.41
CA ALA A 70 3.38 10.27 -6.38
C ALA A 70 2.85 11.70 -6.28
N GLU A 71 2.56 12.16 -5.06
CA GLU A 71 2.23 13.54 -4.79
C GLU A 71 3.49 14.40 -4.98
N ASP A 1 1.03 -0.48 18.41
CA ASP A 1 -0.17 0.13 17.90
C ASP A 1 -0.40 -0.35 16.47
N LEU A 2 -1.47 -1.13 16.23
CA LEU A 2 -1.90 -1.45 14.87
C LEU A 2 -2.94 -0.46 14.36
N GLU A 3 -3.55 0.34 15.24
CA GLU A 3 -4.59 1.31 14.91
C GLU A 3 -4.17 2.16 13.71
N GLU A 4 -2.95 2.70 13.74
CA GLU A 4 -2.38 3.43 12.62
C GLU A 4 -2.36 2.55 11.36
N LEU A 5 -1.91 1.30 11.49
CA LEU A 5 -1.74 0.37 10.38
C LEU A 5 -3.07 0.12 9.68
N GLU A 6 -4.11 -0.28 10.42
CA GLU A 6 -5.39 -0.60 9.80
C GLU A 6 -5.96 0.62 9.07
N GLN A 7 -6.13 1.72 9.81
CA GLN A 7 -6.67 2.94 9.25
C GLN A 7 -5.85 3.36 8.03
N PHE A 8 -4.52 3.40 8.18
CA PHE A 8 -3.65 3.73 7.06
C PHE A 8 -3.88 2.81 5.88
N ALA A 9 -3.90 1.48 6.07
CA ALA A 9 -4.12 0.54 4.98
C ALA A 9 -5.43 0.84 4.23
N LYS A 10 -6.53 0.97 4.98
CA LYS A 10 -7.83 1.30 4.39
C LYS A 10 -7.76 2.66 3.67
N THR A 11 -7.04 3.62 4.26
CA THR A 11 -6.86 4.94 3.67
C THR A 11 -6.08 4.83 2.35
N PHE A 12 -5.01 4.04 2.33
CA PHE A 12 -4.19 3.79 1.16
C PHE A 12 -5.07 3.31 0.01
N LYS A 13 -5.94 2.33 0.27
CA LYS A 13 -6.89 1.88 -0.74
C LYS A 13 -7.83 3.01 -1.18
N GLN A 14 -8.38 3.79 -0.25
CA GLN A 14 -9.20 4.94 -0.65
C GLN A 14 -8.42 5.89 -1.55
N ARG A 15 -7.17 6.23 -1.21
CA ARG A 15 -6.34 7.07 -2.05
C ARG A 15 -6.12 6.43 -3.43
N ARG A 16 -5.83 5.13 -3.47
CA ARG A 16 -5.70 4.37 -4.71
C ARG A 16 -6.92 4.60 -5.60
N ILE A 17 -8.11 4.47 -5.02
CA ILE A 17 -9.36 4.72 -5.72
C ILE A 17 -9.42 6.18 -6.18
N LYS A 18 -9.18 7.16 -5.30
CA LYS A 18 -9.21 8.57 -5.66
C LYS A 18 -8.25 8.89 -6.81
N LEU A 19 -7.04 8.32 -6.81
CA LEU A 19 -6.06 8.47 -7.87
C LEU A 19 -6.51 7.77 -9.15
N GLY A 20 -7.55 6.92 -9.10
CA GLY A 20 -7.98 6.10 -10.22
C GLY A 20 -6.88 5.09 -10.58
N PHE A 21 -6.13 4.61 -9.59
CA PHE A 21 -5.07 3.65 -9.84
C PHE A 21 -5.71 2.28 -10.00
N THR A 22 -5.57 1.71 -11.19
CA THR A 22 -6.30 0.53 -11.64
C THR A 22 -5.63 -0.73 -11.09
N GLN A 23 -5.53 -0.80 -9.77
CA GLN A 23 -4.94 -1.89 -8.98
C GLN A 23 -3.50 -2.21 -9.40
N GLY A 24 -3.33 -2.89 -10.53
CA GLY A 24 -2.03 -3.20 -11.11
C GLY A 24 -1.16 -1.95 -11.28
N ASP A 25 -1.79 -0.78 -11.46
CA ASP A 25 -1.08 0.50 -11.49
C ASP A 25 -0.21 0.69 -10.25
N VAL A 26 -0.71 0.30 -9.07
CA VAL A 26 0.11 0.29 -7.86
C VAL A 26 1.32 -0.59 -8.10
N GLY A 27 1.11 -1.83 -8.53
CA GLY A 27 2.17 -2.75 -8.90
C GLY A 27 3.22 -2.08 -9.80
N LEU A 28 2.78 -1.43 -10.87
CA LEU A 28 3.67 -0.76 -11.82
C LEU A 28 4.51 0.32 -11.12
N ALA A 29 3.83 1.27 -10.49
CA ALA A 29 4.49 2.39 -9.84
C ALA A 29 5.42 1.91 -8.72
N MET A 30 4.97 0.97 -7.90
CA MET A 30 5.82 0.29 -6.93
C MET A 30 7.01 -0.34 -7.64
N GLY A 31 6.79 -0.98 -8.78
CA GLY A 31 7.82 -1.46 -9.69
C GLY A 31 8.89 -0.39 -9.91
N LYS A 32 8.47 0.78 -10.39
CA LYS A 32 9.39 1.89 -10.61
C LYS A 32 10.14 2.26 -9.32
N LEU A 33 9.42 2.47 -8.21
CA LEU A 33 10.02 3.07 -7.01
C LEU A 33 10.78 2.07 -6.11
N TYR A 34 10.43 0.78 -6.12
CA TYR A 34 10.97 -0.24 -5.22
C TYR A 34 11.09 -1.60 -5.93
N GLY A 35 9.95 -2.13 -6.38
CA GLY A 35 9.78 -3.48 -6.87
C GLY A 35 8.28 -3.77 -6.94
N ASN A 36 7.80 -4.40 -8.00
CA ASN A 36 6.37 -4.50 -8.32
C ASN A 36 5.63 -5.56 -7.49
N ASP A 37 5.98 -5.73 -6.22
CA ASP A 37 5.43 -6.82 -5.40
C ASP A 37 4.07 -6.44 -4.81
N PHE A 38 3.25 -5.73 -5.58
CA PHE A 38 2.01 -5.10 -5.12
C PHE A 38 1.03 -4.99 -6.27
N SER A 39 0.92 -6.05 -7.06
CA SER A 39 -0.10 -6.20 -8.08
C SER A 39 -1.47 -6.06 -7.39
N GLN A 40 -1.73 -6.98 -6.47
CA GLN A 40 -2.95 -7.03 -5.68
C GLN A 40 -2.72 -7.74 -4.35
N THR A 41 -2.07 -8.91 -4.37
CA THR A 41 -1.97 -9.82 -3.24
C THR A 41 -1.56 -9.15 -1.93
N THR A 42 -0.33 -8.65 -1.83
CA THR A 42 0.22 -8.07 -0.61
C THR A 42 -0.67 -6.94 -0.10
N ILE A 43 -1.02 -6.03 -1.00
CA ILE A 43 -1.92 -4.92 -0.75
C ILE A 43 -3.25 -5.40 -0.15
N SER A 44 -3.85 -6.42 -0.76
CA SER A 44 -5.08 -7.02 -0.23
C SER A 44 -4.83 -7.56 1.18
N ARG A 45 -3.76 -8.33 1.36
CA ARG A 45 -3.36 -8.86 2.65
C ARG A 45 -3.13 -7.74 3.67
N PHE A 46 -2.67 -6.56 3.24
CA PHE A 46 -2.52 -5.39 4.09
C PHE A 46 -3.88 -4.90 4.57
N GLU A 47 -4.80 -4.59 3.65
CA GLU A 47 -6.13 -4.15 4.04
C GLU A 47 -6.90 -5.24 4.81
N ALA A 48 -6.60 -6.52 4.58
CA ALA A 48 -7.14 -7.62 5.37
C ALA A 48 -6.39 -7.82 6.70
N LEU A 49 -5.29 -7.09 6.91
CA LEU A 49 -4.38 -7.17 8.04
C LEU A 49 -3.96 -8.61 8.36
N ASN A 50 -3.54 -9.33 7.32
CA ASN A 50 -3.00 -10.68 7.44
C ASN A 50 -1.51 -10.64 7.83
N LEU A 51 -0.79 -9.61 7.38
CA LEU A 51 0.67 -9.55 7.46
C LEU A 51 1.17 -9.11 8.84
N SER A 52 0.59 -9.69 9.91
CA SER A 52 0.70 -9.35 11.31
C SER A 52 1.93 -8.53 11.73
N PHE A 53 1.86 -7.20 11.61
CA PHE A 53 2.80 -6.21 12.10
C PHE A 53 4.14 -6.20 11.37
N LYS A 54 4.83 -7.35 11.37
CA LYS A 54 6.19 -7.51 10.87
C LYS A 54 6.40 -6.85 9.51
N ASN A 55 5.54 -7.14 8.54
CA ASN A 55 5.62 -6.51 7.23
C ASN A 55 5.10 -5.09 7.32
N MET A 56 3.94 -4.93 7.97
CA MET A 56 3.20 -3.69 8.06
C MET A 56 4.11 -2.52 8.43
N CYS A 57 5.00 -2.72 9.40
CA CYS A 57 5.87 -1.65 9.87
C CYS A 57 6.79 -1.11 8.77
N LYS A 58 7.16 -1.92 7.79
CA LYS A 58 7.91 -1.47 6.62
C LYS A 58 6.92 -0.93 5.58
N LEU A 59 5.87 -1.73 5.34
CA LEU A 59 4.84 -1.50 4.34
C LEU A 59 4.18 -0.12 4.51
N LYS A 60 3.91 0.31 5.74
CA LYS A 60 3.29 1.61 5.96
C LYS A 60 4.17 2.75 5.41
N PRO A 61 5.37 3.02 5.97
CA PRO A 61 6.24 4.06 5.43
C PRO A 61 6.51 3.87 3.94
N LEU A 62 6.71 2.63 3.50
CA LEU A 62 6.88 2.30 2.08
C LEU A 62 5.73 2.87 1.24
N LEU A 63 4.48 2.50 1.56
CA LEU A 63 3.33 2.96 0.81
C LEU A 63 3.06 4.45 1.02
N GLU A 64 3.32 4.99 2.21
CA GLU A 64 3.22 6.42 2.45
C GLU A 64 4.16 7.19 1.53
N LYS A 65 5.44 6.78 1.46
CA LYS A 65 6.42 7.46 0.62
C LYS A 65 5.99 7.31 -0.84
N TRP A 66 5.59 6.11 -1.26
CA TRP A 66 5.02 5.90 -2.58
C TRP A 66 3.90 6.89 -2.86
N LEU A 67 2.96 7.03 -1.91
CA LEU A 67 1.79 7.88 -2.07
C LEU A 67 2.26 9.32 -2.27
N ASN A 68 3.11 9.79 -1.37
CA ASN A 68 3.67 11.14 -1.45
C ASN A 68 4.33 11.37 -2.80
N ASP A 69 5.14 10.40 -3.26
CA ASP A 69 5.84 10.50 -4.53
C ASP A 69 4.85 10.62 -5.69
N ALA A 70 3.89 9.68 -5.75
CA ALA A 70 2.84 9.68 -6.77
C ALA A 70 2.10 11.02 -6.77
N GLU A 71 1.69 11.47 -5.59
CA GLU A 71 1.15 12.80 -5.37
C GLU A 71 2.28 13.82 -5.57
N ASP A 1 -0.57 0.28 18.02
CA ASP A 1 -0.04 0.92 16.82
C ASP A 1 -0.74 0.38 15.57
N LEU A 2 -1.00 -0.93 15.55
CA LEU A 2 -1.60 -1.65 14.42
C LEU A 2 -2.82 -0.90 13.85
N GLU A 3 -3.65 -0.32 14.72
CA GLU A 3 -4.78 0.51 14.34
C GLU A 3 -4.38 1.52 13.24
N GLU A 4 -3.26 2.20 13.42
CA GLU A 4 -2.75 3.17 12.46
C GLU A 4 -2.53 2.49 11.12
N LEU A 5 -1.87 1.32 11.11
CA LEU A 5 -1.54 0.57 9.90
C LEU A 5 -2.80 0.10 9.19
N GLU A 6 -3.74 -0.58 9.87
CA GLU A 6 -4.96 -1.02 9.19
C GLU A 6 -5.75 0.18 8.66
N GLN A 7 -6.05 1.15 9.53
CA GLN A 7 -6.83 2.32 9.11
C GLN A 7 -6.11 3.07 7.99
N PHE A 8 -4.80 3.23 8.08
CA PHE A 8 -3.99 3.75 6.99
C PHE A 8 -4.24 2.94 5.72
N ALA A 9 -4.14 1.61 5.79
CA ALA A 9 -4.39 0.76 4.62
C ALA A 9 -5.78 1.01 4.02
N LYS A 10 -6.82 1.06 4.87
CA LYS A 10 -8.17 1.39 4.43
C LYS A 10 -8.22 2.78 3.77
N THR A 11 -7.49 3.74 4.33
CA THR A 11 -7.37 5.06 3.74
C THR A 11 -6.68 4.95 2.37
N PHE A 12 -5.61 4.15 2.30
CA PHE A 12 -4.80 3.97 1.11
C PHE A 12 -5.65 3.39 -0.02
N LYS A 13 -6.48 2.37 0.28
CA LYS A 13 -7.48 1.89 -0.67
C LYS A 13 -8.29 3.06 -1.24
N GLN A 14 -8.85 3.91 -0.36
CA GLN A 14 -9.65 5.05 -0.80
C GLN A 14 -8.82 5.99 -1.69
N ARG A 15 -7.63 6.41 -1.24
CA ARG A 15 -6.78 7.28 -2.04
C ARG A 15 -6.49 6.68 -3.41
N ARG A 16 -6.09 5.40 -3.44
CA ARG A 16 -5.87 4.64 -4.65
C ARG A 16 -7.09 4.70 -5.57
N ILE A 17 -8.28 4.47 -5.01
CA ILE A 17 -9.53 4.57 -5.76
C ILE A 17 -9.70 6.00 -6.31
N LYS A 18 -9.48 7.04 -5.51
CA LYS A 18 -9.55 8.42 -5.98
C LYS A 18 -8.56 8.66 -7.14
N LEU A 19 -7.34 8.12 -7.04
CA LEU A 19 -6.37 8.17 -8.14
C LEU A 19 -6.83 7.36 -9.37
N GLY A 20 -7.86 6.52 -9.23
CA GLY A 20 -8.31 5.62 -10.28
C GLY A 20 -7.27 4.54 -10.55
N PHE A 21 -6.47 4.19 -9.55
CA PHE A 21 -5.36 3.25 -9.70
C PHE A 21 -5.86 1.84 -9.46
N THR A 22 -5.86 1.03 -10.51
CA THR A 22 -6.50 -0.28 -10.57
C THR A 22 -5.70 -1.37 -9.85
N GLN A 23 -5.05 -1.04 -8.73
CA GLN A 23 -4.12 -1.87 -7.98
C GLN A 23 -2.87 -2.23 -8.80
N GLY A 24 -3.03 -2.86 -9.96
CA GLY A 24 -1.96 -3.08 -10.93
C GLY A 24 -1.14 -1.82 -11.16
N ASP A 25 -1.80 -0.66 -11.26
CA ASP A 25 -1.13 0.63 -11.36
C ASP A 25 -0.15 0.83 -10.20
N VAL A 26 -0.62 0.64 -8.96
CA VAL A 26 0.24 0.72 -7.79
C VAL A 26 1.37 -0.29 -7.94
N GLY A 27 1.05 -1.52 -8.35
CA GLY A 27 2.03 -2.56 -8.65
C GLY A 27 3.16 -2.05 -9.55
N LEU A 28 2.80 -1.43 -10.68
CA LEU A 28 3.74 -0.91 -11.66
C LEU A 28 4.57 0.21 -11.07
N ALA A 29 3.90 1.19 -10.47
CA ALA A 29 4.55 2.33 -9.84
C ALA A 29 5.56 1.85 -8.78
N MET A 30 5.13 0.94 -7.92
CA MET A 30 6.00 0.25 -6.97
C MET A 30 7.15 -0.42 -7.70
N GLY A 31 6.85 -1.14 -8.78
CA GLY A 31 7.81 -1.69 -9.73
C GLY A 31 8.93 -0.70 -10.01
N LYS A 32 8.57 0.52 -10.40
CA LYS A 32 9.55 1.57 -10.64
C LYS A 32 10.27 2.01 -9.35
N LEU A 33 9.53 2.40 -8.31
CA LEU A 33 10.12 3.06 -7.15
C LEU A 33 10.90 2.13 -6.20
N TYR A 34 10.46 0.88 -6.03
CA TYR A 34 11.03 -0.07 -5.07
C TYR A 34 11.25 -1.44 -5.72
N GLY A 35 10.18 -2.01 -6.28
CA GLY A 35 10.13 -3.38 -6.77
C GLY A 35 8.66 -3.75 -6.94
N ASN A 36 8.33 -4.67 -7.85
CA ASN A 36 6.94 -4.93 -8.25
C ASN A 36 6.22 -5.82 -7.24
N ASP A 37 6.03 -5.29 -6.04
CA ASP A 37 5.12 -5.86 -5.05
C ASP A 37 3.78 -5.16 -5.26
N PHE A 38 2.75 -5.53 -4.50
CA PHE A 38 1.48 -4.81 -4.42
C PHE A 38 0.65 -4.93 -5.69
N SER A 39 0.90 -5.97 -6.50
CA SER A 39 0.03 -6.31 -7.61
C SER A 39 -1.22 -7.00 -7.05
N GLN A 40 -2.08 -6.19 -6.42
CA GLN A 40 -3.35 -6.58 -5.81
C GLN A 40 -3.15 -7.35 -4.51
N THR A 41 -2.65 -8.59 -4.62
CA THR A 41 -2.61 -9.57 -3.54
C THR A 41 -2.11 -8.96 -2.22
N THR A 42 -0.88 -8.44 -2.22
CA THR A 42 -0.26 -7.85 -1.04
C THR A 42 -1.04 -6.64 -0.51
N ILE A 43 -1.72 -5.88 -1.37
CA ILE A 43 -2.50 -4.72 -0.93
C ILE A 43 -3.79 -5.21 -0.25
N SER A 44 -4.42 -6.24 -0.80
CA SER A 44 -5.55 -6.89 -0.14
C SER A 44 -5.10 -7.42 1.22
N ARG A 45 -4.03 -8.22 1.24
CA ARG A 45 -3.49 -8.81 2.45
C ARG A 45 -3.11 -7.74 3.47
N PHE A 46 -2.48 -6.66 3.02
CA PHE A 46 -2.15 -5.49 3.84
C PHE A 46 -3.39 -5.00 4.56
N GLU A 47 -4.38 -4.58 3.77
CA GLU A 47 -5.58 -3.97 4.33
C GLU A 47 -6.34 -4.94 5.23
N ALA A 48 -6.36 -6.22 4.87
CA ALA A 48 -6.93 -7.28 5.71
C ALA A 48 -6.12 -7.54 6.99
N LEU A 49 -4.93 -6.95 7.14
CA LEU A 49 -3.98 -7.20 8.22
C LEU A 49 -3.61 -8.69 8.27
N ASN A 50 -3.43 -9.29 7.10
CA ASN A 50 -2.97 -10.66 6.96
C ASN A 50 -1.45 -10.74 7.15
N LEU A 51 -0.73 -9.69 6.73
CA LEU A 51 0.73 -9.66 6.78
C LEU A 51 1.22 -9.30 8.19
N SER A 52 0.62 -9.92 9.21
CA SER A 52 0.71 -9.68 10.64
C SER A 52 1.86 -8.79 11.13
N PHE A 53 1.72 -7.48 10.95
CA PHE A 53 2.60 -6.42 11.48
C PHE A 53 4.00 -6.40 10.86
N LYS A 54 4.72 -7.52 10.94
CA LYS A 54 6.12 -7.68 10.52
C LYS A 54 6.46 -6.94 9.23
N ASN A 55 5.71 -7.20 8.16
CA ASN A 55 5.89 -6.50 6.90
C ASN A 55 5.33 -5.09 7.04
N MET A 56 4.08 -5.04 7.48
CA MET A 56 3.25 -3.85 7.53
C MET A 56 3.95 -2.64 8.13
N CYS A 57 4.74 -2.83 9.17
CA CYS A 57 5.46 -1.75 9.81
C CYS A 57 6.49 -1.08 8.89
N LYS A 58 7.06 -1.84 7.95
CA LYS A 58 7.88 -1.29 6.88
C LYS A 58 6.98 -0.79 5.75
N LEU A 59 5.96 -1.58 5.42
CA LEU A 59 5.09 -1.36 4.28
C LEU A 59 4.32 -0.05 4.38
N LYS A 60 3.86 0.32 5.58
CA LYS A 60 3.23 1.62 5.81
C LYS A 60 4.13 2.78 5.36
N PRO A 61 5.29 3.05 6.00
CA PRO A 61 6.16 4.15 5.62
C PRO A 61 6.56 4.05 4.15
N LEU A 62 6.89 2.86 3.66
CA LEU A 62 7.11 2.61 2.24
C LEU A 62 5.95 3.15 1.40
N LEU A 63 4.70 2.84 1.73
CA LEU A 63 3.54 3.34 0.99
C LEU A 63 3.38 4.84 1.15
N GLU A 64 3.54 5.37 2.35
CA GLU A 64 3.47 6.81 2.58
C GLU A 64 4.47 7.53 1.66
N LYS A 65 5.72 7.06 1.64
CA LYS A 65 6.74 7.59 0.75
C LYS A 65 6.36 7.38 -0.72
N TRP A 66 5.88 6.20 -1.09
CA TRP A 66 5.39 5.94 -2.44
C TRP A 66 4.36 7.00 -2.84
N LEU A 67 3.36 7.24 -1.98
CA LEU A 67 2.26 8.14 -2.24
C LEU A 67 2.79 9.56 -2.40
N ASN A 68 3.64 10.00 -1.48
CA ASN A 68 4.34 11.28 -1.59
C ASN A 68 5.02 11.40 -2.95
N ASP A 69 5.88 10.43 -3.27
CA ASP A 69 6.71 10.45 -4.47
C ASP A 69 5.83 10.48 -5.72
N ALA A 70 4.77 9.68 -5.73
CA ALA A 70 3.76 9.66 -6.78
C ALA A 70 2.64 10.67 -6.51
N GLU A 71 2.95 11.79 -5.84
CA GLU A 71 1.97 12.79 -5.44
C GLU A 71 0.78 12.14 -4.73
N ASP A 1 0.73 0.83 15.13
CA ASP A 1 -0.10 -0.20 15.74
C ASP A 1 -1.02 -0.80 14.67
N LEU A 2 -1.46 -2.04 14.87
CA LEU A 2 -2.30 -2.75 13.92
C LEU A 2 -3.54 -1.94 13.55
N GLU A 3 -4.17 -1.27 14.51
CA GLU A 3 -5.36 -0.48 14.27
C GLU A 3 -5.06 0.59 13.19
N GLU A 4 -4.06 1.43 13.44
CA GLU A 4 -3.72 2.50 12.51
C GLU A 4 -3.25 1.95 11.17
N LEU A 5 -2.49 0.86 11.18
CA LEU A 5 -2.09 0.16 9.96
C LEU A 5 -3.32 -0.30 9.17
N GLU A 6 -4.33 -0.89 9.82
CA GLU A 6 -5.55 -1.34 9.17
C GLU A 6 -6.28 -0.12 8.58
N GLN A 7 -6.51 0.91 9.40
CA GLN A 7 -7.15 2.13 8.95
C GLN A 7 -6.42 2.70 7.74
N PHE A 8 -5.11 2.91 7.87
CA PHE A 8 -4.23 3.39 6.82
C PHE A 8 -4.39 2.53 5.56
N ALA A 9 -4.34 1.19 5.70
CA ALA A 9 -4.46 0.26 4.58
C ALA A 9 -5.79 0.45 3.85
N LYS A 10 -6.91 0.45 4.58
CA LYS A 10 -8.21 0.72 3.99
C LYS A 10 -8.21 2.10 3.32
N THR A 11 -7.67 3.09 4.01
CA THR A 11 -7.56 4.44 3.47
C THR A 11 -6.71 4.45 2.21
N PHE A 12 -5.71 3.56 2.10
CA PHE A 12 -4.91 3.41 0.91
C PHE A 12 -5.77 2.98 -0.29
N LYS A 13 -6.88 2.25 -0.06
CA LYS A 13 -7.85 1.99 -1.11
C LYS A 13 -8.52 3.29 -1.54
N GLN A 14 -9.02 4.07 -0.58
CA GLN A 14 -9.67 5.33 -0.88
C GLN A 14 -8.72 6.26 -1.64
N ARG A 15 -7.45 6.30 -1.22
CA ARG A 15 -6.42 7.09 -1.87
C ARG A 15 -6.12 6.56 -3.28
N ARG A 16 -6.00 5.24 -3.46
CA ARG A 16 -5.94 4.64 -4.80
C ARG A 16 -7.07 5.19 -5.66
N ILE A 17 -8.32 5.06 -5.20
CA ILE A 17 -9.48 5.55 -5.93
C ILE A 17 -9.31 7.04 -6.25
N LYS A 18 -8.98 7.86 -5.24
CA LYS A 18 -8.78 9.30 -5.43
C LYS A 18 -7.76 9.59 -6.52
N LEU A 19 -6.63 8.87 -6.52
CA LEU A 19 -5.60 9.02 -7.55
C LEU A 19 -6.03 8.45 -8.91
N GLY A 20 -7.15 7.73 -8.99
CA GLY A 20 -7.55 7.00 -10.17
C GLY A 20 -6.59 5.83 -10.45
N PHE A 21 -6.01 5.29 -9.38
CA PHE A 21 -5.13 4.12 -9.43
C PHE A 21 -5.93 2.86 -9.12
N THR A 22 -5.33 1.71 -9.40
CA THR A 22 -5.84 0.40 -9.06
C THR A 22 -4.64 -0.50 -8.77
N GLN A 23 -4.92 -1.74 -8.37
CA GLN A 23 -3.95 -2.67 -7.83
C GLN A 23 -2.80 -2.90 -8.79
N GLY A 24 -3.10 -3.23 -10.06
CA GLY A 24 -2.09 -3.43 -11.07
C GLY A 24 -1.20 -2.20 -11.24
N ASP A 25 -1.82 -1.02 -11.30
CA ASP A 25 -1.11 0.23 -11.52
C ASP A 25 -0.19 0.52 -10.32
N VAL A 26 -0.71 0.34 -9.10
CA VAL A 26 0.12 0.41 -7.91
C VAL A 26 1.28 -0.58 -8.01
N GLY A 27 1.00 -1.83 -8.39
CA GLY A 27 2.02 -2.84 -8.66
C GLY A 27 3.11 -2.29 -9.56
N LEU A 28 2.74 -1.74 -10.72
CA LEU A 28 3.67 -1.22 -11.71
C LEU A 28 4.51 -0.09 -11.13
N ALA A 29 3.83 0.92 -10.60
CA ALA A 29 4.47 2.09 -10.03
C ALA A 29 5.43 1.70 -8.90
N MET A 30 4.97 0.84 -7.99
CA MET A 30 5.81 0.27 -6.94
C MET A 30 6.99 -0.46 -7.57
N GLY A 31 6.75 -1.23 -8.63
CA GLY A 31 7.77 -1.82 -9.48
C GLY A 31 8.85 -0.82 -9.82
N LYS A 32 8.44 0.32 -10.40
CA LYS A 32 9.37 1.38 -10.78
C LYS A 32 10.14 1.92 -9.57
N LEU A 33 9.44 2.25 -8.49
CA LEU A 33 10.03 3.00 -7.37
C LEU A 33 10.75 2.11 -6.33
N TYR A 34 10.38 0.84 -6.21
CA TYR A 34 10.90 -0.09 -5.19
C TYR A 34 11.03 -1.50 -5.78
N GLY A 35 9.90 -2.11 -6.15
CA GLY A 35 9.80 -3.50 -6.55
C GLY A 35 8.32 -3.90 -6.64
N ASN A 36 7.98 -4.74 -7.61
CA ASN A 36 6.59 -5.07 -7.92
C ASN A 36 6.11 -6.15 -6.94
N ASP A 37 5.91 -5.76 -5.68
CA ASP A 37 5.40 -6.65 -4.64
C ASP A 37 3.96 -6.31 -4.27
N PHE A 38 3.18 -5.73 -5.19
CA PHE A 38 1.86 -5.17 -4.86
C PHE A 38 0.81 -5.39 -5.95
N SER A 39 1.00 -6.38 -6.82
CA SER A 39 -0.03 -6.80 -7.73
C SER A 39 -1.15 -7.47 -6.93
N GLN A 40 -2.06 -6.65 -6.40
CA GLN A 40 -3.24 -6.95 -5.60
C GLN A 40 -2.93 -7.72 -4.32
N THR A 41 -2.40 -8.93 -4.43
CA THR A 41 -2.10 -9.88 -3.36
C THR A 41 -1.69 -9.21 -2.04
N THR A 42 -0.50 -8.61 -2.00
CA THR A 42 0.08 -7.97 -0.82
C THR A 42 -0.80 -6.85 -0.28
N ILE A 43 -1.40 -6.06 -1.16
CA ILE A 43 -2.25 -4.94 -0.79
C ILE A 43 -3.57 -5.45 -0.19
N SER A 44 -4.09 -6.56 -0.72
CA SER A 44 -5.25 -7.23 -0.17
C SER A 44 -4.90 -7.78 1.22
N ARG A 45 -3.79 -8.51 1.32
CA ARG A 45 -3.26 -9.03 2.57
C ARG A 45 -3.03 -7.91 3.58
N PHE A 46 -2.59 -6.73 3.11
CA PHE A 46 -2.38 -5.55 3.94
C PHE A 46 -3.70 -5.14 4.59
N GLU A 47 -4.70 -4.83 3.76
CA GLU A 47 -6.03 -4.46 4.23
C GLU A 47 -6.62 -5.53 5.15
N ALA A 48 -6.46 -6.82 4.79
CA ALA A 48 -6.91 -7.93 5.63
C ALA A 48 -6.03 -8.13 6.88
N LEU A 49 -4.97 -7.34 7.03
CA LEU A 49 -3.92 -7.47 8.03
C LEU A 49 -3.49 -8.91 8.27
N ASN A 50 -3.17 -9.60 7.17
CA ASN A 50 -2.70 -10.98 7.16
C ASN A 50 -1.21 -11.05 7.53
N LEU A 51 -0.42 -10.16 6.95
CA LEU A 51 1.03 -10.13 7.12
C LEU A 51 1.41 -9.47 8.46
N SER A 52 0.90 -10.04 9.55
CA SER A 52 0.92 -9.56 10.93
C SER A 52 2.10 -8.65 11.32
N PHE A 53 1.90 -7.33 11.18
CA PHE A 53 2.75 -6.25 11.65
C PHE A 53 4.11 -6.16 10.94
N LYS A 54 4.91 -7.22 11.00
CA LYS A 54 6.29 -7.28 10.50
C LYS A 54 6.44 -6.63 9.12
N ASN A 55 5.59 -7.00 8.18
CA ASN A 55 5.57 -6.40 6.85
C ASN A 55 5.03 -4.98 6.95
N MET A 56 3.84 -4.87 7.55
CA MET A 56 3.04 -3.66 7.64
C MET A 56 3.86 -2.45 8.07
N CYS A 57 4.72 -2.64 9.07
CA CYS A 57 5.55 -1.58 9.62
C CYS A 57 6.48 -0.97 8.57
N LYS A 58 6.95 -1.77 7.61
CA LYS A 58 7.73 -1.27 6.48
C LYS A 58 6.77 -0.75 5.40
N LEU A 59 5.72 -1.52 5.14
CA LEU A 59 4.74 -1.24 4.10
C LEU A 59 4.08 0.13 4.27
N LYS A 60 3.72 0.51 5.50
CA LYS A 60 3.05 1.78 5.73
C LYS A 60 3.91 2.96 5.24
N PRO A 61 5.11 3.20 5.78
CA PRO A 61 5.97 4.27 5.28
C PRO A 61 6.29 4.08 3.79
N LEU A 62 6.51 2.84 3.33
CA LEU A 62 6.75 2.55 1.92
C LEU A 62 5.63 3.13 1.05
N LEU A 63 4.37 2.79 1.34
CA LEU A 63 3.23 3.31 0.61
C LEU A 63 3.06 4.80 0.84
N GLU A 64 3.29 5.29 2.05
CA GLU A 64 3.17 6.71 2.35
C GLU A 64 4.12 7.51 1.45
N LYS A 65 5.38 7.06 1.37
CA LYS A 65 6.38 7.69 0.51
C LYS A 65 5.98 7.55 -0.96
N TRP A 66 5.55 6.35 -1.38
CA TRP A 66 5.01 6.15 -2.73
C TRP A 66 3.93 7.19 -3.04
N LEU A 67 2.99 7.37 -2.10
CA LEU A 67 1.89 8.32 -2.23
C LEU A 67 2.45 9.72 -2.40
N ASN A 68 3.35 10.13 -1.51
CA ASN A 68 3.97 11.45 -1.58
C ASN A 68 4.62 11.66 -2.95
N ASP A 69 5.38 10.66 -3.43
CA ASP A 69 6.06 10.73 -4.72
C ASP A 69 5.06 10.88 -5.86
N ALA A 70 4.10 9.95 -5.94
CA ALA A 70 3.09 9.92 -6.99
C ALA A 70 2.29 11.22 -6.99
N GLU A 71 1.79 11.62 -5.83
CA GLU A 71 1.05 12.86 -5.63
C GLU A 71 2.06 14.01 -5.57
N ASP A 1 2.28 -0.01 16.28
CA ASP A 1 1.44 1.09 15.86
C ASP A 1 0.24 0.58 15.04
N LEU A 2 -0.27 -0.60 15.39
CA LEU A 2 -1.34 -1.26 14.65
C LEU A 2 -2.55 -0.35 14.45
N GLU A 3 -2.91 0.42 15.48
CA GLU A 3 -3.97 1.43 15.39
C GLU A 3 -3.76 2.36 14.18
N GLU A 4 -2.51 2.74 13.91
CA GLU A 4 -2.17 3.59 12.78
C GLU A 4 -2.14 2.75 11.51
N LEU A 5 -1.46 1.59 11.54
CA LEU A 5 -1.34 0.70 10.38
C LEU A 5 -2.70 0.35 9.79
N GLU A 6 -3.70 -0.02 10.60
CA GLU A 6 -5.01 -0.43 10.10
C GLU A 6 -5.69 0.70 9.35
N GLN A 7 -5.93 1.79 10.08
CA GLN A 7 -6.48 3.03 9.54
C GLN A 7 -5.73 3.41 8.25
N PHE A 8 -4.40 3.47 8.33
CA PHE A 8 -3.54 3.80 7.20
C PHE A 8 -3.82 2.88 6.01
N ALA A 9 -3.82 1.56 6.21
CA ALA A 9 -4.07 0.60 5.15
C ALA A 9 -5.42 0.89 4.46
N LYS A 10 -6.49 0.98 5.26
CA LYS A 10 -7.82 1.30 4.72
C LYS A 10 -7.79 2.63 3.95
N THR A 11 -7.17 3.65 4.56
CA THR A 11 -7.04 4.97 3.97
C THR A 11 -6.26 4.89 2.65
N PHE A 12 -5.22 4.05 2.60
CA PHE A 12 -4.42 3.83 1.42
C PHE A 12 -5.32 3.32 0.29
N LYS A 13 -6.14 2.31 0.58
CA LYS A 13 -7.12 1.81 -0.37
C LYS A 13 -8.06 2.93 -0.83
N GLN A 14 -8.67 3.65 0.12
CA GLN A 14 -9.59 4.74 -0.19
C GLN A 14 -8.93 5.75 -1.15
N ARG A 15 -7.75 6.25 -0.78
CA ARG A 15 -6.96 7.16 -1.58
C ARG A 15 -6.73 6.57 -2.97
N ARG A 16 -6.19 5.36 -3.05
CA ARG A 16 -5.82 4.80 -4.34
C ARG A 16 -7.06 4.60 -5.23
N ILE A 17 -8.21 4.22 -4.65
CA ILE A 17 -9.47 4.20 -5.36
C ILE A 17 -9.72 5.59 -5.96
N LYS A 18 -9.73 6.64 -5.13
CA LYS A 18 -9.98 8.00 -5.61
C LYS A 18 -9.00 8.39 -6.74
N LEU A 19 -7.72 8.03 -6.60
CA LEU A 19 -6.71 8.29 -7.62
C LEU A 19 -6.86 7.39 -8.86
N GLY A 20 -7.65 6.32 -8.78
CA GLY A 20 -7.72 5.30 -9.82
C GLY A 20 -6.43 4.47 -9.87
N PHE A 21 -5.65 4.46 -8.79
CA PHE A 21 -4.37 3.79 -8.70
C PHE A 21 -4.59 2.34 -8.30
N THR A 22 -5.07 1.58 -9.28
CA THR A 22 -5.50 0.20 -9.13
C THR A 22 -5.18 -0.58 -10.42
N GLN A 23 -5.72 -1.80 -10.51
CA GLN A 23 -5.53 -2.79 -11.55
C GLN A 23 -4.08 -3.27 -11.60
N GLY A 24 -3.16 -2.38 -11.96
CA GLY A 24 -1.73 -2.64 -11.94
C GLY A 24 -0.90 -1.40 -11.58
N ASP A 25 -1.51 -0.22 -11.45
CA ASP A 25 -0.79 1.04 -11.29
C ASP A 25 0.19 0.97 -10.12
N VAL A 26 -0.32 0.65 -8.92
CA VAL A 26 0.49 0.58 -7.72
C VAL A 26 1.61 -0.44 -7.92
N GLY A 27 1.28 -1.65 -8.37
CA GLY A 27 2.26 -2.67 -8.70
C GLY A 27 3.40 -2.11 -9.55
N LEU A 28 3.07 -1.47 -10.66
CA LEU A 28 4.04 -0.98 -11.64
C LEU A 28 4.91 0.12 -11.04
N ALA A 29 4.24 1.13 -10.47
CA ALA A 29 4.91 2.27 -9.87
C ALA A 29 5.84 1.81 -8.74
N MET A 30 5.33 0.96 -7.84
CA MET A 30 6.14 0.33 -6.81
C MET A 30 7.27 -0.46 -7.44
N GLY A 31 6.99 -1.17 -8.54
CA GLY A 31 7.97 -1.81 -9.41
C GLY A 31 9.16 -0.89 -9.66
N LYS A 32 8.89 0.30 -10.20
CA LYS A 32 9.93 1.28 -10.44
C LYS A 32 10.62 1.72 -9.13
N LEU A 33 9.84 2.13 -8.12
CA LEU A 33 10.39 2.78 -6.93
C LEU A 33 11.08 1.84 -5.93
N TYR A 34 10.65 0.57 -5.85
CA TYR A 34 11.08 -0.40 -4.85
C TYR A 34 11.16 -1.81 -5.48
N GLY A 35 10.03 -2.33 -5.93
CA GLY A 35 9.87 -3.69 -6.42
C GLY A 35 8.38 -3.98 -6.60
N ASN A 36 8.03 -4.79 -7.61
CA ASN A 36 6.63 -5.02 -7.98
C ASN A 36 6.05 -6.07 -7.04
N ASP A 37 5.82 -5.68 -5.79
CA ASP A 37 5.24 -6.55 -4.77
C ASP A 37 3.80 -6.13 -4.43
N PHE A 38 3.13 -5.38 -5.32
CA PHE A 38 1.85 -4.74 -4.99
C PHE A 38 0.88 -4.72 -6.16
N SER A 39 0.91 -5.74 -7.02
CA SER A 39 -0.11 -5.94 -8.03
C SER A 39 -1.41 -6.40 -7.34
N GLN A 40 -2.09 -5.46 -6.67
CA GLN A 40 -3.42 -5.59 -6.07
C GLN A 40 -3.43 -6.54 -4.86
N THR A 41 -3.10 -7.81 -5.09
CA THR A 41 -2.93 -8.89 -4.13
C THR A 41 -2.44 -8.40 -2.76
N THR A 42 -1.14 -8.10 -2.65
CA THR A 42 -0.49 -7.75 -1.40
C THR A 42 -1.17 -6.55 -0.72
N ILE A 43 -1.62 -5.57 -1.51
CA ILE A 43 -2.30 -4.40 -1.01
C ILE A 43 -3.65 -4.80 -0.41
N SER A 44 -4.40 -5.66 -1.10
CA SER A 44 -5.63 -6.22 -0.56
C SER A 44 -5.33 -6.96 0.75
N ARG A 45 -4.23 -7.73 0.76
CA ARG A 45 -3.78 -8.49 1.92
C ARG A 45 -3.36 -7.56 3.08
N PHE A 46 -2.81 -6.39 2.76
CA PHE A 46 -2.51 -5.32 3.70
C PHE A 46 -3.79 -4.82 4.34
N GLU A 47 -4.77 -4.42 3.52
CA GLU A 47 -6.07 -3.99 4.05
C GLU A 47 -6.76 -5.09 4.85
N ALA A 48 -6.64 -6.36 4.42
CA ALA A 48 -7.11 -7.50 5.20
C ALA A 48 -6.29 -7.69 6.50
N LEU A 49 -5.13 -7.03 6.58
CA LEU A 49 -4.24 -6.99 7.73
C LEU A 49 -3.77 -8.38 8.13
N ASN A 50 -3.41 -9.17 7.10
CA ASN A 50 -2.86 -10.51 7.29
C ASN A 50 -1.38 -10.45 7.68
N LEU A 51 -0.66 -9.43 7.21
CA LEU A 51 0.79 -9.31 7.30
C LEU A 51 1.38 -9.21 8.73
N SER A 52 0.56 -9.34 9.77
CA SER A 52 0.95 -9.50 11.16
C SER A 52 2.14 -8.63 11.59
N PHE A 53 2.00 -7.31 11.46
CA PHE A 53 2.92 -6.27 11.93
C PHE A 53 4.26 -6.22 11.19
N LYS A 54 5.01 -7.33 11.20
CA LYS A 54 6.38 -7.42 10.73
C LYS A 54 6.60 -6.74 9.38
N ASN A 55 5.78 -7.10 8.37
CA ASN A 55 5.89 -6.46 7.07
C ASN A 55 5.27 -5.06 7.13
N MET A 56 4.11 -4.96 7.79
CA MET A 56 3.32 -3.74 7.88
C MET A 56 4.19 -2.54 8.25
N CYS A 57 5.07 -2.71 9.23
CA CYS A 57 5.91 -1.64 9.72
C CYS A 57 6.84 -1.08 8.64
N LYS A 58 7.24 -1.90 7.66
CA LYS A 58 7.97 -1.43 6.49
C LYS A 58 6.99 -0.87 5.45
N LEU A 59 5.92 -1.64 5.22
CA LEU A 59 4.89 -1.39 4.22
C LEU A 59 4.26 0.00 4.39
N LYS A 60 3.93 0.40 5.63
CA LYS A 60 3.27 1.68 5.85
C LYS A 60 4.14 2.86 5.38
N PRO A 61 5.35 3.06 5.91
CA PRO A 61 6.23 4.11 5.41
C PRO A 61 6.53 3.92 3.91
N LEU A 62 6.77 2.69 3.45
CA LEU A 62 6.96 2.40 2.03
C LEU A 62 5.83 3.02 1.18
N LEU A 63 4.58 2.71 1.52
CA LEU A 63 3.44 3.22 0.79
C LEU A 63 3.27 4.72 1.01
N GLU A 64 3.56 5.22 2.21
CA GLU A 64 3.54 6.66 2.47
C GLU A 64 4.47 7.37 1.49
N LYS A 65 5.71 6.89 1.35
CA LYS A 65 6.68 7.46 0.42
C LYS A 65 6.16 7.33 -1.00
N TRP A 66 5.69 6.15 -1.40
CA TRP A 66 5.06 5.97 -2.71
C TRP A 66 4.00 7.04 -2.96
N LEU A 67 3.09 7.25 -2.00
CA LEU A 67 1.97 8.16 -2.17
C LEU A 67 2.51 9.59 -2.32
N ASN A 68 3.43 9.99 -1.43
CA ASN A 68 4.07 11.29 -1.48
C ASN A 68 4.74 11.52 -2.84
N ASP A 69 5.42 10.50 -3.36
CA ASP A 69 6.06 10.60 -4.67
C ASP A 69 5.02 10.72 -5.79
N ALA A 70 4.04 9.82 -5.79
CA ALA A 70 3.10 9.67 -6.90
C ALA A 70 2.08 10.81 -6.94
N GLU A 71 1.40 11.07 -5.83
CA GLU A 71 0.25 11.96 -5.73
C GLU A 71 -0.61 11.93 -7.00
N ASP A 1 0.84 0.28 17.44
CA ASP A 1 1.37 0.70 16.15
C ASP A 1 0.37 0.36 15.06
N LEU A 2 -0.20 -0.85 15.13
CA LEU A 2 -1.15 -1.37 14.16
C LEU A 2 -2.27 -0.36 13.90
N GLU A 3 -2.70 0.34 14.95
CA GLU A 3 -3.69 1.41 14.91
C GLU A 3 -3.37 2.43 13.81
N GLU A 4 -2.10 2.77 13.63
CA GLU A 4 -1.66 3.68 12.58
C GLU A 4 -1.65 2.93 11.24
N LEU A 5 -1.01 1.76 11.21
CA LEU A 5 -0.77 1.01 9.98
C LEU A 5 -2.09 0.67 9.27
N GLU A 6 -3.09 0.20 10.00
CA GLU A 6 -4.35 -0.26 9.44
C GLU A 6 -5.10 0.91 8.77
N GLN A 7 -5.35 1.95 9.56
CA GLN A 7 -5.91 3.22 9.11
C GLN A 7 -5.15 3.72 7.88
N PHE A 8 -3.82 3.84 7.99
CA PHE A 8 -2.99 4.26 6.87
C PHE A 8 -3.29 3.39 5.64
N ALA A 9 -3.22 2.07 5.80
CA ALA A 9 -3.48 1.14 4.71
C ALA A 9 -4.84 1.43 4.08
N LYS A 10 -5.90 1.51 4.88
CA LYS A 10 -7.25 1.82 4.40
C LYS A 10 -7.31 3.22 3.75
N THR A 11 -6.46 4.14 4.17
CA THR A 11 -6.35 5.45 3.52
C THR A 11 -5.71 5.26 2.14
N PHE A 12 -4.66 4.44 2.06
CA PHE A 12 -4.03 4.05 0.81
C PHE A 12 -5.07 3.39 -0.12
N LYS A 13 -5.93 2.53 0.42
CA LYS A 13 -7.05 1.97 -0.32
C LYS A 13 -7.91 3.10 -0.90
N GLN A 14 -8.40 4.00 -0.06
CA GLN A 14 -9.27 5.10 -0.53
C GLN A 14 -8.58 5.92 -1.62
N ARG A 15 -7.30 6.27 -1.41
CA ARG A 15 -6.49 6.95 -2.41
C ARG A 15 -6.51 6.17 -3.73
N ARG A 16 -6.17 4.87 -3.67
CA ARG A 16 -6.17 4.01 -4.84
C ARG A 16 -7.53 4.07 -5.54
N ILE A 17 -8.61 3.77 -4.80
CA ILE A 17 -9.96 3.74 -5.32
C ILE A 17 -10.25 5.05 -6.04
N LYS A 18 -10.00 6.19 -5.39
CA LYS A 18 -10.24 7.50 -5.97
C LYS A 18 -9.51 7.66 -7.31
N LEU A 19 -8.27 7.17 -7.40
CA LEU A 19 -7.49 7.23 -8.65
C LEU A 19 -7.76 6.04 -9.58
N GLY A 20 -8.59 5.08 -9.19
CA GLY A 20 -8.82 3.85 -9.94
C GLY A 20 -7.58 2.96 -10.02
N PHE A 21 -6.66 3.08 -9.06
CA PHE A 21 -5.42 2.31 -9.05
C PHE A 21 -5.73 0.92 -8.53
N THR A 22 -5.81 -0.02 -9.48
CA THR A 22 -6.40 -1.33 -9.27
C THR A 22 -5.70 -2.34 -10.16
N GLN A 23 -5.89 -2.21 -11.48
CA GLN A 23 -5.25 -2.93 -12.56
C GLN A 23 -3.78 -3.27 -12.27
N GLY A 24 -3.03 -2.29 -11.73
CA GLY A 24 -1.64 -2.45 -11.33
C GLY A 24 -0.82 -1.17 -11.49
N ASP A 25 -1.48 0.00 -11.53
CA ASP A 25 -0.80 1.29 -11.60
C ASP A 25 0.27 1.39 -10.49
N VAL A 26 -0.18 1.24 -9.24
CA VAL A 26 0.71 1.22 -8.09
C VAL A 26 1.76 0.12 -8.30
N GLY A 27 1.33 -1.07 -8.73
CA GLY A 27 2.24 -2.18 -9.01
C GLY A 27 3.42 -1.79 -9.89
N LEU A 28 3.15 -1.11 -11.00
CA LEU A 28 4.18 -0.65 -11.93
C LEU A 28 5.11 0.32 -11.22
N ALA A 29 4.52 1.38 -10.66
CA ALA A 29 5.28 2.43 -9.98
C ALA A 29 6.19 1.84 -8.90
N MET A 30 5.61 1.08 -7.98
CA MET A 30 6.32 0.35 -6.95
C MET A 30 7.38 -0.55 -7.56
N GLY A 31 7.04 -1.24 -8.64
CA GLY A 31 7.94 -1.99 -9.49
C GLY A 31 9.22 -1.20 -9.78
N LYS A 32 9.06 0.01 -10.31
CA LYS A 32 10.20 0.86 -10.63
C LYS A 32 10.93 1.33 -9.35
N LEU A 33 10.20 1.85 -8.37
CA LEU A 33 10.79 2.53 -7.22
C LEU A 33 11.44 1.56 -6.22
N TYR A 34 10.88 0.36 -6.04
CA TYR A 34 11.29 -0.59 -5.01
C TYR A 34 11.41 -2.00 -5.61
N GLY A 35 10.29 -2.52 -6.14
CA GLY A 35 10.14 -3.89 -6.58
C GLY A 35 8.66 -4.20 -6.71
N ASN A 36 8.27 -5.04 -7.67
CA ASN A 36 6.88 -5.23 -8.02
C ASN A 36 6.19 -6.22 -7.07
N ASP A 37 6.01 -5.78 -5.83
CA ASP A 37 5.12 -6.43 -4.87
C ASP A 37 3.90 -5.50 -4.78
N PHE A 38 3.16 -5.52 -3.67
CA PHE A 38 2.14 -4.55 -3.35
C PHE A 38 0.97 -4.64 -4.34
N SER A 39 1.14 -4.01 -5.52
CA SER A 39 0.31 -4.03 -6.71
C SER A 39 -1.19 -3.88 -6.47
N GLN A 40 -1.82 -4.93 -5.95
CA GLN A 40 -3.23 -4.95 -5.62
C GLN A 40 -3.44 -6.08 -4.61
N THR A 41 -2.94 -7.28 -4.89
CA THR A 41 -3.04 -8.44 -4.02
C THR A 41 -2.46 -8.15 -2.64
N THR A 42 -1.14 -8.05 -2.54
CA THR A 42 -0.44 -7.77 -1.30
C THR A 42 -0.94 -6.48 -0.65
N ILE A 43 -1.25 -5.46 -1.46
CA ILE A 43 -1.90 -4.24 -0.99
C ILE A 43 -3.24 -4.54 -0.30
N SER A 44 -4.05 -5.42 -0.87
CA SER A 44 -5.28 -5.87 -0.22
C SER A 44 -4.96 -6.64 1.06
N ARG A 45 -3.96 -7.53 1.04
CA ARG A 45 -3.53 -8.24 2.25
C ARG A 45 -3.18 -7.24 3.37
N PHE A 46 -2.40 -6.22 3.02
CA PHE A 46 -2.04 -5.12 3.92
C PHE A 46 -3.29 -4.44 4.47
N GLU A 47 -4.12 -3.94 3.57
CA GLU A 47 -5.36 -3.24 3.90
C GLU A 47 -6.29 -4.08 4.79
N ALA A 48 -6.36 -5.40 4.55
CA ALA A 48 -7.13 -6.34 5.35
C ALA A 48 -6.41 -6.72 6.65
N LEU A 49 -5.16 -6.31 6.83
CA LEU A 49 -4.30 -6.66 7.95
C LEU A 49 -4.15 -8.18 8.06
N ASN A 50 -3.86 -8.81 6.93
CA ASN A 50 -3.58 -10.24 6.85
C ASN A 50 -2.15 -10.50 7.32
N LEU A 51 -1.22 -9.72 6.79
CA LEU A 51 0.16 -9.70 7.25
C LEU A 51 0.17 -9.07 8.64
N SER A 52 0.17 -9.88 9.69
CA SER A 52 0.07 -9.42 11.07
C SER A 52 1.33 -8.68 11.50
N PHE A 53 1.44 -7.39 11.13
CA PHE A 53 2.49 -6.45 11.52
C PHE A 53 3.82 -6.68 10.79
N LYS A 54 4.28 -7.93 10.77
CA LYS A 54 5.61 -8.37 10.31
C LYS A 54 6.12 -7.52 9.13
N ASN A 55 5.39 -7.58 8.02
CA ASN A 55 5.73 -6.86 6.81
C ASN A 55 5.30 -5.40 6.94
N MET A 56 4.08 -5.19 7.46
CA MET A 56 3.42 -3.90 7.57
C MET A 56 4.37 -2.82 8.06
N CYS A 57 5.16 -3.12 9.09
CA CYS A 57 6.05 -2.12 9.65
C CYS A 57 7.08 -1.59 8.64
N LYS A 58 7.53 -2.45 7.73
CA LYS A 58 8.41 -2.06 6.63
C LYS A 58 7.59 -1.40 5.53
N LEU A 59 6.45 -2.02 5.22
CA LEU A 59 5.60 -1.70 4.08
C LEU A 59 4.90 -0.35 4.22
N LYS A 60 4.51 0.01 5.44
CA LYS A 60 3.83 1.27 5.71
C LYS A 60 4.66 2.48 5.28
N PRO A 61 5.86 2.73 5.83
CA PRO A 61 6.67 3.87 5.41
C PRO A 61 6.98 3.80 3.90
N LEU A 62 7.28 2.60 3.40
CA LEU A 62 7.50 2.34 1.99
C LEU A 62 6.34 2.88 1.13
N LEU A 63 5.09 2.52 1.45
CA LEU A 63 3.94 3.04 0.75
C LEU A 63 3.69 4.52 1.07
N GLU A 64 3.98 4.96 2.30
CA GLU A 64 3.82 6.35 2.68
C GLU A 64 4.66 7.22 1.74
N LYS A 65 5.92 6.83 1.52
CA LYS A 65 6.79 7.55 0.59
C LYS A 65 6.17 7.57 -0.80
N TRP A 66 5.70 6.41 -1.30
CA TRP A 66 4.99 6.36 -2.57
C TRP A 66 3.86 7.39 -2.58
N LEU A 67 3.04 7.42 -1.53
CA LEU A 67 1.90 8.31 -1.45
C LEU A 67 2.36 9.77 -1.46
N ASN A 68 3.41 10.09 -0.70
CA ASN A 68 4.01 11.42 -0.70
C ASN A 68 4.47 11.79 -2.11
N ASP A 69 5.06 10.85 -2.86
CA ASP A 69 5.53 11.11 -4.21
C ASP A 69 4.35 11.34 -5.15
N ALA A 70 3.39 10.40 -5.15
CA ALA A 70 2.28 10.36 -6.10
C ALA A 70 1.24 11.44 -5.82
N GLU A 71 1.01 11.76 -4.54
CA GLU A 71 -0.01 12.69 -4.08
C GLU A 71 -1.36 12.36 -4.71
N ASP A 1 1.39 3.60 15.52
CA ASP A 1 0.85 2.46 16.25
C ASP A 1 -0.01 1.64 15.28
N LEU A 2 -0.28 0.38 15.62
CA LEU A 2 -1.14 -0.49 14.81
C LEU A 2 -2.48 0.18 14.52
N GLU A 3 -3.07 0.86 15.51
CA GLU A 3 -4.29 1.64 15.33
C GLU A 3 -4.16 2.61 14.16
N GLU A 4 -3.01 3.28 14.03
CA GLU A 4 -2.75 4.20 12.94
C GLU A 4 -2.49 3.41 11.66
N LEU A 5 -1.79 2.28 11.75
CA LEU A 5 -1.51 1.43 10.59
C LEU A 5 -2.80 0.94 9.93
N GLU A 6 -3.79 0.44 10.70
CA GLU A 6 -5.05 0.01 10.10
C GLU A 6 -5.72 1.16 9.33
N GLN A 7 -6.01 2.25 10.06
CA GLN A 7 -6.57 3.46 9.49
C GLN A 7 -5.82 3.86 8.20
N PHE A 8 -4.50 3.98 8.30
CA PHE A 8 -3.62 4.29 7.20
C PHE A 8 -3.83 3.33 6.02
N ALA A 9 -3.83 2.02 6.27
CA ALA A 9 -4.03 1.02 5.23
C ALA A 9 -5.37 1.24 4.53
N LYS A 10 -6.47 1.31 5.29
CA LYS A 10 -7.79 1.57 4.73
C LYS A 10 -7.80 2.87 3.93
N THR A 11 -7.18 3.91 4.46
CA THR A 11 -7.09 5.21 3.80
C THR A 11 -6.35 5.05 2.47
N PHE A 12 -5.21 4.35 2.49
CA PHE A 12 -4.40 4.11 1.31
C PHE A 12 -5.25 3.46 0.22
N LYS A 13 -6.02 2.43 0.56
CA LYS A 13 -6.93 1.81 -0.41
C LYS A 13 -7.91 2.84 -0.98
N GLN A 14 -8.54 3.64 -0.12
CA GLN A 14 -9.44 4.69 -0.59
C GLN A 14 -8.72 5.64 -1.55
N ARG A 15 -7.51 6.07 -1.23
CA ARG A 15 -6.72 6.89 -2.15
C ARG A 15 -6.47 6.15 -3.47
N ARG A 16 -6.08 4.87 -3.40
CA ARG A 16 -5.84 4.05 -4.58
C ARG A 16 -7.08 4.03 -5.48
N ILE A 17 -8.25 3.82 -4.88
CA ILE A 17 -9.53 3.86 -5.58
C ILE A 17 -9.75 5.25 -6.18
N LYS A 18 -9.59 6.32 -5.38
CA LYS A 18 -9.75 7.70 -5.84
C LYS A 18 -8.89 7.95 -7.08
N LEU A 19 -7.62 7.54 -7.03
CA LEU A 19 -6.69 7.68 -8.14
C LEU A 19 -7.06 6.80 -9.34
N GLY A 20 -7.99 5.85 -9.17
CA GLY A 20 -8.34 4.89 -10.20
C GLY A 20 -7.17 3.95 -10.49
N PHE A 21 -6.38 3.64 -9.46
CA PHE A 21 -5.16 2.84 -9.60
C PHE A 21 -5.50 1.37 -9.37
N THR A 22 -6.01 0.76 -10.44
CA THR A 22 -6.53 -0.59 -10.48
C THR A 22 -5.59 -1.47 -11.30
N GLN A 23 -5.98 -2.72 -11.51
CA GLN A 23 -5.25 -3.80 -12.15
C GLN A 23 -3.96 -4.09 -11.39
N GLY A 24 -3.00 -3.17 -11.47
CA GLY A 24 -1.81 -3.14 -10.66
C GLY A 24 -1.04 -1.84 -10.87
N ASP A 25 -1.74 -0.70 -11.03
CA ASP A 25 -1.05 0.58 -11.24
C ASP A 25 -0.09 0.88 -10.09
N VAL A 26 -0.60 0.80 -8.85
CA VAL A 26 0.25 0.88 -7.66
C VAL A 26 1.41 -0.10 -7.78
N GLY A 27 1.13 -1.34 -8.17
CA GLY A 27 2.16 -2.36 -8.35
C GLY A 27 3.26 -1.92 -9.29
N LEU A 28 2.90 -1.35 -10.44
CA LEU A 28 3.85 -0.87 -11.44
C LEU A 28 4.69 0.27 -10.85
N ALA A 29 4.01 1.26 -10.29
CA ALA A 29 4.67 2.40 -9.68
C ALA A 29 5.62 1.96 -8.57
N MET A 30 5.17 1.05 -7.70
CA MET A 30 6.00 0.40 -6.69
C MET A 30 7.17 -0.32 -7.37
N GLY A 31 6.91 -0.98 -8.48
CA GLY A 31 7.91 -1.54 -9.39
C GLY A 31 9.02 -0.54 -9.64
N LYS A 32 8.67 0.64 -10.15
CA LYS A 32 9.64 1.69 -10.40
C LYS A 32 10.37 2.11 -9.12
N LEU A 33 9.62 2.44 -8.05
CA LEU A 33 10.21 3.08 -6.87
C LEU A 33 10.92 2.13 -5.89
N TYR A 34 10.54 0.85 -5.85
CA TYR A 34 11.04 -0.13 -4.88
C TYR A 34 11.21 -1.52 -5.53
N GLY A 35 10.10 -2.10 -5.98
CA GLY A 35 10.02 -3.49 -6.44
C GLY A 35 8.55 -3.80 -6.76
N ASN A 36 8.30 -4.63 -7.77
CA ASN A 36 6.96 -4.81 -8.33
C ASN A 36 6.10 -5.79 -7.52
N ASP A 37 5.96 -5.48 -6.23
CA ASP A 37 5.00 -6.11 -5.33
C ASP A 37 3.69 -5.31 -5.45
N PHE A 38 2.66 -5.62 -4.67
CA PHE A 38 1.47 -4.78 -4.56
C PHE A 38 0.63 -4.77 -5.84
N SER A 39 0.50 -5.93 -6.49
CA SER A 39 -0.38 -6.16 -7.62
C SER A 39 -1.84 -6.25 -7.13
N GLN A 40 -2.30 -5.26 -6.36
CA GLN A 40 -3.57 -5.24 -5.63
C GLN A 40 -3.64 -6.29 -4.52
N THR A 41 -3.22 -7.54 -4.76
CA THR A 41 -3.14 -8.64 -3.82
C THR A 41 -2.55 -8.19 -2.47
N THR A 42 -1.26 -7.86 -2.47
CA THR A 42 -0.52 -7.52 -1.27
C THR A 42 -1.14 -6.32 -0.54
N ILE A 43 -1.67 -5.36 -1.30
CA ILE A 43 -2.39 -4.22 -0.76
C ILE A 43 -3.67 -4.70 -0.06
N SER A 44 -4.43 -5.58 -0.70
CA SER A 44 -5.60 -6.19 -0.06
C SER A 44 -5.19 -6.89 1.24
N ARG A 45 -4.10 -7.66 1.22
CA ARG A 45 -3.54 -8.27 2.42
C ARG A 45 -3.21 -7.21 3.49
N PHE A 46 -2.64 -6.07 3.09
CA PHE A 46 -2.35 -4.97 4.00
C PHE A 46 -3.64 -4.49 4.67
N GLU A 47 -4.66 -4.19 3.87
CA GLU A 47 -5.95 -3.76 4.41
C GLU A 47 -6.65 -4.85 5.23
N ALA A 48 -6.38 -6.12 4.94
CA ALA A 48 -6.82 -7.22 5.79
C ALA A 48 -5.94 -7.35 7.05
N LEU A 49 -4.84 -6.61 7.12
CA LEU A 49 -3.81 -6.71 8.15
C LEU A 49 -3.35 -8.16 8.29
N ASN A 50 -3.19 -8.83 7.16
CA ASN A 50 -2.90 -10.26 7.06
C ASN A 50 -1.42 -10.55 7.32
N LEU A 51 -0.54 -9.68 6.82
CA LEU A 51 0.91 -9.93 6.78
C LEU A 51 1.60 -9.66 8.12
N SER A 52 1.11 -10.35 9.16
CA SER A 52 1.62 -10.52 10.52
C SER A 52 2.59 -9.46 11.03
N PHE A 53 2.22 -8.18 10.96
CA PHE A 53 2.94 -7.01 11.47
C PHE A 53 4.28 -6.75 10.76
N LYS A 54 5.19 -7.73 10.75
CA LYS A 54 6.54 -7.65 10.22
C LYS A 54 6.63 -6.85 8.91
N ASN A 55 5.80 -7.23 7.93
CA ASN A 55 5.75 -6.54 6.65
C ASN A 55 5.06 -5.19 6.83
N MET A 56 3.82 -5.27 7.34
CA MET A 56 2.87 -4.18 7.49
C MET A 56 3.54 -2.91 8.07
N CYS A 57 4.37 -3.10 9.10
CA CYS A 57 5.05 -2.01 9.78
C CYS A 57 6.04 -1.27 8.88
N LYS A 58 6.66 -1.98 7.92
CA LYS A 58 7.49 -1.35 6.90
C LYS A 58 6.59 -0.82 5.78
N LEU A 59 5.53 -1.57 5.47
CA LEU A 59 4.61 -1.26 4.39
C LEU A 59 3.97 0.12 4.59
N LYS A 60 3.60 0.48 5.83
CA LYS A 60 3.09 1.83 6.10
C LYS A 60 4.02 2.94 5.57
N PRO A 61 5.23 3.13 6.13
CA PRO A 61 6.15 4.16 5.63
C PRO A 61 6.48 3.95 4.16
N LEU A 62 6.64 2.71 3.70
CA LEU A 62 6.88 2.41 2.29
C LEU A 62 5.81 3.04 1.39
N LEU A 63 4.52 2.78 1.67
CA LEU A 63 3.44 3.37 0.90
C LEU A 63 3.35 4.87 1.14
N GLU A 64 3.59 5.33 2.37
CA GLU A 64 3.56 6.76 2.66
C GLU A 64 4.56 7.49 1.76
N LYS A 65 5.80 7.01 1.71
CA LYS A 65 6.84 7.60 0.88
C LYS A 65 6.50 7.44 -0.61
N TRP A 66 6.02 6.27 -1.02
CA TRP A 66 5.52 6.07 -2.37
C TRP A 66 4.52 7.16 -2.74
N LEU A 67 3.53 7.40 -1.87
CA LEU A 67 2.49 8.39 -2.09
C LEU A 67 3.13 9.77 -2.19
N ASN A 68 3.97 10.12 -1.20
CA ASN A 68 4.68 11.40 -1.15
C ASN A 68 5.44 11.65 -2.46
N ASP A 69 6.06 10.61 -3.04
CA ASP A 69 6.75 10.72 -4.31
C ASP A 69 5.75 10.88 -5.46
N ALA A 70 4.78 9.97 -5.54
CA ALA A 70 3.86 9.84 -6.66
C ALA A 70 2.95 11.06 -6.81
N GLU A 71 2.43 11.58 -5.70
CA GLU A 71 1.49 12.70 -5.67
C GLU A 71 0.37 12.47 -6.70
N ASP A 1 0.60 0.83 16.90
CA ASP A 1 0.86 1.34 15.55
C ASP A 1 -0.15 0.77 14.56
N LEU A 2 -0.67 -0.43 14.82
CA LEU A 2 -1.70 -1.07 14.02
C LEU A 2 -2.84 -0.09 13.73
N GLU A 3 -3.21 0.73 14.72
CA GLU A 3 -4.18 1.80 14.61
C GLU A 3 -3.89 2.71 13.41
N GLU A 4 -2.61 3.08 13.23
CA GLU A 4 -2.19 3.86 12.08
C GLU A 4 -2.29 3.00 10.83
N LEU A 5 -1.71 1.80 10.86
CA LEU A 5 -1.64 0.91 9.70
C LEU A 5 -3.03 0.67 9.10
N GLU A 6 -4.04 0.33 9.90
CA GLU A 6 -5.37 0.03 9.37
C GLU A 6 -5.94 1.23 8.62
N GLN A 7 -6.11 2.33 9.34
CA GLN A 7 -6.63 3.57 8.79
C GLN A 7 -5.85 3.94 7.53
N PHE A 8 -4.51 3.99 7.63
CA PHE A 8 -3.64 4.28 6.51
C PHE A 8 -3.92 3.36 5.34
N ALA A 9 -3.98 2.04 5.55
CA ALA A 9 -4.18 1.06 4.49
C ALA A 9 -5.52 1.29 3.79
N LYS A 10 -6.61 1.36 4.56
CA LYS A 10 -7.94 1.64 4.02
C LYS A 10 -7.91 2.95 3.23
N THR A 11 -7.30 3.98 3.82
CA THR A 11 -7.20 5.30 3.21
C THR A 11 -6.38 5.23 1.92
N PHE A 12 -5.32 4.43 1.90
CA PHE A 12 -4.47 4.23 0.74
C PHE A 12 -5.31 3.66 -0.39
N LYS A 13 -6.06 2.59 -0.12
CA LYS A 13 -6.98 2.00 -1.09
C LYS A 13 -8.00 3.04 -1.57
N GLN A 14 -8.70 3.70 -0.64
CA GLN A 14 -9.69 4.72 -0.98
C GLN A 14 -9.08 5.77 -1.92
N ARG A 15 -7.94 6.34 -1.51
CA ARG A 15 -7.27 7.40 -2.24
C ARG A 15 -6.83 6.92 -3.62
N ARG A 16 -6.18 5.75 -3.71
CA ARG A 16 -5.78 5.24 -5.01
C ARG A 16 -7.01 5.09 -5.91
N ILE A 17 -8.11 4.55 -5.38
CA ILE A 17 -9.34 4.42 -6.15
C ILE A 17 -9.83 5.80 -6.60
N LYS A 18 -9.86 6.80 -5.71
CA LYS A 18 -10.22 8.17 -6.08
C LYS A 18 -9.32 8.70 -7.20
N LEU A 19 -8.01 8.41 -7.15
CA LEU A 19 -7.07 8.78 -8.20
C LEU A 19 -7.23 7.94 -9.48
N GLY A 20 -8.16 6.98 -9.50
CA GLY A 20 -8.39 6.11 -10.64
C GLY A 20 -7.27 5.10 -10.83
N PHE A 21 -6.56 4.76 -9.75
CA PHE A 21 -5.45 3.84 -9.77
C PHE A 21 -5.97 2.44 -9.49
N THR A 22 -6.10 1.65 -10.56
CA THR A 22 -6.77 0.37 -10.63
C THR A 22 -5.92 -0.76 -10.02
N GLN A 23 -5.23 -0.49 -8.91
CA GLN A 23 -4.44 -1.44 -8.12
C GLN A 23 -3.16 -1.85 -8.85
N GLY A 24 -3.29 -2.39 -10.06
CA GLY A 24 -2.17 -2.68 -10.94
C GLY A 24 -1.31 -1.43 -11.14
N ASP A 25 -1.94 -0.26 -11.29
CA ASP A 25 -1.26 1.03 -11.35
C ASP A 25 -0.27 1.17 -10.20
N VAL A 26 -0.76 1.01 -8.96
CA VAL A 26 0.10 1.08 -7.79
C VAL A 26 1.18 0.01 -7.92
N GLY A 27 0.80 -1.25 -8.10
CA GLY A 27 1.75 -2.35 -8.21
C GLY A 27 2.91 -2.03 -9.15
N LEU A 28 2.59 -1.53 -10.34
CA LEU A 28 3.55 -1.12 -11.36
C LEU A 28 4.47 -0.04 -10.80
N ALA A 29 3.86 1.01 -10.25
CA ALA A 29 4.60 2.12 -9.67
C ALA A 29 5.55 1.65 -8.56
N MET A 30 5.09 0.82 -7.63
CA MET A 30 5.96 0.22 -6.62
C MET A 30 7.09 -0.55 -7.29
N GLY A 31 6.73 -1.33 -8.31
CA GLY A 31 7.63 -1.97 -9.25
C GLY A 31 8.76 -1.05 -9.67
N LYS A 32 8.41 0.12 -10.22
CA LYS A 32 9.36 1.10 -10.70
C LYS A 32 10.21 1.68 -9.56
N LEU A 33 9.57 2.15 -8.48
CA LEU A 33 10.29 2.82 -7.41
C LEU A 33 11.22 1.87 -6.66
N TYR A 34 10.71 0.71 -6.26
CA TYR A 34 11.37 -0.22 -5.34
C TYR A 34 11.47 -1.62 -5.95
N GLY A 35 10.31 -2.18 -6.32
CA GLY A 35 10.13 -3.56 -6.71
C GLY A 35 8.67 -3.93 -6.49
N ASN A 36 8.14 -4.89 -7.25
CA ASN A 36 6.71 -5.18 -7.29
C ASN A 36 6.30 -6.05 -6.11
N ASP A 37 6.61 -5.60 -4.88
CA ASP A 37 6.24 -6.32 -3.67
C ASP A 37 4.75 -6.19 -3.37
N PHE A 38 4.08 -5.25 -4.03
CA PHE A 38 2.73 -4.81 -3.74
C PHE A 38 1.86 -5.20 -4.95
N SER A 39 2.06 -6.42 -5.43
CA SER A 39 1.49 -6.89 -6.69
C SER A 39 -0.03 -6.86 -6.62
N GLN A 40 -0.60 -7.66 -5.72
CA GLN A 40 -2.04 -7.73 -5.52
C GLN A 40 -2.40 -8.35 -4.16
N THR A 41 -1.90 -9.55 -3.88
CA THR A 41 -2.16 -10.27 -2.65
C THR A 41 -1.71 -9.43 -1.46
N THR A 42 -0.47 -8.97 -1.48
CA THR A 42 0.11 -8.16 -0.41
C THR A 42 -0.73 -6.91 -0.13
N ILE A 43 -1.07 -6.14 -1.14
CA ILE A 43 -1.90 -4.95 -0.99
C ILE A 43 -3.27 -5.31 -0.40
N SER A 44 -3.93 -6.35 -0.92
CA SER A 44 -5.19 -6.82 -0.35
C SER A 44 -5.02 -7.16 1.14
N ARG A 45 -4.00 -7.98 1.43
CA ARG A 45 -3.67 -8.45 2.76
C ARG A 45 -3.31 -7.29 3.69
N PHE A 46 -2.75 -6.20 3.16
CA PHE A 46 -2.49 -4.99 3.92
C PHE A 46 -3.79 -4.42 4.45
N GLU A 47 -4.73 -4.13 3.55
CA GLU A 47 -6.05 -3.64 3.97
C GLU A 47 -6.77 -4.65 4.87
N ALA A 48 -6.52 -5.96 4.72
CA ALA A 48 -7.04 -6.97 5.64
C ALA A 48 -6.23 -7.11 6.93
N LEU A 49 -5.08 -6.43 7.05
CA LEU A 49 -4.10 -6.57 8.12
C LEU A 49 -3.73 -8.04 8.37
N ASN A 50 -3.64 -8.84 7.30
CA ASN A 50 -3.39 -10.26 7.42
C ASN A 50 -1.91 -10.58 7.63
N LEU A 51 -1.02 -9.75 7.08
CA LEU A 51 0.43 -9.97 7.13
C LEU A 51 1.02 -9.55 8.49
N SER A 52 0.44 -10.09 9.58
CA SER A 52 0.72 -9.88 11.00
C SER A 52 1.91 -8.98 11.34
N PHE A 53 1.75 -7.67 11.10
CA PHE A 53 2.69 -6.61 11.45
C PHE A 53 4.02 -6.66 10.68
N LYS A 54 4.76 -7.77 10.77
CA LYS A 54 6.13 -7.93 10.29
C LYS A 54 6.36 -7.31 8.90
N ASN A 55 5.57 -7.72 7.90
CA ASN A 55 5.71 -7.17 6.55
C ASN A 55 5.14 -5.75 6.52
N MET A 56 3.95 -5.62 7.10
CA MET A 56 3.14 -4.40 7.08
C MET A 56 3.95 -3.19 7.51
N CYS A 57 4.78 -3.35 8.55
CA CYS A 57 5.62 -2.29 9.08
C CYS A 57 6.69 -1.82 8.07
N LYS A 58 7.12 -2.70 7.17
CA LYS A 58 8.04 -2.33 6.10
C LYS A 58 7.26 -1.71 4.94
N LEU A 59 6.15 -2.36 4.59
CA LEU A 59 5.26 -1.98 3.50
C LEU A 59 4.68 -0.57 3.67
N LYS A 60 4.18 -0.25 4.87
CA LYS A 60 3.52 1.02 5.15
C LYS A 60 4.39 2.24 4.81
N PRO A 61 5.59 2.42 5.39
CA PRO A 61 6.42 3.57 5.10
C PRO A 61 6.77 3.65 3.60
N LEU A 62 6.96 2.50 2.94
CA LEU A 62 7.29 2.49 1.53
C LEU A 62 6.10 3.09 0.77
N LEU A 63 4.88 2.67 1.13
CA LEU A 63 3.67 3.27 0.58
C LEU A 63 3.54 4.74 0.95
N GLU A 64 3.88 5.13 2.18
CA GLU A 64 3.81 6.52 2.60
C GLU A 64 4.69 7.37 1.70
N LYS A 65 5.95 6.96 1.51
CA LYS A 65 6.88 7.60 0.60
C LYS A 65 6.31 7.63 -0.82
N TRP A 66 5.79 6.50 -1.32
CA TRP A 66 5.11 6.46 -2.60
C TRP A 66 4.01 7.53 -2.65
N LEU A 67 3.22 7.67 -1.59
CA LEU A 67 2.12 8.62 -1.54
C LEU A 67 2.67 10.03 -1.64
N ASN A 68 3.71 10.33 -0.85
CA ASN A 68 4.39 11.62 -0.89
C ASN A 68 4.90 11.92 -2.30
N ASP A 69 5.43 10.91 -3.00
CA ASP A 69 5.93 11.07 -4.36
C ASP A 69 4.78 11.30 -5.35
N ALA A 70 3.84 10.36 -5.42
CA ALA A 70 2.80 10.29 -6.44
C ALA A 70 1.70 11.33 -6.22
N GLU A 71 1.35 11.58 -4.96
CA GLU A 71 0.30 12.51 -4.56
C GLU A 71 -0.97 12.32 -5.38
N ASP A 1 -1.09 -0.57 17.45
CA ASP A 1 -0.48 -0.38 16.15
C ASP A 1 -1.41 -0.88 15.04
N LEU A 2 -2.00 -2.05 15.24
CA LEU A 2 -2.91 -2.67 14.28
C LEU A 2 -4.00 -1.67 13.86
N GLU A 3 -4.55 -0.95 14.84
CA GLU A 3 -5.51 0.12 14.65
C GLU A 3 -5.02 1.12 13.59
N GLU A 4 -3.75 1.51 13.67
CA GLU A 4 -3.16 2.45 12.73
C GLU A 4 -3.00 1.77 11.37
N LEU A 5 -2.44 0.55 11.36
CA LEU A 5 -2.21 -0.21 10.14
C LEU A 5 -3.50 -0.40 9.34
N GLU A 6 -4.57 -0.92 9.95
CA GLU A 6 -5.81 -1.19 9.24
C GLU A 6 -6.38 0.09 8.63
N GLN A 7 -6.61 1.08 9.49
CA GLN A 7 -7.09 2.39 9.08
C GLN A 7 -6.24 2.95 7.93
N PHE A 8 -4.92 3.02 8.12
CA PHE A 8 -4.00 3.49 7.10
C PHE A 8 -4.18 2.70 5.80
N ALA A 9 -4.21 1.37 5.88
CA ALA A 9 -4.36 0.49 4.74
C ALA A 9 -5.64 0.78 3.97
N LYS A 10 -6.78 0.81 4.67
CA LYS A 10 -8.07 1.11 4.07
C LYS A 10 -8.04 2.50 3.43
N THR A 11 -7.53 3.49 4.17
CA THR A 11 -7.39 4.85 3.65
C THR A 11 -6.47 4.86 2.42
N PHE A 12 -5.41 4.06 2.43
CA PHE A 12 -4.52 3.89 1.31
C PHE A 12 -5.29 3.35 0.12
N LYS A 13 -6.13 2.33 0.33
CA LYS A 13 -7.00 1.83 -0.73
C LYS A 13 -7.88 2.96 -1.29
N GLN A 14 -8.56 3.72 -0.43
CA GLN A 14 -9.39 4.81 -0.91
C GLN A 14 -8.55 5.80 -1.73
N ARG A 15 -7.41 6.22 -1.21
CA ARG A 15 -6.49 7.11 -1.93
C ARG A 15 -6.07 6.50 -3.27
N ARG A 16 -5.77 5.19 -3.31
CA ARG A 16 -5.43 4.46 -4.52
C ARG A 16 -6.54 4.62 -5.56
N ILE A 17 -7.79 4.42 -5.15
CA ILE A 17 -8.94 4.59 -6.02
C ILE A 17 -9.04 6.04 -6.50
N LYS A 18 -8.93 7.01 -5.58
CA LYS A 18 -9.01 8.43 -5.93
C LYS A 18 -7.93 8.81 -6.95
N LEU A 19 -6.70 8.35 -6.73
CA LEU A 19 -5.59 8.55 -7.66
C LEU A 19 -5.87 7.85 -8.98
N GLY A 20 -6.48 6.66 -8.91
CA GLY A 20 -6.86 5.86 -10.05
C GLY A 20 -5.80 4.82 -10.38
N PHE A 21 -5.13 4.27 -9.36
CA PHE A 21 -4.21 3.15 -9.57
C PHE A 21 -5.02 1.87 -9.69
N THR A 22 -5.63 1.78 -10.87
CA THR A 22 -6.66 0.87 -11.32
C THR A 22 -6.22 -0.59 -11.19
N GLN A 23 -7.18 -1.48 -10.87
CA GLN A 23 -6.98 -2.88 -10.55
C GLN A 23 -5.99 -3.00 -9.38
N GLY A 24 -4.70 -2.84 -9.66
CA GLY A 24 -3.66 -2.70 -8.67
C GLY A 24 -2.43 -2.08 -9.33
N ASP A 25 -2.59 -1.01 -10.12
CA ASP A 25 -1.48 -0.44 -10.87
C ASP A 25 -0.38 0.08 -9.92
N VAL A 26 -0.68 0.21 -8.63
CA VAL A 26 0.29 0.42 -7.57
C VAL A 26 1.49 -0.49 -7.80
N GLY A 27 1.25 -1.76 -8.15
CA GLY A 27 2.28 -2.72 -8.49
C GLY A 27 3.34 -2.19 -9.44
N LEU A 28 2.93 -1.49 -10.51
CA LEU A 28 3.85 -0.99 -11.53
C LEU A 28 4.68 0.14 -10.97
N ALA A 29 4.00 1.12 -10.39
CA ALA A 29 4.66 2.28 -9.81
C ALA A 29 5.64 1.84 -8.71
N MET A 30 5.20 0.97 -7.81
CA MET A 30 6.07 0.29 -6.84
C MET A 30 7.22 -0.40 -7.56
N GLY A 31 6.92 -1.15 -8.62
CA GLY A 31 7.88 -1.72 -9.54
C GLY A 31 9.02 -0.76 -9.84
N LYS A 32 8.67 0.45 -10.28
CA LYS A 32 9.66 1.49 -10.57
C LYS A 32 10.37 1.96 -9.30
N LEU A 33 9.62 2.38 -8.27
CA LEU A 33 10.19 3.09 -7.11
C LEU A 33 10.96 2.19 -6.12
N TYR A 34 10.55 0.93 -5.95
CA TYR A 34 11.14 0.01 -4.98
C TYR A 34 11.36 -1.37 -5.63
N GLY A 35 10.29 -1.96 -6.16
CA GLY A 35 10.23 -3.34 -6.64
C GLY A 35 8.76 -3.73 -6.78
N ASN A 36 8.45 -4.71 -7.63
CA ASN A 36 7.07 -5.03 -8.01
C ASN A 36 6.39 -5.84 -6.90
N ASP A 37 6.06 -5.14 -5.83
CA ASP A 37 5.18 -5.61 -4.78
C ASP A 37 3.89 -4.81 -4.90
N PHE A 38 2.78 -5.29 -4.34
CA PHE A 38 1.49 -4.61 -4.30
C PHE A 38 0.76 -4.59 -5.65
N SER A 39 0.90 -5.64 -6.45
CA SER A 39 0.07 -5.86 -7.63
C SER A 39 -1.32 -6.34 -7.16
N GLN A 40 -2.04 -5.46 -6.47
CA GLN A 40 -3.28 -5.72 -5.74
C GLN A 40 -3.06 -6.71 -4.57
N THR A 41 -2.60 -7.93 -4.83
CA THR A 41 -2.42 -9.00 -3.85
C THR A 41 -2.05 -8.48 -2.45
N THR A 42 -0.87 -7.88 -2.34
CA THR A 42 -0.33 -7.38 -1.08
C THR A 42 -1.19 -6.24 -0.50
N ILE A 43 -1.85 -5.45 -1.34
CA ILE A 43 -2.79 -4.42 -0.89
C ILE A 43 -4.01 -5.10 -0.27
N SER A 44 -4.60 -6.10 -0.95
CA SER A 44 -5.68 -6.90 -0.39
C SER A 44 -5.26 -7.47 0.97
N ARG A 45 -4.11 -8.15 1.01
CA ARG A 45 -3.58 -8.76 2.21
C ARG A 45 -3.34 -7.72 3.31
N PHE A 46 -2.88 -6.51 2.93
CA PHE A 46 -2.66 -5.42 3.87
C PHE A 46 -3.98 -5.03 4.53
N GLU A 47 -4.97 -4.62 3.73
CA GLU A 47 -6.27 -4.23 4.25
C GLU A 47 -6.90 -5.37 5.08
N ALA A 48 -6.78 -6.62 4.60
CA ALA A 48 -7.28 -7.79 5.32
C ALA A 48 -6.50 -8.07 6.61
N LEU A 49 -5.36 -7.40 6.81
CA LEU A 49 -4.43 -7.63 7.91
C LEU A 49 -4.00 -9.11 7.97
N ASN A 50 -3.64 -9.63 6.79
CA ASN A 50 -3.14 -11.00 6.62
C ASN A 50 -1.67 -11.09 7.01
N LEU A 51 -0.87 -10.08 6.62
CA LEU A 51 0.52 -9.96 7.04
C LEU A 51 0.55 -9.42 8.48
N SER A 52 1.69 -8.90 8.94
CA SER A 52 1.81 -8.32 10.27
C SER A 52 2.94 -7.30 10.28
N PHE A 53 3.10 -6.57 11.40
CA PHE A 53 4.10 -5.53 11.67
C PHE A 53 5.47 -5.88 11.10
N LYS A 54 5.85 -7.15 11.25
CA LYS A 54 7.09 -7.72 10.72
C LYS A 54 7.40 -7.19 9.31
N ASN A 55 6.35 -7.05 8.48
CA ASN A 55 6.37 -6.37 7.20
C ASN A 55 5.71 -5.00 7.31
N MET A 56 4.45 -5.02 7.78
CA MET A 56 3.53 -3.89 7.80
C MET A 56 4.14 -2.61 8.33
N CYS A 57 4.97 -2.71 9.37
CA CYS A 57 5.55 -1.53 9.99
C CYS A 57 6.52 -0.81 9.05
N LYS A 58 7.11 -1.51 8.08
CA LYS A 58 7.88 -0.91 7.00
C LYS A 58 6.95 -0.61 5.83
N LEU A 59 6.02 -1.53 5.54
CA LEU A 59 5.09 -1.40 4.43
C LEU A 59 4.28 -0.10 4.51
N LYS A 60 3.80 0.27 5.70
CA LYS A 60 3.08 1.52 5.90
C LYS A 60 3.87 2.74 5.40
N PRO A 61 5.03 3.09 6.01
CA PRO A 61 5.81 4.23 5.55
C PRO A 61 6.25 4.06 4.10
N LEU A 62 6.65 2.86 3.66
CA LEU A 62 6.93 2.57 2.27
C LEU A 62 5.78 3.03 1.35
N LEU A 63 4.54 2.64 1.66
CA LEU A 63 3.41 3.04 0.86
C LEU A 63 3.13 4.53 0.98
N GLU A 64 3.24 5.13 2.18
CA GLU A 64 3.02 6.56 2.30
C GLU A 64 4.05 7.33 1.45
N LYS A 65 5.32 6.93 1.52
CA LYS A 65 6.37 7.56 0.71
C LYS A 65 6.06 7.36 -0.78
N TRP A 66 5.70 6.12 -1.17
CA TRP A 66 5.23 5.87 -2.53
C TRP A 66 4.12 6.85 -2.92
N LEU A 67 3.15 7.05 -2.02
CA LEU A 67 2.00 7.91 -2.25
C LEU A 67 2.48 9.33 -2.50
N ASN A 68 3.37 9.84 -1.63
CA ASN A 68 3.95 11.16 -1.80
C ASN A 68 4.67 11.24 -3.16
N ASP A 69 5.51 10.25 -3.48
CA ASP A 69 6.27 10.22 -4.72
C ASP A 69 5.32 10.30 -5.92
N ALA A 70 4.28 9.47 -5.90
CA ALA A 70 3.23 9.44 -6.90
C ALA A 70 2.10 10.42 -6.56
N GLU A 71 2.44 11.56 -5.93
CA GLU A 71 1.48 12.56 -5.48
C GLU A 71 0.32 11.89 -4.72
N ASP A 1 1.66 2.07 15.60
CA ASP A 1 1.09 0.83 16.10
C ASP A 1 -0.12 0.44 15.22
N LEU A 2 -0.71 -0.74 15.48
CA LEU A 2 -1.84 -1.29 14.72
C LEU A 2 -2.86 -0.21 14.38
N GLU A 3 -3.26 0.58 15.38
CA GLU A 3 -4.19 1.70 15.24
C GLU A 3 -3.85 2.58 14.03
N GLU A 4 -2.58 2.95 13.88
CA GLU A 4 -2.13 3.77 12.77
C GLU A 4 -2.10 2.93 11.50
N LEU A 5 -1.47 1.75 11.57
CA LEU A 5 -1.28 0.88 10.41
C LEU A 5 -2.61 0.55 9.72
N GLU A 6 -3.64 0.15 10.46
CA GLU A 6 -4.92 -0.21 9.87
C GLU A 6 -5.54 0.98 9.15
N GLN A 7 -5.80 2.05 9.89
CA GLN A 7 -6.38 3.27 9.36
C GLN A 7 -5.59 3.76 8.15
N PHE A 8 -4.26 3.81 8.26
CA PHE A 8 -3.38 4.15 7.15
C PHE A 8 -3.65 3.22 5.96
N ALA A 9 -3.64 1.91 6.16
CA ALA A 9 -3.92 0.95 5.10
C ALA A 9 -5.25 1.26 4.40
N LYS A 10 -6.34 1.38 5.19
CA LYS A 10 -7.64 1.74 4.64
C LYS A 10 -7.55 3.04 3.83
N THR A 11 -6.87 4.04 4.38
CA THR A 11 -6.69 5.33 3.71
C THR A 11 -5.94 5.14 2.39
N PHE A 12 -4.90 4.29 2.38
CA PHE A 12 -4.16 3.98 1.18
C PHE A 12 -5.08 3.35 0.13
N LYS A 13 -5.93 2.40 0.55
CA LYS A 13 -6.92 1.82 -0.34
C LYS A 13 -7.88 2.89 -0.89
N GLN A 14 -8.42 3.73 -0.01
CA GLN A 14 -9.33 4.82 -0.39
C GLN A 14 -8.66 5.71 -1.44
N ARG A 15 -7.43 6.15 -1.18
CA ARG A 15 -6.60 6.90 -2.11
C ARG A 15 -6.50 6.15 -3.44
N ARG A 16 -6.06 4.89 -3.41
CA ARG A 16 -5.88 4.07 -4.59
C ARG A 16 -7.17 4.04 -5.43
N ILE A 17 -8.30 3.77 -4.77
CA ILE A 17 -9.61 3.77 -5.40
C ILE A 17 -9.92 5.15 -5.99
N LYS A 18 -9.67 6.23 -5.25
CA LYS A 18 -9.88 7.59 -5.73
C LYS A 18 -9.08 7.86 -7.00
N LEU A 19 -7.83 7.39 -7.08
CA LEU A 19 -7.03 7.49 -8.29
C LEU A 19 -7.54 6.55 -9.40
N GLY A 20 -8.47 5.63 -9.09
CA GLY A 20 -8.91 4.59 -10.01
C GLY A 20 -7.78 3.60 -10.29
N PHE A 21 -6.87 3.41 -9.32
CA PHE A 21 -5.71 2.56 -9.47
C PHE A 21 -6.01 1.17 -8.91
N THR A 22 -5.29 0.18 -9.41
CA THR A 22 -5.50 -1.23 -9.14
C THR A 22 -4.40 -1.98 -9.91
N GLN A 23 -4.48 -3.31 -9.89
CA GLN A 23 -3.60 -4.29 -10.51
C GLN A 23 -2.24 -3.73 -10.96
N GLY A 24 -2.20 -3.16 -12.16
CA GLY A 24 -0.97 -2.76 -12.79
C GLY A 24 -0.38 -1.46 -12.25
N ASP A 25 -1.21 -0.50 -11.82
CA ASP A 25 -0.70 0.85 -11.55
C ASP A 25 0.24 0.89 -10.35
N VAL A 26 -0.29 0.73 -9.12
CA VAL A 26 0.54 0.75 -7.92
C VAL A 26 1.65 -0.30 -8.08
N GLY A 27 1.31 -1.48 -8.62
CA GLY A 27 2.26 -2.54 -8.93
C GLY A 27 3.47 -2.04 -9.73
N LEU A 28 3.24 -1.35 -10.84
CA LEU A 28 4.29 -0.89 -11.75
C LEU A 28 5.06 0.26 -11.13
N ALA A 29 4.31 1.22 -10.61
CA ALA A 29 4.86 2.41 -9.96
C ALA A 29 5.83 2.00 -8.85
N MET A 30 5.38 1.13 -7.95
CA MET A 30 6.25 0.50 -6.97
C MET A 30 7.30 -0.38 -7.66
N GLY A 31 6.91 -1.08 -8.72
CA GLY A 31 7.78 -1.85 -9.60
C GLY A 31 9.10 -1.14 -9.81
N LYS A 32 9.03 0.10 -10.30
CA LYS A 32 10.22 0.91 -10.46
C LYS A 32 10.73 1.48 -9.14
N LEU A 33 9.83 2.03 -8.31
CA LEU A 33 10.23 2.77 -7.12
C LEU A 33 10.79 1.88 -5.99
N TYR A 34 10.55 0.56 -6.04
CA TYR A 34 10.90 -0.40 -5.01
C TYR A 34 11.11 -1.80 -5.61
N GLY A 35 10.03 -2.37 -6.16
CA GLY A 35 9.93 -3.76 -6.60
C GLY A 35 8.46 -4.04 -6.91
N ASN A 36 8.18 -4.94 -7.87
CA ASN A 36 6.83 -5.12 -8.42
C ASN A 36 5.99 -6.02 -7.52
N ASP A 37 5.68 -5.49 -6.34
CA ASP A 37 4.74 -6.07 -5.39
C ASP A 37 3.64 -5.03 -5.13
N PHE A 38 2.57 -5.40 -4.43
CA PHE A 38 1.44 -4.52 -4.11
C PHE A 38 0.74 -4.02 -5.37
N SER A 39 0.50 -4.94 -6.31
CA SER A 39 -0.34 -4.71 -7.46
C SER A 39 -1.76 -4.41 -7.00
N GLN A 40 -2.31 -5.39 -6.27
CA GLN A 40 -3.64 -5.36 -5.69
C GLN A 40 -3.69 -6.36 -4.53
N THR A 41 -3.28 -7.60 -4.79
CA THR A 41 -3.36 -8.70 -3.84
C THR A 41 -2.75 -8.32 -2.49
N THR A 42 -1.48 -7.94 -2.48
CA THR A 42 -0.73 -7.56 -1.29
C THR A 42 -1.37 -6.34 -0.60
N ILE A 43 -1.89 -5.41 -1.39
CA ILE A 43 -2.58 -4.22 -0.89
C ILE A 43 -3.85 -4.65 -0.13
N SER A 44 -4.75 -5.41 -0.77
CA SER A 44 -5.90 -5.99 -0.10
C SER A 44 -5.48 -6.73 1.18
N ARG A 45 -4.43 -7.55 1.11
CA ARG A 45 -3.89 -8.26 2.26
C ARG A 45 -3.42 -7.32 3.38
N PHE A 46 -2.82 -6.18 3.03
CA PHE A 46 -2.48 -5.14 4.00
C PHE A 46 -3.75 -4.66 4.70
N GLU A 47 -4.74 -4.22 3.92
CA GLU A 47 -6.01 -3.75 4.48
C GLU A 47 -6.73 -4.83 5.29
N ALA A 48 -6.58 -6.11 4.92
CA ALA A 48 -7.12 -7.23 5.69
C ALA A 48 -6.26 -7.57 6.91
N LEU A 49 -5.14 -6.88 7.11
CA LEU A 49 -4.15 -7.14 8.14
C LEU A 49 -3.65 -8.60 8.10
N ASN A 50 -3.55 -9.17 6.90
CA ASN A 50 -3.05 -10.52 6.70
C ASN A 50 -1.53 -10.51 6.81
N LEU A 51 -0.88 -9.41 6.42
CA LEU A 51 0.55 -9.22 6.54
C LEU A 51 0.91 -8.79 7.97
N SER A 52 0.24 -9.39 8.96
CA SER A 52 0.17 -9.05 10.36
C SER A 52 1.48 -8.53 10.98
N PHE A 53 1.63 -7.20 11.01
CA PHE A 53 2.69 -6.42 11.64
C PHE A 53 4.05 -6.57 10.96
N LYS A 54 4.54 -7.82 10.85
CA LYS A 54 5.83 -8.20 10.32
C LYS A 54 6.25 -7.37 9.10
N ASN A 55 5.38 -7.29 8.10
CA ASN A 55 5.65 -6.50 6.90
C ASN A 55 5.38 -5.03 7.19
N MET A 56 4.22 -4.77 7.79
CA MET A 56 3.60 -3.47 7.99
C MET A 56 4.59 -2.42 8.45
N CYS A 57 5.51 -2.75 9.34
CA CYS A 57 6.40 -1.72 9.85
C CYS A 57 7.32 -1.14 8.78
N LYS A 58 7.63 -1.90 7.73
CA LYS A 58 8.31 -1.38 6.54
C LYS A 58 7.26 -0.89 5.54
N LEU A 59 6.23 -1.70 5.34
CA LEU A 59 5.18 -1.50 4.35
C LEU A 59 4.46 -0.16 4.52
N LYS A 60 4.16 0.24 5.75
CA LYS A 60 3.50 1.52 6.00
C LYS A 60 4.36 2.69 5.50
N PRO A 61 5.57 2.92 6.03
CA PRO A 61 6.41 4.01 5.54
C PRO A 61 6.70 3.86 4.04
N LEU A 62 6.91 2.64 3.54
CA LEU A 62 7.09 2.37 2.12
C LEU A 62 5.91 2.92 1.30
N LEU A 63 4.68 2.55 1.61
CA LEU A 63 3.51 3.03 0.89
C LEU A 63 3.30 4.52 1.14
N GLU A 64 3.56 5.01 2.35
CA GLU A 64 3.43 6.42 2.67
C GLU A 64 4.36 7.23 1.76
N LYS A 65 5.61 6.79 1.64
CA LYS A 65 6.58 7.39 0.74
C LYS A 65 6.11 7.27 -0.70
N TRP A 66 5.58 6.11 -1.12
CA TRP A 66 4.99 5.96 -2.45
C TRP A 66 3.94 7.05 -2.69
N LEU A 67 3.03 7.23 -1.74
CA LEU A 67 1.92 8.15 -1.84
C LEU A 67 2.46 9.59 -1.95
N ASN A 68 3.38 9.95 -1.06
CA ASN A 68 4.03 11.25 -1.09
C ASN A 68 4.71 11.49 -2.44
N ASP A 69 5.43 10.48 -2.96
CA ASP A 69 6.07 10.56 -4.26
C ASP A 69 5.03 10.77 -5.37
N ALA A 70 3.95 9.98 -5.35
CA ALA A 70 2.88 10.07 -6.33
C ALA A 70 2.24 11.46 -6.33
N GLU A 71 1.95 12.01 -5.15
CA GLU A 71 1.41 13.35 -4.98
C GLU A 71 0.24 13.61 -5.94
N ASP A 1 1.08 0.45 17.17
CA ASP A 1 1.25 0.92 15.80
C ASP A 1 0.17 0.37 14.88
N LEU A 2 -0.40 -0.79 15.23
CA LEU A 2 -1.51 -1.38 14.50
C LEU A 2 -2.67 -0.39 14.35
N GLU A 3 -2.94 0.37 15.40
CA GLU A 3 -3.90 1.47 15.41
C GLU A 3 -3.67 2.43 14.25
N GLU A 4 -2.41 2.67 13.89
CA GLU A 4 -2.05 3.53 12.77
C GLU A 4 -2.09 2.75 11.47
N LEU A 5 -1.54 1.54 11.45
CA LEU A 5 -1.55 0.68 10.27
C LEU A 5 -2.97 0.53 9.71
N GLU A 6 -3.98 0.25 10.55
CA GLU A 6 -5.34 0.06 10.05
C GLU A 6 -5.83 1.29 9.27
N GLN A 7 -5.95 2.42 9.96
CA GLN A 7 -6.41 3.66 9.38
C GLN A 7 -5.55 4.04 8.17
N PHE A 8 -4.22 3.95 8.31
CA PHE A 8 -3.29 4.26 7.23
C PHE A 8 -3.60 3.41 6.00
N ALA A 9 -3.69 2.09 6.17
CA ALA A 9 -3.93 1.17 5.08
C ALA A 9 -5.26 1.50 4.41
N LYS A 10 -6.35 1.62 5.19
CA LYS A 10 -7.64 2.03 4.66
C LYS A 10 -7.55 3.38 3.93
N THR A 11 -6.69 4.28 4.41
CA THR A 11 -6.49 5.57 3.76
C THR A 11 -5.78 5.37 2.42
N PHE A 12 -4.80 4.46 2.37
CA PHE A 12 -4.20 4.05 1.12
C PHE A 12 -5.26 3.48 0.17
N LYS A 13 -6.19 2.68 0.69
CA LYS A 13 -7.33 2.19 -0.09
C LYS A 13 -8.15 3.36 -0.65
N GLN A 14 -8.54 4.31 0.20
CA GLN A 14 -9.30 5.48 -0.21
C GLN A 14 -8.55 6.25 -1.31
N ARG A 15 -7.26 6.48 -1.11
CA ARG A 15 -6.41 7.13 -2.11
C ARG A 15 -6.39 6.34 -3.41
N ARG A 16 -6.22 5.02 -3.35
CA ARG A 16 -6.31 4.17 -4.53
C ARG A 16 -7.65 4.36 -5.24
N ILE A 17 -8.75 4.29 -4.50
CA ILE A 17 -10.08 4.48 -5.08
C ILE A 17 -10.12 5.83 -5.80
N LYS A 18 -9.71 6.91 -5.13
CA LYS A 18 -9.65 8.24 -5.72
C LYS A 18 -8.83 8.24 -7.02
N LEU A 19 -7.65 7.61 -7.00
CA LEU A 19 -6.77 7.51 -8.14
C LEU A 19 -7.29 6.52 -9.20
N GLY A 20 -8.22 5.62 -8.83
CA GLY A 20 -8.66 4.52 -9.67
C GLY A 20 -7.54 3.47 -9.82
N PHE A 21 -6.71 3.31 -8.78
CA PHE A 21 -5.53 2.46 -8.82
C PHE A 21 -5.84 1.07 -8.26
N THR A 22 -5.57 0.05 -9.06
CA THR A 22 -5.93 -1.34 -8.82
C THR A 22 -5.14 -2.18 -9.82
N GLN A 23 -5.48 -3.47 -9.93
CA GLN A 23 -4.81 -4.50 -10.72
C GLN A 23 -3.32 -4.62 -10.33
N GLY A 24 -2.53 -3.66 -10.75
CA GLY A 24 -1.14 -3.50 -10.33
C GLY A 24 -0.60 -2.14 -10.74
N ASP A 25 -1.42 -1.08 -10.73
CA ASP A 25 -0.93 0.27 -10.98
C ASP A 25 0.08 0.64 -9.90
N VAL A 26 -0.35 0.50 -8.64
CA VAL A 26 0.53 0.60 -7.49
C VAL A 26 1.73 -0.31 -7.71
N GLY A 27 1.51 -1.57 -8.10
CA GLY A 27 2.55 -2.53 -8.43
C GLY A 27 3.61 -1.93 -9.34
N LEU A 28 3.19 -1.30 -10.45
CA LEU A 28 4.08 -0.69 -11.42
C LEU A 28 4.90 0.44 -10.79
N ALA A 29 4.20 1.37 -10.15
CA ALA A 29 4.83 2.54 -9.56
C ALA A 29 5.81 2.14 -8.44
N MET A 30 5.38 1.28 -7.52
CA MET A 30 6.24 0.64 -6.53
C MET A 30 7.38 -0.08 -7.22
N GLY A 31 7.08 -0.79 -8.30
CA GLY A 31 8.04 -1.36 -9.24
C GLY A 31 9.15 -0.37 -9.58
N LYS A 32 8.76 0.82 -10.03
CA LYS A 32 9.71 1.85 -10.40
C LYS A 32 10.56 2.30 -9.20
N LEU A 33 9.92 2.59 -8.06
CA LEU A 33 10.63 3.14 -6.91
C LEU A 33 11.47 2.10 -6.16
N TYR A 34 10.85 0.94 -5.85
CA TYR A 34 11.35 -0.09 -4.95
C TYR A 34 11.43 -1.48 -5.62
N GLY A 35 10.28 -2.02 -6.03
CA GLY A 35 10.13 -3.40 -6.45
C GLY A 35 8.65 -3.71 -6.73
N ASN A 36 8.37 -4.45 -7.80
CA ASN A 36 7.03 -4.61 -8.35
C ASN A 36 6.24 -5.68 -7.60
N ASP A 37 6.06 -5.51 -6.29
CA ASP A 37 5.48 -6.56 -5.45
C ASP A 37 3.98 -6.39 -5.22
N PHE A 38 3.44 -5.18 -5.43
CA PHE A 38 2.11 -4.83 -4.99
C PHE A 38 1.05 -4.86 -6.07
N SER A 39 0.60 -6.06 -6.41
CA SER A 39 -0.62 -6.21 -7.20
C SER A 39 -1.78 -5.88 -6.26
N GLN A 40 -2.99 -5.78 -6.83
CA GLN A 40 -4.20 -5.61 -6.06
C GLN A 40 -4.26 -6.66 -4.95
N THR A 41 -3.83 -7.90 -5.24
CA THR A 41 -3.75 -8.99 -4.29
C THR A 41 -2.93 -8.61 -3.05
N THR A 42 -1.67 -8.21 -3.23
CA THR A 42 -0.76 -7.89 -2.15
C THR A 42 -1.25 -6.65 -1.39
N ILE A 43 -1.74 -5.65 -2.12
CA ILE A 43 -2.36 -4.48 -1.49
C ILE A 43 -3.57 -4.89 -0.64
N SER A 44 -4.42 -5.80 -1.14
CA SER A 44 -5.52 -6.30 -0.33
C SER A 44 -4.99 -6.97 0.94
N ARG A 45 -3.92 -7.76 0.82
CA ARG A 45 -3.24 -8.35 1.97
C ARG A 45 -2.91 -7.27 3.02
N PHE A 46 -2.33 -6.15 2.57
CA PHE A 46 -1.99 -5.04 3.45
C PHE A 46 -3.25 -4.43 4.07
N GLU A 47 -4.20 -4.03 3.23
CA GLU A 47 -5.43 -3.36 3.65
C GLU A 47 -6.35 -4.26 4.49
N ALA A 48 -6.21 -5.58 4.37
CA ALA A 48 -6.85 -6.55 5.26
C ALA A 48 -6.00 -6.78 6.52
N LEU A 49 -4.79 -6.22 6.56
CA LEU A 49 -3.80 -6.39 7.61
C LEU A 49 -3.56 -7.88 7.88
N ASN A 50 -3.44 -8.63 6.78
CA ASN A 50 -3.30 -10.08 6.81
C ASN A 50 -1.87 -10.48 7.15
N LEU A 51 -0.88 -9.69 6.70
CA LEU A 51 0.54 -10.02 6.81
C LEU A 51 1.10 -9.77 8.22
N SER A 52 0.37 -10.22 9.26
CA SER A 52 0.75 -10.21 10.66
C SER A 52 0.99 -8.78 11.20
N PHE A 53 2.14 -8.22 10.87
CA PHE A 53 2.67 -6.96 11.40
C PHE A 53 4.06 -6.75 10.80
N LYS A 54 4.88 -7.81 10.86
CA LYS A 54 6.27 -7.83 10.42
C LYS A 54 6.50 -7.05 9.12
N ASN A 55 5.74 -7.40 8.07
CA ASN A 55 5.87 -6.76 6.77
C ASN A 55 5.20 -5.39 6.83
N MET A 56 3.93 -5.39 7.20
CA MET A 56 3.02 -4.25 7.30
C MET A 56 3.73 -3.01 7.86
N CYS A 57 4.44 -3.19 8.96
CA CYS A 57 5.16 -2.12 9.65
C CYS A 57 6.17 -1.42 8.74
N LYS A 58 6.92 -2.18 7.94
CA LYS A 58 7.85 -1.64 6.95
C LYS A 58 7.08 -1.13 5.72
N LEU A 59 6.00 -1.83 5.38
CA LEU A 59 5.10 -1.50 4.29
C LEU A 59 4.61 -0.05 4.42
N LYS A 60 4.09 0.32 5.59
CA LYS A 60 3.53 1.64 5.85
C LYS A 60 4.40 2.79 5.33
N PRO A 61 5.62 3.01 5.84
CA PRO A 61 6.47 4.11 5.38
C PRO A 61 6.77 4.00 3.88
N LEU A 62 6.92 2.77 3.35
CA LEU A 62 7.20 2.61 1.92
C LEU A 62 6.02 3.22 1.16
N LEU A 63 4.79 2.80 1.50
CA LEU A 63 3.59 3.30 0.87
C LEU A 63 3.43 4.80 1.10
N GLU A 64 3.77 5.30 2.30
CA GLU A 64 3.66 6.71 2.61
C GLU A 64 4.58 7.52 1.69
N LYS A 65 5.85 7.14 1.61
CA LYS A 65 6.82 7.80 0.74
C LYS A 65 6.39 7.66 -0.73
N TRP A 66 5.95 6.47 -1.12
CA TRP A 66 5.36 6.24 -2.44
C TRP A 66 4.24 7.25 -2.69
N LEU A 67 3.36 7.47 -1.72
CA LEU A 67 2.25 8.39 -1.87
C LEU A 67 2.78 9.80 -2.03
N ASN A 68 3.74 10.20 -1.19
CA ASN A 68 4.38 11.51 -1.28
C ASN A 68 4.95 11.73 -2.68
N ASP A 69 5.55 10.69 -3.28
CA ASP A 69 6.08 10.77 -4.62
C ASP A 69 4.96 10.85 -5.67
N ALA A 70 4.05 9.89 -5.65
CA ALA A 70 3.04 9.68 -6.69
C ALA A 70 1.94 10.74 -6.68
N GLU A 71 1.41 11.04 -5.49
CA GLU A 71 0.24 11.90 -5.27
C GLU A 71 -0.81 11.75 -6.36
N ASP A 1 1.34 2.76 18.23
CA ASP A 1 1.85 2.83 16.88
C ASP A 1 0.86 2.18 15.91
N LEU A 2 0.51 0.92 16.18
CA LEU A 2 -0.26 0.05 15.29
C LEU A 2 -1.46 0.77 14.67
N GLU A 3 -2.21 1.52 15.47
CA GLU A 3 -3.32 2.36 15.04
C GLU A 3 -3.03 3.03 13.69
N GLU A 4 -1.86 3.69 13.60
CA GLU A 4 -1.42 4.40 12.42
C GLU A 4 -1.39 3.45 11.22
N LEU A 5 -0.77 2.28 11.37
CA LEU A 5 -0.65 1.27 10.34
C LEU A 5 -2.04 0.81 9.90
N GLU A 6 -2.93 0.49 10.84
CA GLU A 6 -4.27 0.00 10.48
C GLU A 6 -5.00 1.05 9.65
N GLN A 7 -5.13 2.24 10.25
CA GLN A 7 -5.83 3.35 9.63
C GLN A 7 -5.20 3.65 8.26
N PHE A 8 -3.88 3.81 8.23
CA PHE A 8 -3.13 4.06 7.02
C PHE A 8 -3.47 3.03 5.95
N ALA A 9 -3.37 1.73 6.26
CA ALA A 9 -3.65 0.68 5.28
C ALA A 9 -5.02 0.89 4.64
N LYS A 10 -6.06 1.01 5.47
CA LYS A 10 -7.41 1.23 4.98
C LYS A 10 -7.60 2.59 4.30
N THR A 11 -6.63 3.51 4.45
CA THR A 11 -6.63 4.81 3.78
C THR A 11 -5.92 4.70 2.44
N PHE A 12 -4.84 3.92 2.37
CA PHE A 12 -4.15 3.61 1.14
C PHE A 12 -5.15 3.07 0.12
N LYS A 13 -6.03 2.16 0.56
CA LYS A 13 -7.18 1.72 -0.22
C LYS A 13 -7.96 2.90 -0.79
N GLN A 14 -8.42 3.80 0.08
CA GLN A 14 -9.27 4.92 -0.32
C GLN A 14 -8.53 5.80 -1.32
N ARG A 15 -7.30 6.20 -1.04
CA ARG A 15 -6.48 6.99 -1.96
C ARG A 15 -6.38 6.26 -3.30
N ARG A 16 -5.97 4.99 -3.27
CA ARG A 16 -5.82 4.15 -4.45
C ARG A 16 -7.09 4.19 -5.31
N ILE A 17 -8.25 3.96 -4.68
CA ILE A 17 -9.54 4.03 -5.35
C ILE A 17 -9.77 5.43 -5.92
N LYS A 18 -9.61 6.48 -5.13
CA LYS A 18 -9.83 7.86 -5.56
C LYS A 18 -8.95 8.22 -6.77
N LEU A 19 -7.69 7.79 -6.74
CA LEU A 19 -6.76 7.96 -7.85
C LEU A 19 -7.16 7.13 -9.07
N GLY A 20 -8.05 6.14 -8.91
CA GLY A 20 -8.42 5.19 -9.94
C GLY A 20 -7.23 4.29 -10.27
N PHE A 21 -6.37 4.04 -9.27
CA PHE A 21 -5.15 3.28 -9.48
C PHE A 21 -5.42 1.81 -9.25
N THR A 22 -5.41 1.06 -10.34
CA THR A 22 -5.66 -0.37 -10.37
C THR A 22 -4.50 -1.10 -9.69
N GLN A 23 -4.67 -2.40 -9.44
CA GLN A 23 -3.56 -3.25 -9.01
C GLN A 23 -2.41 -3.14 -10.01
N GLY A 24 -2.74 -3.09 -11.31
CA GLY A 24 -1.78 -2.85 -12.37
C GLY A 24 -1.03 -1.54 -12.14
N ASP A 25 -1.75 -0.43 -11.98
CA ASP A 25 -1.15 0.88 -11.78
C ASP A 25 -0.22 0.86 -10.56
N VAL A 26 -0.74 0.47 -9.40
CA VAL A 26 0.06 0.46 -8.18
C VAL A 26 1.26 -0.47 -8.37
N GLY A 27 1.05 -1.68 -8.90
CA GLY A 27 2.12 -2.61 -9.23
C GLY A 27 3.22 -1.92 -10.04
N LEU A 28 2.85 -1.26 -11.14
CA LEU A 28 3.79 -0.59 -12.04
C LEU A 28 4.57 0.49 -11.29
N ALA A 29 3.83 1.40 -10.66
CA ALA A 29 4.39 2.54 -9.95
C ALA A 29 5.32 2.08 -8.82
N MET A 30 4.88 1.09 -8.02
CA MET A 30 5.71 0.44 -7.03
C MET A 30 6.95 -0.15 -7.70
N GLY A 31 6.76 -0.82 -8.83
CA GLY A 31 7.83 -1.27 -9.71
C GLY A 31 8.87 -0.17 -9.91
N LYS A 32 8.41 1.00 -10.37
CA LYS A 32 9.27 2.16 -10.61
C LYS A 32 10.13 2.51 -9.40
N LEU A 33 9.53 2.60 -8.20
CA LEU A 33 10.20 3.14 -7.03
C LEU A 33 10.95 2.09 -6.20
N TYR A 34 10.41 0.87 -6.09
CA TYR A 34 10.92 -0.20 -5.23
C TYR A 34 11.00 -1.52 -6.01
N GLY A 35 9.86 -1.98 -6.52
CA GLY A 35 9.68 -3.31 -7.09
C GLY A 35 8.18 -3.60 -7.10
N ASN A 36 7.67 -4.28 -8.14
CA ASN A 36 6.24 -4.42 -8.38
C ASN A 36 5.58 -5.50 -7.52
N ASP A 37 5.99 -5.62 -6.25
CA ASP A 37 5.55 -6.67 -5.35
C ASP A 37 4.19 -6.32 -4.71
N PHE A 38 3.32 -5.72 -5.50
CA PHE A 38 2.06 -5.11 -5.08
C PHE A 38 1.01 -5.34 -6.14
N SER A 39 1.14 -6.47 -6.84
CA SER A 39 0.21 -6.91 -7.85
C SER A 39 -1.02 -7.48 -7.15
N GLN A 40 -1.78 -6.61 -6.48
CA GLN A 40 -3.02 -6.90 -5.78
C GLN A 40 -2.82 -7.64 -4.45
N THR A 41 -2.01 -8.70 -4.46
CA THR A 41 -1.82 -9.61 -3.33
C THR A 41 -1.53 -8.86 -2.02
N THR A 42 -0.29 -8.41 -1.85
CA THR A 42 0.19 -7.78 -0.63
C THR A 42 -0.70 -6.59 -0.26
N ILE A 43 -1.05 -5.76 -1.24
CA ILE A 43 -1.91 -4.60 -1.05
C ILE A 43 -3.26 -5.01 -0.44
N SER A 44 -3.96 -5.96 -1.05
CA SER A 44 -5.25 -6.42 -0.53
C SER A 44 -5.08 -6.99 0.88
N ARG A 45 -4.09 -7.87 1.06
CA ARG A 45 -3.78 -8.44 2.37
C ARG A 45 -3.44 -7.37 3.39
N PHE A 46 -2.78 -6.28 2.98
CA PHE A 46 -2.44 -5.17 3.86
C PHE A 46 -3.68 -4.43 4.27
N GLU A 47 -4.47 -4.01 3.29
CA GLU A 47 -5.74 -3.33 3.52
C GLU A 47 -6.66 -4.17 4.42
N ALA A 48 -6.68 -5.49 4.21
CA ALA A 48 -7.39 -6.45 5.06
C ALA A 48 -6.66 -6.71 6.40
N LEU A 49 -5.43 -6.23 6.53
CA LEU A 49 -4.58 -6.34 7.70
C LEU A 49 -4.31 -7.78 8.14
N ASN A 50 -3.99 -8.62 7.14
CA ASN A 50 -3.63 -10.02 7.32
C ASN A 50 -2.15 -10.16 7.70
N LEU A 51 -1.30 -9.24 7.25
CA LEU A 51 0.16 -9.37 7.32
C LEU A 51 0.73 -9.01 8.70
N SER A 52 0.12 -9.56 9.77
CA SER A 52 0.31 -9.28 11.19
C SER A 52 1.60 -8.53 11.58
N PHE A 53 1.56 -7.20 11.50
CA PHE A 53 2.57 -6.25 11.96
C PHE A 53 3.91 -6.31 11.20
N LYS A 54 4.55 -7.49 11.21
CA LYS A 54 5.90 -7.71 10.70
C LYS A 54 6.12 -7.04 9.34
N ASN A 55 5.21 -7.26 8.39
CA ASN A 55 5.32 -6.63 7.08
C ASN A 55 4.88 -5.18 7.19
N MET A 56 3.73 -4.97 7.84
CA MET A 56 3.06 -3.68 7.98
C MET A 56 4.04 -2.58 8.34
N CYS A 57 4.92 -2.83 9.31
CA CYS A 57 5.81 -1.79 9.81
C CYS A 57 6.81 -1.31 8.76
N LYS A 58 7.10 -2.12 7.74
CA LYS A 58 7.92 -1.71 6.60
C LYS A 58 6.99 -1.12 5.53
N LEU A 59 5.91 -1.85 5.26
CA LEU A 59 4.93 -1.56 4.23
C LEU A 59 4.30 -0.18 4.40
N LYS A 60 4.03 0.23 5.65
CA LYS A 60 3.41 1.52 5.92
C LYS A 60 4.29 2.67 5.43
N PRO A 61 5.52 2.87 5.95
CA PRO A 61 6.39 3.92 5.45
C PRO A 61 6.67 3.74 3.95
N LEU A 62 6.87 2.50 3.49
CA LEU A 62 7.09 2.20 2.09
C LEU A 62 5.98 2.78 1.20
N LEU A 63 4.73 2.41 1.47
CA LEU A 63 3.59 2.89 0.70
C LEU A 63 3.33 4.37 0.97
N GLU A 64 3.57 4.86 2.18
CA GLU A 64 3.43 6.28 2.48
C GLU A 64 4.36 7.07 1.55
N LYS A 65 5.64 6.67 1.47
CA LYS A 65 6.60 7.35 0.62
C LYS A 65 6.17 7.26 -0.84
N TRP A 66 5.72 6.08 -1.28
CA TRP A 66 5.14 5.95 -2.62
C TRP A 66 4.01 6.96 -2.83
N LEU A 67 3.07 7.04 -1.88
CA LEU A 67 1.88 7.89 -2.00
C LEU A 67 2.34 9.34 -2.13
N ASN A 68 3.22 9.78 -1.22
CA ASN A 68 3.79 11.12 -1.24
C ASN A 68 4.44 11.40 -2.59
N ASP A 69 5.34 10.52 -3.04
CA ASP A 69 6.06 10.66 -4.30
C ASP A 69 5.08 10.79 -5.47
N ALA A 70 4.13 9.87 -5.57
CA ALA A 70 3.11 9.87 -6.62
C ALA A 70 2.33 11.20 -6.58
N GLU A 71 1.86 11.57 -5.40
CA GLU A 71 1.21 12.85 -5.16
C GLU A 71 2.28 13.93 -5.02
N ASP A 1 1.03 0.37 16.42
CA ASP A 1 0.31 -0.87 16.61
C ASP A 1 -0.79 -1.00 15.53
N LEU A 2 -1.30 -2.22 15.32
CA LEU A 2 -2.18 -2.60 14.22
C LEU A 2 -3.29 -1.57 13.95
N GLU A 3 -3.87 -1.00 15.00
CA GLU A 3 -4.86 0.06 14.96
C GLU A 3 -4.54 1.12 13.90
N GLU A 4 -3.27 1.51 13.80
CA GLU A 4 -2.81 2.50 12.82
C GLU A 4 -2.77 1.88 11.42
N LEU A 5 -2.16 0.70 11.30
CA LEU A 5 -1.99 0.01 10.03
C LEU A 5 -3.34 -0.27 9.37
N GLU A 6 -4.33 -0.76 10.11
CA GLU A 6 -5.64 -1.08 9.52
C GLU A 6 -6.24 0.14 8.86
N GLN A 7 -6.48 1.19 9.65
CA GLN A 7 -7.07 2.41 9.15
C GLN A 7 -6.22 2.98 8.01
N PHE A 8 -4.89 3.04 8.17
CA PHE A 8 -3.99 3.49 7.12
C PHE A 8 -4.21 2.68 5.82
N ALA A 9 -4.25 1.35 5.93
CA ALA A 9 -4.37 0.44 4.79
C ALA A 9 -5.71 0.66 4.08
N LYS A 10 -6.80 0.65 4.84
CA LYS A 10 -8.13 0.92 4.30
C LYS A 10 -8.14 2.29 3.63
N THR A 11 -7.57 3.29 4.30
CA THR A 11 -7.43 4.63 3.72
C THR A 11 -6.51 4.59 2.49
N PHE A 12 -5.51 3.71 2.44
CA PHE A 12 -4.66 3.56 1.27
C PHE A 12 -5.49 3.08 0.08
N LYS A 13 -6.32 2.05 0.29
CA LYS A 13 -7.29 1.63 -0.71
C LYS A 13 -8.13 2.82 -1.16
N GLN A 14 -8.75 3.55 -0.23
CA GLN A 14 -9.58 4.69 -0.61
C GLN A 14 -8.79 5.74 -1.39
N ARG A 15 -7.58 6.09 -0.95
CA ARG A 15 -6.70 7.02 -1.64
C ARG A 15 -6.41 6.53 -3.06
N ARG A 16 -6.02 5.26 -3.21
CA ARG A 16 -5.80 4.63 -4.50
C ARG A 16 -7.02 4.83 -5.40
N ILE A 17 -8.22 4.53 -4.87
CA ILE A 17 -9.47 4.70 -5.59
C ILE A 17 -9.65 6.18 -5.98
N LYS A 18 -9.45 7.12 -5.05
CA LYS A 18 -9.57 8.54 -5.34
C LYS A 18 -8.59 8.99 -6.44
N LEU A 19 -7.35 8.48 -6.42
CA LEU A 19 -6.40 8.71 -7.51
C LEU A 19 -6.88 8.08 -8.82
N GLY A 20 -7.82 7.14 -8.77
CA GLY A 20 -8.26 6.38 -9.93
C GLY A 20 -7.17 5.39 -10.37
N PHE A 21 -6.34 4.94 -9.42
CA PHE A 21 -5.23 4.05 -9.74
C PHE A 21 -5.69 2.60 -9.68
N THR A 22 -5.58 1.88 -10.80
CA THR A 22 -5.74 0.45 -10.76
C THR A 22 -4.62 -0.12 -9.89
N GLN A 23 -4.91 -1.21 -9.18
CA GLN A 23 -3.92 -1.98 -8.47
C GLN A 23 -2.77 -2.40 -9.40
N GLY A 24 -3.06 -2.55 -10.70
CA GLY A 24 -2.02 -2.77 -11.70
C GLY A 24 -1.03 -1.59 -11.73
N ASP A 25 -1.55 -0.35 -11.72
CA ASP A 25 -0.70 0.83 -11.74
C ASP A 25 0.09 0.86 -10.45
N VAL A 26 -0.56 0.64 -9.29
CA VAL A 26 0.16 0.56 -8.03
C VAL A 26 1.30 -0.45 -8.13
N GLY A 27 1.00 -1.68 -8.56
CA GLY A 27 2.01 -2.70 -8.77
C GLY A 27 3.17 -2.21 -9.65
N LEU A 28 2.86 -1.61 -10.79
CA LEU A 28 3.86 -1.12 -11.75
C LEU A 28 4.74 -0.06 -11.11
N ALA A 29 4.10 0.97 -10.58
CA ALA A 29 4.76 2.10 -9.95
C ALA A 29 5.62 1.63 -8.77
N MET A 30 5.10 0.74 -7.93
CA MET A 30 5.86 0.07 -6.88
C MET A 30 7.06 -0.65 -7.50
N GLY A 31 6.83 -1.35 -8.61
CA GLY A 31 7.85 -1.92 -9.48
C GLY A 31 9.00 -0.95 -9.71
N LYS A 32 8.66 0.22 -10.25
CA LYS A 32 9.66 1.26 -10.53
C LYS A 32 10.36 1.74 -9.26
N LEU A 33 9.58 2.14 -8.24
CA LEU A 33 10.14 2.84 -7.08
C LEU A 33 10.89 1.91 -6.11
N TYR A 34 10.44 0.66 -5.94
CA TYR A 34 10.97 -0.27 -4.95
C TYR A 34 11.20 -1.66 -5.57
N GLY A 35 10.13 -2.27 -6.09
CA GLY A 35 10.13 -3.66 -6.54
C GLY A 35 8.69 -4.06 -6.84
N ASN A 36 8.50 -5.04 -7.73
CA ASN A 36 7.20 -5.40 -8.29
C ASN A 36 6.39 -6.22 -7.28
N ASP A 37 5.99 -5.56 -6.20
CA ASP A 37 5.11 -6.04 -5.15
C ASP A 37 3.81 -5.24 -5.24
N PHE A 38 2.78 -5.60 -4.47
CA PHE A 38 1.53 -4.85 -4.37
C PHE A 38 0.67 -4.92 -5.63
N SER A 39 0.91 -5.92 -6.48
CA SER A 39 0.03 -6.24 -7.59
C SER A 39 -1.22 -6.90 -7.03
N GLN A 40 -2.14 -6.07 -6.51
CA GLN A 40 -3.42 -6.43 -5.89
C GLN A 40 -3.22 -7.23 -4.60
N THR A 41 -2.71 -8.44 -4.71
CA THR A 41 -2.38 -9.39 -3.66
C THR A 41 -2.02 -8.70 -2.33
N THR A 42 -0.81 -8.16 -2.26
CA THR A 42 -0.23 -7.57 -1.06
C THR A 42 -1.15 -6.51 -0.46
N ILE A 43 -1.66 -5.61 -1.31
CA ILE A 43 -2.57 -4.53 -0.94
C ILE A 43 -3.83 -5.14 -0.30
N SER A 44 -4.44 -6.12 -0.95
CA SER A 44 -5.62 -6.80 -0.44
C SER A 44 -5.33 -7.39 0.94
N ARG A 45 -4.27 -8.19 1.06
CA ARG A 45 -3.98 -8.86 2.33
C ARG A 45 -3.48 -7.88 3.40
N PHE A 46 -2.94 -6.72 3.01
CA PHE A 46 -2.63 -5.62 3.91
C PHE A 46 -3.92 -5.10 4.52
N GLU A 47 -4.86 -4.69 3.66
CA GLU A 47 -6.19 -4.27 4.12
C GLU A 47 -6.86 -5.34 4.99
N ALA A 48 -6.69 -6.63 4.66
CA ALA A 48 -7.21 -7.74 5.46
C ALA A 48 -6.33 -8.09 6.67
N LEU A 49 -5.24 -7.35 6.89
CA LEU A 49 -4.27 -7.53 7.97
C LEU A 49 -3.77 -8.97 8.15
N ASN A 50 -3.27 -9.56 7.07
CA ASN A 50 -2.57 -10.84 7.13
C ASN A 50 -1.12 -10.66 7.58
N LEU A 51 -0.39 -9.82 6.85
CA LEU A 51 1.06 -9.70 6.93
C LEU A 51 1.59 -9.38 8.33
N SER A 52 0.78 -8.71 9.15
CA SER A 52 1.08 -8.40 10.54
C SER A 52 2.23 -7.39 10.71
N PHE A 53 2.34 -6.85 11.92
CA PHE A 53 3.20 -5.71 12.27
C PHE A 53 4.60 -5.85 11.67
N LYS A 54 5.17 -7.06 11.81
CA LYS A 54 6.45 -7.48 11.27
C LYS A 54 6.75 -6.89 9.89
N ASN A 55 5.79 -6.97 8.97
CA ASN A 55 5.94 -6.44 7.62
C ASN A 55 5.36 -5.04 7.58
N MET A 56 4.15 -4.90 8.13
CA MET A 56 3.35 -3.69 8.03
C MET A 56 4.14 -2.46 8.41
N CYS A 57 4.94 -2.54 9.46
CA CYS A 57 5.66 -1.37 9.93
C CYS A 57 6.69 -0.85 8.92
N LYS A 58 7.13 -1.68 7.98
CA LYS A 58 7.95 -1.25 6.85
C LYS A 58 7.02 -0.84 5.70
N LEU A 59 6.01 -1.67 5.45
CA LEU A 59 5.11 -1.51 4.32
C LEU A 59 4.32 -0.19 4.38
N LYS A 60 3.88 0.21 5.56
CA LYS A 60 3.15 1.46 5.76
C LYS A 60 3.96 2.68 5.29
N PRO A 61 5.15 2.99 5.86
CA PRO A 61 5.95 4.10 5.39
C PRO A 61 6.32 3.94 3.92
N LEU A 62 6.67 2.72 3.48
CA LEU A 62 6.92 2.42 2.07
C LEU A 62 5.76 2.91 1.18
N LEU A 63 4.52 2.53 1.50
CA LEU A 63 3.35 2.99 0.77
C LEU A 63 3.12 4.48 0.94
N GLU A 64 3.35 5.02 2.14
CA GLU A 64 3.19 6.45 2.38
C GLU A 64 4.10 7.23 1.42
N LYS A 65 5.37 6.83 1.31
CA LYS A 65 6.31 7.48 0.42
C LYS A 65 5.97 7.20 -1.04
N TRP A 66 5.49 5.99 -1.38
CA TRP A 66 4.93 5.75 -2.71
C TRP A 66 3.86 6.80 -3.02
N LEU A 67 2.93 7.01 -2.09
CA LEU A 67 1.84 7.96 -2.23
C LEU A 67 2.43 9.35 -2.44
N ASN A 68 3.33 9.76 -1.55
CA ASN A 68 4.01 11.04 -1.62
C ASN A 68 4.63 11.26 -3.01
N ASP A 69 5.32 10.23 -3.54
CA ASP A 69 5.95 10.30 -4.84
C ASP A 69 4.90 10.44 -5.94
N ALA A 70 3.92 9.52 -5.97
CA ALA A 70 2.84 9.52 -6.95
C ALA A 70 2.15 10.89 -6.99
N GLU A 71 1.84 11.43 -5.82
CA GLU A 71 1.37 12.80 -5.66
C GLU A 71 2.53 13.74 -6.03
N ASP A 1 2.00 0.68 14.65
CA ASP A 1 0.97 -0.07 15.36
C ASP A 1 -0.23 -0.35 14.46
N LEU A 2 -0.92 -1.48 14.71
CA LEU A 2 -2.11 -1.89 13.99
C LEU A 2 -3.08 -0.73 13.77
N GLU A 3 -3.32 0.07 14.81
CA GLU A 3 -4.17 1.25 14.76
C GLU A 3 -3.78 2.17 13.60
N GLU A 4 -2.48 2.45 13.45
CA GLU A 4 -1.98 3.27 12.37
C GLU A 4 -2.18 2.52 11.05
N LEU A 5 -1.67 1.29 11.02
CA LEU A 5 -1.62 0.47 9.81
C LEU A 5 -3.00 0.32 9.17
N GLU A 6 -4.03 -0.05 9.93
CA GLU A 6 -5.35 -0.30 9.34
C GLU A 6 -5.88 0.95 8.66
N GLN A 7 -6.06 2.00 9.46
CA GLN A 7 -6.51 3.30 8.99
C GLN A 7 -5.70 3.73 7.77
N PHE A 8 -4.37 3.78 7.92
CA PHE A 8 -3.46 4.11 6.84
C PHE A 8 -3.77 3.28 5.59
N ALA A 9 -3.87 1.96 5.72
CA ALA A 9 -4.06 1.06 4.60
C ALA A 9 -5.38 1.33 3.89
N LYS A 10 -6.49 1.41 4.63
CA LYS A 10 -7.78 1.76 4.06
C LYS A 10 -7.72 3.15 3.42
N THR A 11 -6.87 4.04 3.94
CA THR A 11 -6.72 5.39 3.41
C THR A 11 -5.95 5.32 2.09
N PHE A 12 -4.90 4.51 2.04
CA PHE A 12 -4.16 4.21 0.83
C PHE A 12 -5.15 3.75 -0.24
N LYS A 13 -5.99 2.77 0.08
CA LYS A 13 -7.04 2.32 -0.83
C LYS A 13 -7.93 3.47 -1.30
N GLN A 14 -8.51 4.24 -0.38
CA GLN A 14 -9.39 5.34 -0.75
C GLN A 14 -8.70 6.32 -1.70
N ARG A 15 -7.53 6.85 -1.30
CA ARG A 15 -6.81 7.80 -2.13
C ARG A 15 -6.42 7.18 -3.47
N ARG A 16 -5.88 5.96 -3.45
CA ARG A 16 -5.56 5.18 -4.64
C ARG A 16 -6.73 5.18 -5.63
N ILE A 17 -7.92 4.82 -5.14
CA ILE A 17 -9.14 4.81 -5.93
C ILE A 17 -9.43 6.22 -6.46
N LYS A 18 -9.45 7.24 -5.59
CA LYS A 18 -9.71 8.60 -6.03
C LYS A 18 -8.73 9.07 -7.12
N LEU A 19 -7.44 8.71 -6.98
CA LEU A 19 -6.41 9.01 -7.97
C LEU A 19 -6.59 8.19 -9.25
N GLY A 20 -7.41 7.13 -9.21
CA GLY A 20 -7.63 6.23 -10.33
C GLY A 20 -6.45 5.30 -10.56
N PHE A 21 -5.60 5.11 -9.55
CA PHE A 21 -4.46 4.21 -9.68
C PHE A 21 -4.91 2.80 -9.34
N THR A 22 -5.27 2.04 -10.38
CA THR A 22 -5.81 0.71 -10.20
C THR A 22 -4.79 -0.19 -9.50
N GLN A 23 -5.28 -1.24 -8.85
CA GLN A 23 -4.48 -2.24 -8.15
C GLN A 23 -3.79 -3.09 -9.20
N GLY A 24 -2.76 -2.50 -9.80
CA GLY A 24 -2.05 -2.94 -10.99
C GLY A 24 -1.17 -1.80 -11.43
N ASP A 25 -1.74 -0.60 -11.57
CA ASP A 25 -0.95 0.61 -11.76
C ASP A 25 -0.08 0.80 -10.52
N VAL A 26 -0.68 0.65 -9.33
CA VAL A 26 0.10 0.64 -8.10
C VAL A 26 1.22 -0.39 -8.22
N GLY A 27 0.90 -1.65 -8.52
CA GLY A 27 1.91 -2.70 -8.70
C GLY A 27 3.07 -2.24 -9.58
N LEU A 28 2.76 -1.66 -10.74
CA LEU A 28 3.75 -1.15 -11.68
C LEU A 28 4.60 -0.06 -11.04
N ALA A 29 3.95 0.96 -10.50
CA ALA A 29 4.60 2.13 -9.91
C ALA A 29 5.51 1.73 -8.73
N MET A 30 4.98 0.92 -7.81
CA MET A 30 5.72 0.25 -6.74
C MET A 30 6.93 -0.48 -7.35
N GLY A 31 6.69 -1.20 -8.43
CA GLY A 31 7.70 -1.79 -9.29
C GLY A 31 8.82 -0.79 -9.61
N LYS A 32 8.46 0.34 -10.20
CA LYS A 32 9.43 1.39 -10.55
C LYS A 32 10.18 1.89 -9.31
N LEU A 33 9.47 2.25 -8.24
CA LEU A 33 10.11 2.84 -7.06
C LEU A 33 11.04 1.83 -6.37
N TYR A 34 10.53 0.62 -6.11
CA TYR A 34 11.19 -0.37 -5.27
C TYR A 34 11.22 -1.74 -5.93
N GLY A 35 10.04 -2.25 -6.33
CA GLY A 35 9.83 -3.61 -6.77
C GLY A 35 8.35 -3.97 -6.57
N ASN A 36 7.76 -4.72 -7.51
CA ASN A 36 6.33 -5.00 -7.46
C ASN A 36 6.07 -6.14 -6.48
N ASP A 37 6.16 -5.82 -5.19
CA ASP A 37 5.69 -6.69 -4.13
C ASP A 37 4.30 -6.24 -3.68
N PHE A 38 3.53 -5.60 -4.58
CA PHE A 38 2.30 -4.90 -4.22
C PHE A 38 1.26 -5.10 -5.31
N SER A 39 1.17 -6.33 -5.81
CA SER A 39 0.08 -6.72 -6.68
C SER A 39 -1.13 -7.00 -5.79
N GLN A 40 -2.28 -7.25 -6.43
CA GLN A 40 -3.57 -7.38 -5.75
C GLN A 40 -3.48 -8.28 -4.51
N THR A 41 -2.80 -9.42 -4.64
CA THR A 41 -2.53 -10.34 -3.56
C THR A 41 -1.96 -9.64 -2.32
N THR A 42 -0.75 -9.09 -2.43
CA THR A 42 -0.03 -8.50 -1.32
C THR A 42 -0.69 -7.21 -0.84
N ILE A 43 -1.17 -6.37 -1.76
CA ILE A 43 -1.87 -5.15 -1.38
C ILE A 43 -3.13 -5.49 -0.58
N SER A 44 -3.90 -6.47 -1.04
CA SER A 44 -5.00 -7.01 -0.24
C SER A 44 -4.49 -7.54 1.11
N ARG A 45 -3.39 -8.30 1.10
CA ARG A 45 -2.77 -8.83 2.32
C ARG A 45 -2.49 -7.71 3.34
N PHE A 46 -2.02 -6.57 2.85
CA PHE A 46 -1.78 -5.37 3.65
C PHE A 46 -3.10 -4.80 4.17
N GLU A 47 -4.00 -4.43 3.27
CA GLU A 47 -5.26 -3.80 3.65
C GLU A 47 -6.15 -4.71 4.52
N ALA A 48 -6.02 -6.03 4.39
CA ALA A 48 -6.69 -7.00 5.27
C ALA A 48 -5.84 -7.35 6.49
N LEU A 49 -4.73 -6.64 6.71
CA LEU A 49 -3.77 -6.83 7.79
C LEU A 49 -3.43 -8.29 8.03
N ASN A 50 -3.35 -9.08 6.96
CA ASN A 50 -3.01 -10.49 7.06
C ASN A 50 -1.50 -10.57 7.30
N LEU A 51 -0.77 -9.62 6.73
CA LEU A 51 0.64 -9.40 7.03
C LEU A 51 0.88 -9.12 8.53
N SER A 52 -0.18 -8.82 9.30
CA SER A 52 -0.18 -8.75 10.75
C SER A 52 0.55 -7.53 11.32
N PHE A 53 1.87 -7.46 11.14
CA PHE A 53 2.69 -6.34 11.62
C PHE A 53 4.10 -6.42 11.02
N LYS A 54 4.73 -7.58 11.18
CA LYS A 54 6.12 -7.88 10.82
C LYS A 54 6.56 -7.20 9.52
N ASN A 55 5.85 -7.47 8.42
CA ASN A 55 6.15 -6.88 7.12
C ASN A 55 5.56 -5.47 7.03
N MET A 56 4.31 -5.37 7.50
CA MET A 56 3.52 -4.15 7.49
C MET A 56 4.32 -2.92 7.92
N CYS A 57 5.14 -3.07 8.96
CA CYS A 57 5.91 -1.95 9.49
C CYS A 57 6.91 -1.37 8.48
N LYS A 58 7.31 -2.14 7.47
CA LYS A 58 8.09 -1.65 6.32
C LYS A 58 7.13 -1.21 5.20
N LEU A 59 6.15 -2.07 4.92
CA LEU A 59 5.09 -1.87 3.94
C LEU A 59 4.52 -0.44 4.05
N LYS A 60 4.12 -0.03 5.25
CA LYS A 60 3.45 1.25 5.48
C LYS A 60 4.34 2.44 5.08
N PRO A 61 5.55 2.63 5.64
CA PRO A 61 6.49 3.62 5.15
C PRO A 61 6.59 3.62 3.62
N LEU A 62 6.77 2.44 3.02
CA LEU A 62 7.05 2.33 1.59
C LEU A 62 5.85 2.93 0.85
N LEU A 63 4.64 2.50 1.22
CA LEU A 63 3.41 3.01 0.63
C LEU A 63 3.20 4.48 0.95
N GLU A 64 3.58 4.94 2.14
CA GLU A 64 3.42 6.34 2.54
C GLU A 64 4.26 7.20 1.59
N LYS A 65 5.53 6.81 1.38
CA LYS A 65 6.38 7.47 0.40
C LYS A 65 5.75 7.39 -0.99
N TRP A 66 5.26 6.22 -1.40
CA TRP A 66 4.56 6.10 -2.68
C TRP A 66 3.43 7.14 -2.78
N LEU A 67 2.58 7.22 -1.75
CA LEU A 67 1.38 8.05 -1.78
C LEU A 67 1.78 9.52 -1.84
N ASN A 68 2.78 9.92 -1.06
CA ASN A 68 3.38 11.24 -1.17
C ASN A 68 3.81 11.51 -2.61
N ASP A 69 4.69 10.64 -3.13
CA ASP A 69 5.32 10.85 -4.42
C ASP A 69 4.28 10.93 -5.53
N ALA A 70 3.32 10.00 -5.53
CA ALA A 70 2.20 9.95 -6.46
C ALA A 70 0.98 10.71 -5.93
N GLU A 71 1.19 11.77 -5.14
CA GLU A 71 0.12 12.56 -4.55
C GLU A 71 -0.89 11.65 -3.85
N ASP A 1 3.30 1.26 15.43
CA ASP A 1 2.34 2.27 15.03
C ASP A 1 1.01 1.65 14.61
N LEU A 2 0.69 0.48 15.19
CA LEU A 2 -0.42 -0.39 14.79
C LEU A 2 -1.69 0.43 14.51
N GLU A 3 -2.10 1.24 15.48
CA GLU A 3 -3.29 2.08 15.41
C GLU A 3 -3.30 2.91 14.11
N GLU A 4 -2.18 3.55 13.79
CA GLU A 4 -2.04 4.35 12.59
C GLU A 4 -2.06 3.43 11.37
N LEU A 5 -1.33 2.32 11.46
CA LEU A 5 -1.23 1.28 10.45
C LEU A 5 -2.61 0.82 9.95
N GLU A 6 -3.52 0.45 10.86
CA GLU A 6 -4.82 -0.10 10.43
C GLU A 6 -5.54 0.93 9.56
N GLN A 7 -5.73 2.11 10.16
CA GLN A 7 -6.39 3.25 9.53
C GLN A 7 -5.72 3.53 8.18
N PHE A 8 -4.41 3.70 8.18
CA PHE A 8 -3.59 3.93 7.00
C PHE A 8 -3.88 2.88 5.92
N ALA A 9 -3.79 1.60 6.26
CA ALA A 9 -3.97 0.52 5.30
C ALA A 9 -5.34 0.61 4.64
N LYS A 10 -6.39 0.77 5.45
CA LYS A 10 -7.75 0.95 4.94
C LYS A 10 -7.88 2.23 4.10
N THR A 11 -7.19 3.29 4.53
CA THR A 11 -7.16 4.55 3.80
C THR A 11 -6.45 4.36 2.46
N PHE A 12 -5.41 3.53 2.40
CA PHE A 12 -4.61 3.35 1.20
C PHE A 12 -5.48 2.94 0.02
N LYS A 13 -6.39 1.97 0.19
CA LYS A 13 -7.29 1.63 -0.91
C LYS A 13 -8.12 2.83 -1.35
N GLN A 14 -8.74 3.54 -0.39
CA GLN A 14 -9.60 4.67 -0.70
C GLN A 14 -8.81 5.75 -1.45
N ARG A 15 -7.62 6.08 -0.95
CA ARG A 15 -6.75 7.08 -1.56
C ARG A 15 -6.32 6.64 -2.96
N ARG A 16 -5.92 5.37 -3.10
CA ARG A 16 -5.60 4.78 -4.40
C ARG A 16 -6.77 4.95 -5.37
N ILE A 17 -7.99 4.63 -4.93
CA ILE A 17 -9.20 4.80 -5.73
C ILE A 17 -9.40 6.28 -6.06
N LYS A 18 -9.15 7.19 -5.11
CA LYS A 18 -9.22 8.62 -5.37
C LYS A 18 -8.22 9.05 -6.45
N LEU A 19 -6.98 8.56 -6.40
CA LEU A 19 -6.03 8.76 -7.50
C LEU A 19 -6.57 8.13 -8.79
N GLY A 20 -7.22 6.98 -8.66
CA GLY A 20 -7.79 6.23 -9.77
C GLY A 20 -6.75 5.28 -10.35
N PHE A 21 -5.88 4.72 -9.49
CA PHE A 21 -4.85 3.79 -9.92
C PHE A 21 -5.25 2.37 -9.55
N THR A 22 -5.17 1.46 -10.52
CA THR A 22 -5.60 0.10 -10.36
C THR A 22 -4.62 -0.68 -9.48
N GLN A 23 -5.09 -1.79 -8.92
CA GLN A 23 -4.24 -2.79 -8.27
C GLN A 23 -3.48 -3.54 -9.37
N GLY A 24 -2.58 -2.80 -10.02
CA GLY A 24 -1.87 -3.16 -11.23
C GLY A 24 -1.03 -1.96 -11.63
N ASP A 25 -1.67 -0.81 -11.83
CA ASP A 25 -0.95 0.46 -11.99
C ASP A 25 -0.08 0.71 -10.75
N VAL A 26 -0.68 0.60 -9.56
CA VAL A 26 0.08 0.70 -8.33
C VAL A 26 1.22 -0.31 -8.33
N GLY A 27 0.95 -1.53 -8.77
CA GLY A 27 1.97 -2.56 -8.91
C GLY A 27 3.14 -2.07 -9.76
N LEU A 28 2.86 -1.54 -10.95
CA LEU A 28 3.87 -1.04 -11.88
C LEU A 28 4.69 0.07 -11.22
N ALA A 29 3.97 1.07 -10.70
CA ALA A 29 4.57 2.22 -10.03
C ALA A 29 5.48 1.75 -8.90
N MET A 30 5.01 0.84 -8.05
CA MET A 30 5.80 0.25 -6.99
C MET A 30 7.01 -0.46 -7.58
N GLY A 31 6.80 -1.23 -8.65
CA GLY A 31 7.86 -1.82 -9.47
C GLY A 31 8.96 -0.80 -9.76
N LYS A 32 8.58 0.36 -10.29
CA LYS A 32 9.52 1.41 -10.62
C LYS A 32 10.24 1.93 -9.37
N LEU A 33 9.49 2.30 -8.33
CA LEU A 33 10.06 3.01 -7.18
C LEU A 33 10.76 2.10 -6.16
N TYR A 34 10.40 0.82 -6.08
CA TYR A 34 10.93 -0.13 -5.10
C TYR A 34 11.09 -1.52 -5.73
N GLY A 35 9.98 -2.09 -6.19
CA GLY A 35 9.83 -3.46 -6.63
C GLY A 35 8.36 -3.84 -6.44
N ASN A 36 7.76 -4.57 -7.38
CA ASN A 36 6.32 -4.80 -7.38
C ASN A 36 5.97 -5.94 -6.43
N ASP A 37 6.11 -5.69 -5.13
CA ASP A 37 5.63 -6.59 -4.09
C ASP A 37 4.22 -6.19 -3.65
N PHE A 38 3.38 -5.70 -4.57
CA PHE A 38 2.12 -5.04 -4.22
C PHE A 38 0.97 -5.54 -5.09
N SER A 39 1.18 -5.48 -6.42
CA SER A 39 0.27 -5.89 -7.48
C SER A 39 -1.20 -5.76 -7.07
N GLN A 40 -1.79 -6.88 -6.65
CA GLN A 40 -3.12 -6.98 -6.09
C GLN A 40 -3.02 -7.66 -4.73
N THR A 41 -2.52 -8.89 -4.72
CA THR A 41 -2.58 -9.79 -3.60
C THR A 41 -2.01 -9.18 -2.32
N THR A 42 -0.74 -8.76 -2.33
CA THR A 42 -0.11 -8.21 -1.14
C THR A 42 -0.80 -6.91 -0.69
N ILE A 43 -1.18 -6.03 -1.60
CA ILE A 43 -1.96 -4.85 -1.25
C ILE A 43 -3.27 -5.24 -0.56
N SER A 44 -4.00 -6.19 -1.12
CA SER A 44 -5.25 -6.63 -0.55
C SER A 44 -5.03 -7.25 0.83
N ARG A 45 -4.02 -8.12 0.97
CA ARG A 45 -3.64 -8.71 2.25
C ARG A 45 -3.23 -7.63 3.27
N PHE A 46 -2.52 -6.60 2.82
CA PHE A 46 -2.14 -5.48 3.68
C PHE A 46 -3.37 -4.79 4.22
N GLU A 47 -4.25 -4.37 3.31
CA GLU A 47 -5.48 -3.70 3.69
C GLU A 47 -6.36 -4.58 4.58
N ALA A 48 -6.43 -5.89 4.30
CA ALA A 48 -7.10 -6.86 5.14
C ALA A 48 -6.32 -7.15 6.43
N LEU A 49 -5.13 -6.59 6.58
CA LEU A 49 -4.27 -6.67 7.74
C LEU A 49 -3.91 -8.11 8.08
N ASN A 50 -3.61 -8.90 7.04
CA ASN A 50 -3.19 -10.29 7.16
C ASN A 50 -1.72 -10.41 7.54
N LEU A 51 -0.88 -9.46 7.11
CA LEU A 51 0.58 -9.55 7.17
C LEU A 51 1.19 -9.39 8.57
N SER A 52 0.47 -9.79 9.63
CA SER A 52 0.84 -9.70 11.05
C SER A 52 1.20 -8.27 11.49
N PHE A 53 2.42 -7.86 11.19
CA PHE A 53 3.04 -6.58 11.55
C PHE A 53 4.42 -6.49 10.89
N LYS A 54 5.14 -7.61 10.86
CA LYS A 54 6.52 -7.70 10.37
C LYS A 54 6.73 -6.94 9.06
N ASN A 55 5.89 -7.23 8.06
CA ASN A 55 5.98 -6.55 6.77
C ASN A 55 5.38 -5.16 6.91
N MET A 56 4.20 -5.09 7.53
CA MET A 56 3.42 -3.87 7.73
C MET A 56 4.29 -2.68 8.10
N CYS A 57 5.19 -2.88 9.06
CA CYS A 57 6.02 -1.78 9.56
C CYS A 57 6.90 -1.16 8.48
N LYS A 58 7.28 -1.92 7.45
CA LYS A 58 7.93 -1.39 6.26
C LYS A 58 6.83 -0.86 5.33
N LEU A 59 5.83 -1.70 5.07
CA LEU A 59 4.72 -1.49 4.16
C LEU A 59 4.11 -0.09 4.34
N LYS A 60 3.87 0.34 5.58
CA LYS A 60 3.20 1.61 5.87
C LYS A 60 4.02 2.81 5.38
N PRO A 61 5.22 3.08 5.92
CA PRO A 61 6.05 4.16 5.43
C PRO A 61 6.35 3.99 3.94
N LEU A 62 6.56 2.75 3.48
CA LEU A 62 6.77 2.44 2.07
C LEU A 62 5.64 3.02 1.21
N LEU A 63 4.39 2.65 1.50
CA LEU A 63 3.25 3.12 0.75
C LEU A 63 3.03 4.61 0.98
N GLU A 64 3.29 5.12 2.18
CA GLU A 64 3.18 6.55 2.44
C GLU A 64 4.11 7.33 1.51
N LYS A 65 5.38 6.92 1.42
CA LYS A 65 6.37 7.59 0.60
C LYS A 65 6.01 7.41 -0.88
N TRP A 66 5.58 6.21 -1.27
CA TRP A 66 5.02 5.99 -2.60
C TRP A 66 3.90 6.99 -2.88
N LEU A 67 2.97 7.17 -1.94
CA LEU A 67 1.81 8.03 -2.09
C LEU A 67 2.30 9.46 -2.32
N ASN A 68 3.14 9.95 -1.42
CA ASN A 68 3.79 11.27 -1.55
C ASN A 68 4.34 11.45 -2.96
N ASP A 69 5.15 10.50 -3.41
CA ASP A 69 5.79 10.58 -4.72
C ASP A 69 4.75 10.60 -5.84
N ALA A 70 3.75 9.71 -5.76
CA ALA A 70 2.73 9.56 -6.77
C ALA A 70 1.88 10.82 -6.90
N GLU A 71 1.36 11.34 -5.77
CA GLU A 71 0.49 12.50 -5.78
C GLU A 71 1.32 13.78 -5.97
#